data_3RMI
# 
_entry.id   3RMI 
# 
_audit_conform.dict_name       mmcif_pdbx.dic 
_audit_conform.dict_version    5.379 
_audit_conform.dict_location   http://mmcif.pdb.org/dictionaries/ascii/mmcif_pdbx.dic 
# 
loop_
_database_2.database_id 
_database_2.database_code 
_database_2.pdbx_database_accession 
_database_2.pdbx_DOI 
PDB   3RMI         pdb_00003rmi 10.2210/pdb3rmi/pdb 
RCSB  RCSB065114   ?            ?                   
WWPDB D_1000065114 ?            ?                   
# 
_pdbx_database_related.db_name        TargetDB 
_pdbx_database_related.db_id          BaheA.00146.a 
_pdbx_database_related.details        . 
_pdbx_database_related.content_type   unspecified 
# 
_pdbx_database_status.entry_id                        3RMI 
_pdbx_database_status.deposit_site                    RCSB 
_pdbx_database_status.process_site                    RCSB 
_pdbx_database_status.recvd_initial_deposition_date   2011-04-20 
_pdbx_database_status.status_code                     REL 
_pdbx_database_status.status_code_sf                  REL 
_pdbx_database_status.status_code_mr                  ? 
_pdbx_database_status.SG_entry                        Y 
_pdbx_database_status.status_code_cs                  ? 
_pdbx_database_status.pdb_format_compatible           Y 
_pdbx_database_status.status_code_nmr_data            ? 
_pdbx_database_status.methods_development_category    ? 
# 
_audit_author.name           'Seattle Structural Genomics Center for Infectious Disease (SSGCID)' 
_audit_author.pdbx_ordinal   1 
# 
_citation.id                        primary 
_citation.title                     
'Crystal structure of Chorismate mutase from Bartonella henselae str. Houston-1 in complex with malate' 
_citation.journal_abbrev            'To be Published' 
_citation.journal_volume            ? 
_citation.page_first                ? 
_citation.page_last                 ? 
_citation.year                      ? 
_citation.journal_id_ASTM           ? 
_citation.country                   ? 
_citation.journal_id_ISSN           ? 
_citation.journal_id_CSD            0353 
_citation.book_publisher            ? 
_citation.pdbx_database_id_PubMed   ? 
_citation.pdbx_database_id_DOI      ? 
# 
loop_
_citation_author.citation_id 
_citation_author.name 
_citation_author.ordinal 
_citation_author.identifier_ORCID 
primary 'Gardberg, A.' 1 ? 
primary 'Edwards, T.'  2 ? 
primary 'Staker, B.'   3 ? 
primary 'Stewart, L.'  4 ? 
# 
_cell.entry_id           3RMI 
_cell.length_a           71.320 
_cell.length_b           71.320 
_cell.length_c           145.840 
_cell.angle_alpha        90.000 
_cell.angle_beta         90.000 
_cell.angle_gamma        120.000 
_cell.pdbx_unique_axis   ? 
_cell.Z_PDB              12 
_cell.length_a_esd       ? 
_cell.length_b_esd       ? 
_cell.length_c_esd       ? 
_cell.angle_alpha_esd    ? 
_cell.angle_beta_esd     ? 
_cell.angle_gamma_esd    ? 
# 
_symmetry.entry_id                         3RMI 
_symmetry.space_group_name_H-M             'P 62 2 2' 
_symmetry.Int_Tables_number                180 
_symmetry.pdbx_full_space_group_name_H-M   ? 
_symmetry.cell_setting                     ? 
_symmetry.space_group_name_Hall            ? 
# 
loop_
_entity.id 
_entity.type 
_entity.src_method 
_entity.pdbx_description 
_entity.formula_weight 
_entity.pdbx_number_of_molecules 
_entity.pdbx_ec 
_entity.pdbx_mutation 
_entity.pdbx_fragment 
_entity.details 
1 polymer     man 'Chorismate mutase protein' 13456.607 1  5.4.99.5 ? ? ? 
2 non-polymer syn 1,2-ETHANEDIOL              62.068    1  ?        ? ? ? 
3 non-polymer syn GLYCEROL                    92.094    1  ?        ? ? ? 
4 non-polymer syn D-MALATE                    134.087   1  ?        ? ? ? 
5 water       nat water                       18.015    23 ?        ? ? ? 
# 
_entity_poly.entity_id                      1 
_entity_poly.type                           'polypeptide(L)' 
_entity_poly.nstd_linkage                   no 
_entity_poly.nstd_monomer                   no 
_entity_poly.pdbx_seq_one_letter_code       
;GPGSMMQEKILSELAYLRQSIDNFDITLIHILAERFRCTQAIGRLKARYNLPAVDPLREQYQIKRLRKLAIDTHFDPDFA
EKFLKFIIKEVVHQHEVIAEKQKIKKENLNESQN
;
_entity_poly.pdbx_seq_one_letter_code_can   
;GPGSMMQEKILSELAYLRQSIDNFDITLIHILAERFRCTQAIGRLKARYNLPAVDPLREQYQIKRLRKLAIDTHFDPDFA
EKFLKFIIKEVVHQHEVIAEKQKIKKENLNESQN
;
_entity_poly.pdbx_strand_id                 A 
_entity_poly.pdbx_target_identifier         BaheA.00146.a 
# 
loop_
_entity_poly_seq.entity_id 
_entity_poly_seq.num 
_entity_poly_seq.mon_id 
_entity_poly_seq.hetero 
1 1   GLY n 
1 2   PRO n 
1 3   GLY n 
1 4   SER n 
1 5   MET n 
1 6   MET n 
1 7   GLN n 
1 8   GLU n 
1 9   LYS n 
1 10  ILE n 
1 11  LEU n 
1 12  SER n 
1 13  GLU n 
1 14  LEU n 
1 15  ALA n 
1 16  TYR n 
1 17  LEU n 
1 18  ARG n 
1 19  GLN n 
1 20  SER n 
1 21  ILE n 
1 22  ASP n 
1 23  ASN n 
1 24  PHE n 
1 25  ASP n 
1 26  ILE n 
1 27  THR n 
1 28  LEU n 
1 29  ILE n 
1 30  HIS n 
1 31  ILE n 
1 32  LEU n 
1 33  ALA n 
1 34  GLU n 
1 35  ARG n 
1 36  PHE n 
1 37  ARG n 
1 38  CYS n 
1 39  THR n 
1 40  GLN n 
1 41  ALA n 
1 42  ILE n 
1 43  GLY n 
1 44  ARG n 
1 45  LEU n 
1 46  LYS n 
1 47  ALA n 
1 48  ARG n 
1 49  TYR n 
1 50  ASN n 
1 51  LEU n 
1 52  PRO n 
1 53  ALA n 
1 54  VAL n 
1 55  ASP n 
1 56  PRO n 
1 57  LEU n 
1 58  ARG n 
1 59  GLU n 
1 60  GLN n 
1 61  TYR n 
1 62  GLN n 
1 63  ILE n 
1 64  LYS n 
1 65  ARG n 
1 66  LEU n 
1 67  ARG n 
1 68  LYS n 
1 69  LEU n 
1 70  ALA n 
1 71  ILE n 
1 72  ASP n 
1 73  THR n 
1 74  HIS n 
1 75  PHE n 
1 76  ASP n 
1 77  PRO n 
1 78  ASP n 
1 79  PHE n 
1 80  ALA n 
1 81  GLU n 
1 82  LYS n 
1 83  PHE n 
1 84  LEU n 
1 85  LYS n 
1 86  PHE n 
1 87  ILE n 
1 88  ILE n 
1 89  LYS n 
1 90  GLU n 
1 91  VAL n 
1 92  VAL n 
1 93  HIS n 
1 94  GLN n 
1 95  HIS n 
1 96  GLU n 
1 97  VAL n 
1 98  ILE n 
1 99  ALA n 
1 100 GLU n 
1 101 LYS n 
1 102 GLN n 
1 103 LYS n 
1 104 ILE n 
1 105 LYS n 
1 106 LYS n 
1 107 GLU n 
1 108 ASN n 
1 109 LEU n 
1 110 ASN n 
1 111 GLU n 
1 112 SER n 
1 113 GLN n 
1 114 ASN n 
# 
_entity_src_gen.entity_id                          1 
_entity_src_gen.pdbx_src_id                        1 
_entity_src_gen.pdbx_alt_source_flag               sample 
_entity_src_gen.pdbx_seq_type                      ? 
_entity_src_gen.pdbx_beg_seq_num                   ? 
_entity_src_gen.pdbx_end_seq_num                   ? 
_entity_src_gen.gene_src_common_name               ? 
_entity_src_gen.gene_src_genus                     ? 
_entity_src_gen.pdbx_gene_src_gene                 'tyrA, BH16030' 
_entity_src_gen.gene_src_species                   ? 
_entity_src_gen.gene_src_strain                    Houston-1 
_entity_src_gen.gene_src_tissue                    ? 
_entity_src_gen.gene_src_tissue_fraction           ? 
_entity_src_gen.gene_src_details                   ? 
_entity_src_gen.pdbx_gene_src_fragment             ? 
_entity_src_gen.pdbx_gene_src_scientific_name      'Bartonella henselae' 
_entity_src_gen.pdbx_gene_src_ncbi_taxonomy_id     283166 
_entity_src_gen.pdbx_gene_src_variant              ? 
_entity_src_gen.pdbx_gene_src_cell_line            ? 
_entity_src_gen.pdbx_gene_src_atcc                 ? 
_entity_src_gen.pdbx_gene_src_organ                ? 
_entity_src_gen.pdbx_gene_src_organelle            ? 
_entity_src_gen.pdbx_gene_src_cell                 ? 
_entity_src_gen.pdbx_gene_src_cellular_location    ? 
_entity_src_gen.host_org_common_name               ? 
_entity_src_gen.pdbx_host_org_scientific_name      'Escherichia coli' 
_entity_src_gen.pdbx_host_org_ncbi_taxonomy_id     469008 
_entity_src_gen.host_org_genus                     ? 
_entity_src_gen.pdbx_host_org_gene                 ? 
_entity_src_gen.pdbx_host_org_organ                ? 
_entity_src_gen.host_org_species                   ? 
_entity_src_gen.pdbx_host_org_tissue               ? 
_entity_src_gen.pdbx_host_org_tissue_fraction      ? 
_entity_src_gen.pdbx_host_org_strain               'BL21(DE3)' 
_entity_src_gen.pdbx_host_org_variant              ? 
_entity_src_gen.pdbx_host_org_cell_line            ? 
_entity_src_gen.pdbx_host_org_atcc                 ? 
_entity_src_gen.pdbx_host_org_culture_collection   ? 
_entity_src_gen.pdbx_host_org_cell                 ? 
_entity_src_gen.pdbx_host_org_organelle            ? 
_entity_src_gen.pdbx_host_org_cellular_location    ? 
_entity_src_gen.pdbx_host_org_vector_type          plasmid 
_entity_src_gen.pdbx_host_org_vector               ? 
_entity_src_gen.host_org_details                   ? 
_entity_src_gen.expression_system_id               ? 
_entity_src_gen.plasmid_name                       AVA0421 
_entity_src_gen.plasmid_details                    ? 
_entity_src_gen.pdbx_description                   ? 
# 
_struct_ref.id                         1 
_struct_ref.db_name                    UNP 
_struct_ref.db_code                    Q6G5B4_BARHE 
_struct_ref.pdbx_db_accession          Q6G5B4 
_struct_ref.entity_id                  1 
_struct_ref.pdbx_seq_one_letter_code   
;MMQEKILSELAYLRQSIDNFDITLIHILAERFRCTQAIGRLKARYNLPAVDPLREQYQIKRLRKLAIDTHFDPDFAEKFL
KFIIKEVVHQHEVIAEKQKIKKENLNESQN
;
_struct_ref.pdbx_align_begin           1 
_struct_ref.pdbx_db_isoform            ? 
# 
_struct_ref_seq.align_id                      1 
_struct_ref_seq.ref_id                        1 
_struct_ref_seq.pdbx_PDB_id_code              3RMI 
_struct_ref_seq.pdbx_strand_id                A 
_struct_ref_seq.seq_align_beg                 5 
_struct_ref_seq.pdbx_seq_align_beg_ins_code   ? 
_struct_ref_seq.seq_align_end                 114 
_struct_ref_seq.pdbx_seq_align_end_ins_code   ? 
_struct_ref_seq.pdbx_db_accession             Q6G5B4 
_struct_ref_seq.db_align_beg                  1 
_struct_ref_seq.pdbx_db_align_beg_ins_code    ? 
_struct_ref_seq.db_align_end                  110 
_struct_ref_seq.pdbx_db_align_end_ins_code    ? 
_struct_ref_seq.pdbx_auth_seq_align_beg       1 
_struct_ref_seq.pdbx_auth_seq_align_end       110 
# 
loop_
_struct_ref_seq_dif.align_id 
_struct_ref_seq_dif.pdbx_pdb_id_code 
_struct_ref_seq_dif.mon_id 
_struct_ref_seq_dif.pdbx_pdb_strand_id 
_struct_ref_seq_dif.seq_num 
_struct_ref_seq_dif.pdbx_pdb_ins_code 
_struct_ref_seq_dif.pdbx_seq_db_name 
_struct_ref_seq_dif.pdbx_seq_db_accession_code 
_struct_ref_seq_dif.db_mon_id 
_struct_ref_seq_dif.pdbx_seq_db_seq_num 
_struct_ref_seq_dif.details 
_struct_ref_seq_dif.pdbx_auth_seq_num 
_struct_ref_seq_dif.pdbx_ordinal 
1 3RMI GLY A 1 ? UNP Q6G5B4 ? ? 'expression tag' -3 1 
1 3RMI PRO A 2 ? UNP Q6G5B4 ? ? 'expression tag' -2 2 
1 3RMI GLY A 3 ? UNP Q6G5B4 ? ? 'expression tag' -1 3 
1 3RMI SER A 4 ? UNP Q6G5B4 ? ? 'expression tag' 0  4 
# 
loop_
_chem_comp.id 
_chem_comp.type 
_chem_comp.mon_nstd_flag 
_chem_comp.name 
_chem_comp.pdbx_synonyms 
_chem_comp.formula 
_chem_comp.formula_weight 
ALA 'L-peptide linking' y ALANINE         ?                                                         'C3 H7 N O2'     89.093  
ARG 'L-peptide linking' y ARGININE        ?                                                         'C6 H15 N4 O2 1' 175.209 
ASN 'L-peptide linking' y ASPARAGINE      ?                                                         'C4 H8 N2 O3'    132.118 
ASP 'L-peptide linking' y 'ASPARTIC ACID' ?                                                         'C4 H7 N O4'     133.103 
CYS 'L-peptide linking' y CYSTEINE        ?                                                         'C3 H7 N O2 S'   121.158 
EDO non-polymer         . 1,2-ETHANEDIOL  'ETHYLENE GLYCOL'                                         'C2 H6 O2'       62.068  
GLN 'L-peptide linking' y GLUTAMINE       ?                                                         'C5 H10 N2 O3'   146.144 
GLU 'L-peptide linking' y 'GLUTAMIC ACID' ?                                                         'C5 H9 N O4'     147.129 
GLY 'peptide linking'   y GLYCINE         ?                                                         'C2 H5 N O2'     75.067  
GOL non-polymer         . GLYCEROL        'GLYCERIN; PROPANE-1,2,3-TRIOL'                           'C3 H8 O3'       92.094  
HIS 'L-peptide linking' y HISTIDINE       ?                                                         'C6 H10 N3 O2 1' 156.162 
HOH non-polymer         . WATER           ?                                                         'H2 O'           18.015  
ILE 'L-peptide linking' y ISOLEUCINE      ?                                                         'C6 H13 N O2'    131.173 
LEU 'L-peptide linking' y LEUCINE         ?                                                         'C6 H13 N O2'    131.173 
LYS 'L-peptide linking' y LYSINE          ?                                                         'C6 H15 N2 O2 1' 147.195 
MET 'L-peptide linking' y METHIONINE      ?                                                         'C5 H11 N O2 S'  149.211 
MLT non-polymer         . D-MALATE        '(2R)-2-HYDROXYBUTANEDIOIC ACID; 2-HYDROXY-SUCCINIC ACID' 'C4 H6 O5'       134.087 
PHE 'L-peptide linking' y PHENYLALANINE   ?                                                         'C9 H11 N O2'    165.189 
PRO 'L-peptide linking' y PROLINE         ?                                                         'C5 H9 N O2'     115.130 
SER 'L-peptide linking' y SERINE          ?                                                         'C3 H7 N O3'     105.093 
THR 'L-peptide linking' y THREONINE       ?                                                         'C4 H9 N O3'     119.119 
TYR 'L-peptide linking' y TYROSINE        ?                                                         'C9 H11 N O3'    181.189 
VAL 'L-peptide linking' y VALINE          ?                                                         'C5 H11 N O2'    117.146 
# 
_exptl.crystals_number   1 
_exptl.entry_id          3RMI 
_exptl.method            'X-RAY DIFFRACTION' 
# 
_exptl_crystal.id                    1 
_exptl_crystal.density_percent_sol   43.2 
_exptl_crystal.density_Matthews      2.16 
_exptl_crystal.density_meas          ? 
_exptl_crystal.description           ? 
_exptl_crystal.F_000                 ? 
_exptl_crystal.preparation           ? 
# 
_exptl_crystal_grow.crystal_id      1 
_exptl_crystal_grow.method          'VAPOR DIFFUSION, SITTING DROP' 
_exptl_crystal_grow.pH              7.0 
_exptl_crystal_grow.temp            290 
_exptl_crystal_grow.pdbx_details    
;Internal tracking number 218208F3. INDEX screen condition F3:  
 5% v/v Tacsimate pH 7.0, 0.1 M HEPES pH 7.0, 10% PEG-MME 5000. BaheA.00146.a.A1 PS00787 at 51.1 mg/ml., vapor diffusion, sitting drop, temperature 290K
;
_exptl_crystal_grow.temp_details    ? 
_exptl_crystal_grow.pdbx_pH_range   ? 
# 
_diffrn.id                     1 
_diffrn.ambient_temp           100 
_diffrn.ambient_temp_details   ? 
_diffrn.crystal_id             1 
# 
_diffrn_detector.diffrn_id              1 
_diffrn_detector.detector               CCD 
_diffrn_detector.type                   'ADSC QUANTUM 315' 
_diffrn_detector.pdbx_collection_date   2011-04-10 
_diffrn_detector.details                ? 
# 
_diffrn_radiation.diffrn_id                        1 
_diffrn_radiation.pdbx_diffrn_protocol             'SINGLE WAVELENGTH' 
_diffrn_radiation.monochromator                    ? 
_diffrn_radiation.wavelength_id                    1 
_diffrn_radiation.pdbx_monochromatic_or_laue_m_l   M 
_diffrn_radiation.pdbx_scattering_type             x-ray 
# 
_diffrn_radiation_wavelength.id           1 
_diffrn_radiation_wavelength.wavelength   0.9765 
_diffrn_radiation_wavelength.wt           1.0 
# 
_diffrn_source.diffrn_id                   1 
_diffrn_source.source                      SYNCHROTRON 
_diffrn_source.type                        'ALS BEAMLINE 5.0.3' 
_diffrn_source.pdbx_wavelength_list        0.9765 
_diffrn_source.pdbx_wavelength             ? 
_diffrn_source.pdbx_synchrotron_site       ALS 
_diffrn_source.pdbx_synchrotron_beamline   5.0.3 
# 
_reflns.entry_id                     3RMI 
_reflns.d_resolution_high            2.400 
_reflns.number_obs                   9071 
_reflns.pdbx_Rmerge_I_obs            0.047 
_reflns.pdbx_netI_over_sigmaI        27.000 
_reflns.percent_possible_obs         98.900 
_reflns.B_iso_Wilson_estimate        53.213 
_reflns.observed_criterion_sigma_I   -3.00 
_reflns.observed_criterion_sigma_F   ? 
_reflns.d_resolution_low             19.8 
_reflns.number_all                   9173 
_reflns.pdbx_Rsym_value              ? 
_reflns.pdbx_redundancy              7.8 
_reflns.R_free_details               ? 
_reflns.limit_h_max                  ? 
_reflns.limit_h_min                  ? 
_reflns.limit_k_max                  ? 
_reflns.limit_k_min                  ? 
_reflns.limit_l_max                  ? 
_reflns.limit_l_min                  ? 
_reflns.observed_criterion_F_max     ? 
_reflns.observed_criterion_F_min     ? 
_reflns.pdbx_chi_squared             ? 
_reflns.pdbx_scaling_rejects         ? 
_reflns.pdbx_ordinal                 1 
_reflns.pdbx_diffrn_id               1 
# 
loop_
_reflns_shell.d_res_high 
_reflns_shell.d_res_low 
_reflns_shell.number_measured_obs 
_reflns_shell.number_measured_all 
_reflns_shell.number_unique_obs 
_reflns_shell.Rmerge_I_obs 
_reflns_shell.meanI_over_sigI_obs 
_reflns_shell.pdbx_Rsym_value 
_reflns_shell.pdbx_chi_squared 
_reflns_shell.pdbx_redundancy 
_reflns_shell.percent_possible_obs 
_reflns_shell.number_unique_all 
_reflns_shell.percent_possible_all 
_reflns_shell.pdbx_ordinal 
_reflns_shell.pdbx_diffrn_id 
2.40  2.46  5464 ? 659 0.439 5.6  ? ? 8.3 ? 663 99.40 1  ? 
2.46  2.53  5070 ? 617 0.373 6.4  ? ? ?   ? ?   99.00 2  ? 
2.53  2.60  4993 ? 612 0.274 8.3  ? ? ?   ? ?   98.90 3  ? 
2.60  2.68  4980 ? 609 0.243 9.2  ? ? ?   ? ?   99.50 4  ? 
2.68  2.77  4801 ? 587 0.173 11.9 ? ? ?   ? ?   99.00 5  ? 
2.77  2.87  4617 ? 566 0.143 14.9 ? ? ?   ? ?   99.30 6  ? 
2.87  2.98  4440 ? 554 0.112 17.3 ? ? ?   ? ?   99.60 7  ? 
2.98  3.10  4295 ? 535 0.079 21.0 ? ? ?   ? ?   99.60 8  ? 
3.10  3.24  4128 ? 515 0.071 24.2 ? ? ?   ? ?   99.60 9  ? 
3.24  3.39  3847 ? 483 0.053 31.0 ? ? ?   ? ?   99.60 10 ? 
3.39  3.58  3683 ? 475 0.045 36.4 ? ? ?   ? ?   99.80 11 ? 
3.58  3.79  3386 ? 442 0.037 43.3 ? ? ?   ? ?   99.80 12 ? 
3.79  4.06  3217 ? 427 0.035 45.8 ? ? ?   ? ?   99.50 13 ? 
4.06  4.38  2950 ? 397 0.030 53.2 ? ? ?   ? ?   99.20 14 ? 
4.38  4.80  2684 ? 371 0.029 54.7 ? ? ?   ? ?   99.50 15 ? 
4.80  5.37  2397 ? 342 0.029 53.2 ? ? ?   ? ?   99.70 16 ? 
5.37  6.20  2079 ? 303 0.032 50.0 ? ? ?   ? ?   99.00 17 ? 
6.20  7.59  1839 ? 265 0.023 55.2 ? ? ?   ? ?   99.60 18 ? 
7.59  10.73 1384 ? 211 0.018 56.5 ? ? ?   ? ?   95.90 19 ? 
10.73 ?     549  ? 101 0.020 55.9 ? ? ?   ? ?   71.10 20 ? 
# 
_refine.entry_id                                 3RMI 
_refine.ls_d_res_high                            2.400 
_refine.ls_d_res_low                             19.8 
_refine.pdbx_ls_sigma_F                          0.00 
_refine.ls_percent_reflns_obs                    98.680 
_refine.ls_number_reflns_obs                     9024 
_refine.pdbx_ls_cross_valid_method               THROUGHOUT 
_refine.pdbx_R_Free_selection_details            RANDOM 
_refine.details                                  'HYDROGENS HAVE BEEN ADDED IN THE RIDING POSITIONS' 
_refine.ls_R_factor_obs                          0.219 
_refine.ls_R_factor_R_work                       0.217 
_refine.ls_R_factor_R_free                       0.253 
_refine.ls_percent_reflns_R_free                 4.800 
_refine.ls_number_reflns_R_free                  434 
_refine.B_iso_mean                               49.732 
_refine.aniso_B[1][1]                            3.230 
_refine.aniso_B[2][2]                            3.230 
_refine.aniso_B[3][3]                            -4.850 
_refine.aniso_B[1][2]                            1.620 
_refine.aniso_B[1][3]                            0.000 
_refine.aniso_B[2][3]                            0.000 
_refine.correlation_coeff_Fo_to_Fc               0.945 
_refine.correlation_coeff_Fo_to_Fc_free          0.946 
_refine.pdbx_overall_ESU_R_Free                  0.198 
_refine.overall_SU_ML                            0.140 
_refine.overall_SU_B                             13.249 
_refine.solvent_model_details                    MASK 
_refine.pdbx_solvent_vdw_probe_radii             1.400 
_refine.pdbx_solvent_ion_probe_radii             0.800 
_refine.pdbx_solvent_shrinkage_radii             0.800 
_refine.pdbx_method_to_determine_struct          'MOLECULAR REPLACEMENT' 
_refine.pdbx_stereochemistry_target_values       'MAXIMUM LIKELIHOOD' 
_refine.pdbx_ls_sigma_I                          ? 
_refine.ls_number_reflns_all                     9173 
_refine.ls_R_factor_all                          ? 
_refine.ls_redundancy_reflns_obs                 ? 
_refine.pdbx_data_cutoff_high_absF               ? 
_refine.pdbx_data_cutoff_low_absF                ? 
_refine.ls_number_parameters                     ? 
_refine.ls_number_restraints                     ? 
_refine.ls_R_factor_R_free_error                 ? 
_refine.ls_R_factor_R_free_error_details         ? 
_refine.pdbx_starting_model                      2d8e 
_refine.pdbx_stereochem_target_val_spec_case     ? 
_refine.solvent_model_param_bsol                 ? 
_refine.solvent_model_param_ksol                 ? 
_refine.occupancy_max                            ? 
_refine.occupancy_min                            ? 
_refine.pdbx_isotropic_thermal_model             ? 
_refine.B_iso_min                                ? 
_refine.B_iso_max                                ? 
_refine.overall_SU_R_Cruickshank_DPI             ? 
_refine.overall_SU_R_free                        ? 
_refine.pdbx_data_cutoff_high_rms_absF           ? 
_refine.ls_wR_factor_R_free                      ? 
_refine.ls_wR_factor_R_work                      ? 
_refine.overall_FOM_free_R_set                   ? 
_refine.overall_FOM_work_R_set                   ? 
_refine.pdbx_overall_phase_error                 ? 
_refine.pdbx_refine_id                           'X-RAY DIFFRACTION' 
_refine.pdbx_diffrn_id                           1 
_refine.pdbx_overall_ESU_R                       ? 
_refine.pdbx_TLS_residual_ADP_flag               ? 
_refine.pdbx_overall_SU_R_free_Cruickshank_DPI   ? 
_refine.pdbx_overall_SU_R_Blow_DPI               ? 
_refine.pdbx_overall_SU_R_free_Blow_DPI          ? 
# 
_refine_hist.pdbx_refine_id                   'X-RAY DIFFRACTION' 
_refine_hist.cycle_id                         LAST 
_refine_hist.pdbx_number_atoms_protein        838 
_refine_hist.pdbx_number_atoms_nucleic_acid   0 
_refine_hist.pdbx_number_atoms_ligand         19 
_refine_hist.number_atoms_solvent             23 
_refine_hist.number_atoms_total               880 
_refine_hist.d_res_high                       2.400 
_refine_hist.d_res_low                        19.8 
# 
loop_
_refine_ls_restr.type 
_refine_ls_restr.number 
_refine_ls_restr.dev_ideal 
_refine_ls_restr.dev_ideal_target 
_refine_ls_restr.weight 
_refine_ls_restr.pdbx_restraint_function 
_refine_ls_restr.pdbx_refine_id 
r_bond_refined_d       869  0.016  0.022  ? ? 'X-RAY DIFFRACTION' 
r_bond_other_d         593  0.001  0.020  ? ? 'X-RAY DIFFRACTION' 
r_angle_refined_deg    1170 1.480  1.974  ? ? 'X-RAY DIFFRACTION' 
r_angle_other_deg      1440 0.902  3.000  ? ? 'X-RAY DIFFRACTION' 
r_dihedral_angle_1_deg 104  4.911  5.000  ? ? 'X-RAY DIFFRACTION' 
r_dihedral_angle_2_deg 42   35.045 23.571 ? ? 'X-RAY DIFFRACTION' 
r_dihedral_angle_3_deg 150  16.736 15.000 ? ? 'X-RAY DIFFRACTION' 
r_dihedral_angle_4_deg 7    10.471 15.000 ? ? 'X-RAY DIFFRACTION' 
r_chiral_restr         133  0.075  0.200  ? ? 'X-RAY DIFFRACTION' 
r_gen_planes_refined   952  0.006  0.020  ? ? 'X-RAY DIFFRACTION' 
r_gen_planes_other     179  0.001  0.020  ? ? 'X-RAY DIFFRACTION' 
r_mcbond_it            525  0.610  1.500  ? ? 'X-RAY DIFFRACTION' 
r_mcbond_other         208  0.114  1.500  ? ? 'X-RAY DIFFRACTION' 
r_mcangle_it           841  1.259  2.000  ? ? 'X-RAY DIFFRACTION' 
r_scbond_it            344  2.104  3.000  ? ? 'X-RAY DIFFRACTION' 
r_scangle_it           329  3.508  4.500  ? ? 'X-RAY DIFFRACTION' 
# 
_refine_ls_shell.d_res_high                       2.400 
_refine_ls_shell.d_res_low                        2.462 
_refine_ls_shell.pdbx_total_number_of_bins_used   20 
_refine_ls_shell.percent_reflns_obs               98.620 
_refine_ls_shell.number_reflns_R_work             605 
_refine_ls_shell.R_factor_all                     ? 
_refine_ls_shell.R_factor_R_work                  0.305 
_refine_ls_shell.R_factor_R_free                  0.363 
_refine_ls_shell.percent_reflns_R_free            ? 
_refine_ls_shell.number_reflns_R_free             36 
_refine_ls_shell.R_factor_R_free_error            ? 
_refine_ls_shell.number_reflns_all                641 
_refine_ls_shell.number_reflns_obs                ? 
_refine_ls_shell.redundancy_reflns_obs            ? 
_refine_ls_shell.pdbx_refine_id                   'X-RAY DIFFRACTION' 
# 
_struct.entry_id                  3RMI 
_struct.title                     
'Crystal structure of Chorismate mutase from Bartonella henselae str. Houston-1 in complex with malate' 
_struct.pdbx_model_details        ? 
_struct.pdbx_CASP_flag            ? 
_struct.pdbx_model_type_details   ? 
# 
_struct_keywords.entry_id        3RMI 
_struct_keywords.text            
'Emerald BioStructures, Structural Genomics, Seattle Structural Genomics Center for Infectious Disease, SSGCID, ISOMERASE' 
_struct_keywords.pdbx_keywords   ISOMERASE 
# 
loop_
_struct_asym.id 
_struct_asym.pdbx_blank_PDB_chainid_flag 
_struct_asym.pdbx_modified 
_struct_asym.entity_id 
_struct_asym.details 
A N N 1 ? 
B N N 2 ? 
C N N 3 ? 
D N N 4 ? 
E N N 5 ? 
# 
_struct_biol.id        1 
_struct_biol.details   ? 
# 
loop_
_struct_conf.conf_type_id 
_struct_conf.id 
_struct_conf.pdbx_PDB_helix_id 
_struct_conf.beg_label_comp_id 
_struct_conf.beg_label_asym_id 
_struct_conf.beg_label_seq_id 
_struct_conf.pdbx_beg_PDB_ins_code 
_struct_conf.end_label_comp_id 
_struct_conf.end_label_asym_id 
_struct_conf.end_label_seq_id 
_struct_conf.pdbx_end_PDB_ins_code 
_struct_conf.beg_auth_comp_id 
_struct_conf.beg_auth_asym_id 
_struct_conf.beg_auth_seq_id 
_struct_conf.end_auth_comp_id 
_struct_conf.end_auth_asym_id 
_struct_conf.end_auth_seq_id 
_struct_conf.pdbx_PDB_helix_class 
_struct_conf.details 
_struct_conf.pdbx_PDB_helix_length 
HELX_P HELX_P1 1 GLY A 3  ? TYR A 49  ? GLY A -1 TYR A 45  1 ? 47 
HELX_P HELX_P2 2 ASP A 55 ? THR A 73  ? ASP A 51 THR A 69  1 ? 19 
HELX_P HELX_P3 3 ASP A 76 ? GLU A 107 ? ASP A 72 GLU A 103 1 ? 32 
# 
_struct_conf_type.id          HELX_P 
_struct_conf_type.criteria    ? 
_struct_conf_type.reference   ? 
# 
loop_
_struct_site.id 
_struct_site.pdbx_evidence_code 
_struct_site.pdbx_auth_asym_id 
_struct_site.pdbx_auth_comp_id 
_struct_site.pdbx_auth_seq_id 
_struct_site.pdbx_auth_ins_code 
_struct_site.pdbx_num_residues 
_struct_site.details 
AC1 Software A EDO 111 ? 4 'BINDING SITE FOR RESIDUE EDO A 111' 
AC2 Software A GOL 112 ? 2 'BINDING SITE FOR RESIDUE GOL A 112' 
AC3 Software A MLT 113 ? 8 'BINDING SITE FOR RESIDUE MLT A 113' 
# 
loop_
_struct_site_gen.id 
_struct_site_gen.site_id 
_struct_site_gen.pdbx_num_res 
_struct_site_gen.label_comp_id 
_struct_site_gen.label_asym_id 
_struct_site_gen.label_seq_id 
_struct_site_gen.pdbx_auth_ins_code 
_struct_site_gen.auth_comp_id 
_struct_site_gen.auth_asym_id 
_struct_site_gen.auth_seq_id 
_struct_site_gen.label_atom_id 
_struct_site_gen.label_alt_id 
_struct_site_gen.symmetry 
_struct_site_gen.details 
1  AC1 4 PHE A 36 ? PHE A 32 . ? 7_554 ? 
2  AC1 4 PHE A 75 ? PHE A 71 . ? 1_555 ? 
3  AC1 4 ASP A 76 ? ASP A 72 . ? 1_555 ? 
4  AC1 4 GLN A 94 ? GLN A 90 . ? 7_554 ? 
5  AC2 2 GLN A 7  ? GLN A 3  . ? 1_555 ? 
6  AC2 2 ASP A 55 ? ASP A 51 . ? 5_554 ? 
7  AC3 8 ARG A 18 ? ARG A 14 . ? 1_555 ? 
8  AC3 8 ARG A 35 ? ARG A 31 . ? 7_554 ? 
9  AC3 8 ILE A 42 ? ILE A 38 . ? 7_554 ? 
10 AC3 8 LYS A 46 ? LYS A 42 . ? 7_554 ? 
11 AC3 8 ARG A 58 ? ARG A 54 . ? 7_554 ? 
12 AC3 8 GLN A 62 ? GLN A 58 . ? 7_554 ? 
13 AC3 8 VAL A 91 ? VAL A 87 . ? 7_554 ? 
14 AC3 8 HIS A 95 ? HIS A 91 . ? 7_554 ? 
# 
_atom_sites.entry_id                    3RMI 
_atom_sites.fract_transf_matrix[1][1]   0.01167558 
_atom_sites.fract_transf_matrix[1][2]   0.00964020 
_atom_sites.fract_transf_matrix[1][3]   -0.00573280 
_atom_sites.fract_transf_matrix[2][1]   0.00126134 
_atom_sites.fract_transf_matrix[2][2]   0.00259347 
_atom_sites.fract_transf_matrix[2][3]   -0.01593107 
_atom_sites.fract_transf_matrix[3][1]   -0.00419004 
_atom_sites.fract_transf_matrix[3][2]   0.00540022 
_atom_sites.fract_transf_matrix[3][3]   0.00054737 
_atom_sites.fract_transf_vector[1]      0.328783 
_atom_sites.fract_transf_vector[2]      0.345302 
_atom_sites.fract_transf_vector[3]      -0.137601 
# 
loop_
_atom_type.symbol 
C 
N 
O 
S 
# 
loop_
_atom_site.group_PDB 
_atom_site.id 
_atom_site.type_symbol 
_atom_site.label_atom_id 
_atom_site.label_alt_id 
_atom_site.label_comp_id 
_atom_site.label_asym_id 
_atom_site.label_entity_id 
_atom_site.label_seq_id 
_atom_site.pdbx_PDB_ins_code 
_atom_site.Cartn_x 
_atom_site.Cartn_y 
_atom_site.Cartn_z 
_atom_site.occupancy 
_atom_site.B_iso_or_equiv 
_atom_site.pdbx_formal_charge 
_atom_site.auth_seq_id 
_atom_site.auth_comp_id 
_atom_site.auth_asym_id 
_atom_site.auth_atom_id 
_atom_site.pdbx_PDB_model_num 
ATOM   1   N N   . GLY A 1 3   ? 33.121  -25.663 0.989   1.00 82.44  ? -1  GLY A N   1 
ATOM   2   C CA  . GLY A 1 3   ? 34.404  -24.870 0.897   1.00 82.65  ? -1  GLY A CA  1 
ATOM   3   C C   . GLY A 1 3   ? 34.430  -23.589 1.758   1.00 81.01  ? -1  GLY A C   1 
ATOM   4   O O   . GLY A 1 3   ? 33.425  -23.238 2.383   1.00 79.73  ? -1  GLY A O   1 
ATOM   5   N N   . SER A 1 4   ? 35.596  -22.925 1.835   1.00 81.98  ? 0   SER A N   1 
ATOM   6   C CA  . SER A 1 4   ? 35.701  -21.529 2.317   1.00 81.10  ? 0   SER A CA  1 
ATOM   7   C C   . SER A 1 4   ? 35.500  -20.598 1.109   1.00 79.25  ? 0   SER A C   1 
ATOM   8   O O   . SER A 1 4   ? 34.930  -19.511 1.258   1.00 78.51  ? 0   SER A O   1 
ATOM   9   C CB  . SER A 1 4   ? 37.054  -21.241 2.990   1.00 84.74  ? 0   SER A CB  1 
ATOM   10  O OG  . SER A 1 4   ? 37.084  -19.912 3.501   1.00 86.85  ? 0   SER A OG  1 
ATOM   11  N N   . MET A 1 5   ? 35.983  -21.033 -0.067  1.00 78.96  ? 1   MET A N   1 
ATOM   12  C CA  . MET A 1 5   ? 35.680  -20.396 -1.347  1.00 77.79  ? 1   MET A CA  1 
ATOM   13  C C   . MET A 1 5   ? 34.175  -20.531 -1.622  1.00 73.54  ? 1   MET A C   1 
ATOM   14  O O   . MET A 1 5   ? 33.520  -19.579 -2.034  1.00 71.84  ? 1   MET A O   1 
ATOM   15  C CB  . MET A 1 5   ? 36.501  -21.044 -2.471  1.00 81.18  ? 1   MET A CB  1 
ATOM   16  N N   . MET A 1 6   ? 33.631  -21.717 -1.353  1.00 71.50  ? 2   MET A N   1 
ATOM   17  C CA  . MET A 1 6   ? 32.196  -21.982 -1.516  1.00 68.75  ? 2   MET A CA  1 
ATOM   18  C C   . MET A 1 6   ? 31.302  -21.229 -0.470  1.00 64.33  ? 2   MET A C   1 
ATOM   19  O O   . MET A 1 6   ? 30.265  -20.649 -0.825  1.00 62.26  ? 2   MET A O   1 
ATOM   20  C CB  . MET A 1 6   ? 31.973  -23.506 -1.504  1.00 71.08  ? 2   MET A CB  1 
ATOM   21  C CG  . MET A 1 6   ? 30.584  -24.010 -1.916  1.00 73.62  ? 2   MET A CG  1 
ATOM   22  S SD  . MET A 1 6   ? 29.991  -23.580 -3.586  1.00 78.45  ? 2   MET A SD  1 
ATOM   23  C CE  . MET A 1 6   ? 28.523  -24.630 -3.665  1.00 81.34  ? 2   MET A CE  1 
ATOM   24  N N   . GLN A 1 7   ? 31.715  -21.230 0.800   1.00 62.42  ? 3   GLN A N   1 
ATOM   25  C CA  . GLN A 1 7   ? 31.083  -20.412 1.851   1.00 59.65  ? 3   GLN A CA  1 
ATOM   26  C C   . GLN A 1 7   ? 31.023  -18.928 1.466   1.00 57.50  ? 3   GLN A C   1 
ATOM   27  O O   . GLN A 1 7   ? 29.998  -18.290 1.625   1.00 55.61  ? 3   GLN A O   1 
ATOM   28  C CB  . GLN A 1 7   ? 31.814  -20.565 3.211   1.00 61.36  ? 3   GLN A CB  1 
ATOM   29  C CG  . GLN A 1 7   ? 31.253  -21.671 4.123   1.00 61.41  ? 3   GLN A CG  1 
ATOM   30  C CD  . GLN A 1 7   ? 32.066  -21.900 5.419   1.00 62.44  ? 3   GLN A CD  1 
ATOM   31  O OE1 . GLN A 1 7   ? 31.604  -21.550 6.516   1.00 62.86  ? 3   GLN A OE1 1 
ATOM   32  N NE2 . GLN A 1 7   ? 33.264  -22.480 5.290   1.00 56.16  ? 3   GLN A NE2 1 
ATOM   33  N N   . GLU A 1 8   ? 32.124  -18.379 0.968   1.00 58.11  ? 4   GLU A N   1 
ATOM   34  C CA  . GLU A 1 8   ? 32.152  -16.963 0.643   1.00 57.76  ? 4   GLU A CA  1 
ATOM   35  C C   . GLU A 1 8   ? 31.320  -16.686 -0.601  1.00 55.14  ? 4   GLU A C   1 
ATOM   36  O O   . GLU A 1 8   ? 30.648  -15.645 -0.681  1.00 53.29  ? 4   GLU A O   1 
ATOM   37  C CB  . GLU A 1 8   ? 33.587  -16.461 0.486   1.00 61.46  ? 4   GLU A CB  1 
ATOM   38  C CG  . GLU A 1 8   ? 34.415  -16.503 1.817   1.00 67.04  ? 4   GLU A CG  1 
ATOM   39  C CD  . GLU A 1 8   ? 33.739  -15.771 3.022   1.00 70.69  ? 4   GLU A CD  1 
ATOM   40  O OE1 . GLU A 1 8   ? 33.133  -14.673 2.822   1.00 69.27  ? 4   GLU A OE1 1 
ATOM   41  O OE2 . GLU A 1 8   ? 33.838  -16.305 4.171   1.00 74.36  ? 4   GLU A OE2 1 
ATOM   42  N N   . LYS A 1 9   ? 31.352  -17.622 -1.554  1.00 54.49  ? 5   LYS A N   1 
ATOM   43  C CA  . LYS A 1 9   ? 30.549  -17.483 -2.763  1.00 53.56  ? 5   LYS A CA  1 
ATOM   44  C C   . LYS A 1 9   ? 29.098  -17.347 -2.323  1.00 49.67  ? 5   LYS A C   1 
ATOM   45  O O   . LYS A 1 9   ? 28.400  -16.442 -2.759  1.00 48.12  ? 5   LYS A O   1 
ATOM   46  C CB  . LYS A 1 9   ? 30.743  -18.657 -3.752  1.00 55.76  ? 5   LYS A CB  1 
ATOM   47  N N   . ILE A 1 10  ? 28.667  -18.216 -1.418  1.00 48.31  ? 6   ILE A N   1 
ATOM   48  C CA  . ILE A 1 10  ? 27.280  -18.225 -1.001  1.00 46.46  ? 6   ILE A CA  1 
ATOM   49  C C   . ILE A 1 10  ? 26.933  -16.961 -0.213  1.00 45.05  ? 6   ILE A C   1 
ATOM   50  O O   . ILE A 1 10  ? 25.888  -16.380 -0.445  1.00 43.44  ? 6   ILE A O   1 
ATOM   51  C CB  . ILE A 1 10  ? 26.925  -19.489 -0.189  1.00 47.73  ? 6   ILE A CB  1 
ATOM   52  C CG1 . ILE A 1 10  ? 27.096  -20.772 -1.050  1.00 51.45  ? 6   ILE A CG1 1 
ATOM   53  C CG2 . ILE A 1 10  ? 25.521  -19.387 0.393   1.00 45.84  ? 6   ILE A CG2 1 
ATOM   54  C CD1 . ILE A 1 10  ? 26.525  -20.737 -2.508  1.00 50.78  ? 6   ILE A CD1 1 
ATOM   55  N N   . LEU A 1 11  ? 27.800  -16.520 0.696   1.00 46.34  ? 7   LEU A N   1 
ATOM   56  C CA  . LEU A 1 11  ? 27.512  -15.294 1.476   1.00 46.36  ? 7   LEU A CA  1 
ATOM   57  C C   . LEU A 1 11  ? 27.521  -14.079 0.556   1.00 46.28  ? 7   LEU A C   1 
ATOM   58  O O   . LEU A 1 11  ? 26.735  -13.139 0.723   1.00 44.47  ? 7   LEU A O   1 
ATOM   59  C CB  . LEU A 1 11  ? 28.482  -15.121 2.634   1.00 49.02  ? 7   LEU A CB  1 
ATOM   60  C CG  . LEU A 1 11  ? 28.333  -16.142 3.771   1.00 50.23  ? 7   LEU A CG  1 
ATOM   61  C CD1 . LEU A 1 11  ? 29.651  -16.333 4.508   1.00 51.81  ? 7   LEU A CD1 1 
ATOM   62  C CD2 . LEU A 1 11  ? 27.250  -15.711 4.721   1.00 49.21  ? 7   LEU A CD2 1 
ATOM   63  N N   . SER A 1 12  ? 28.361  -14.137 -0.471  1.00 47.84  ? 8   SER A N   1 
ATOM   64  C CA  . SER A 1 12  ? 28.409  -13.061 -1.446  1.00 49.24  ? 8   SER A CA  1 
ATOM   65  C C   . SER A 1 12  ? 27.106  -12.973 -2.296  1.00 47.21  ? 8   SER A C   1 
ATOM   66  O O   . SER A 1 12  ? 26.603  -11.867 -2.590  1.00 46.65  ? 8   SER A O   1 
ATOM   67  C CB  . SER A 1 12  ? 29.646  -13.237 -2.329  1.00 52.43  ? 8   SER A CB  1 
ATOM   68  O OG  . SER A 1 12  ? 29.844  -12.103 -3.145  1.00 57.71  ? 8   SER A OG  1 
ATOM   69  N N   . GLU A 1 13  ? 26.556  -14.126 -2.685  1.00 46.47  ? 9   GLU A N   1 
ATOM   70  C CA  . GLU A 1 13  ? 25.278  -14.158 -3.419  1.00 45.80  ? 9   GLU A CA  1 
ATOM   71  C C   . GLU A 1 13  ? 24.153  -13.617 -2.562  1.00 41.92  ? 9   GLU A C   1 
ATOM   72  O O   . GLU A 1 13  ? 23.325  -12.858 -2.991  1.00 40.64  ? 9   GLU A O   1 
ATOM   73  C CB  . GLU A 1 13  ? 24.906  -15.586 -3.812  1.00 47.51  ? 9   GLU A CB  1 
ATOM   74  C CG  . GLU A 1 13  ? 25.453  -16.042 -5.124  1.00 55.64  ? 9   GLU A CG  1 
ATOM   75  C CD  . GLU A 1 13  ? 25.095  -17.522 -5.451  1.00 63.78  ? 9   GLU A CD  1 
ATOM   76  O OE1 . GLU A 1 13  ? 23.889  -17.887 -5.342  1.00 66.91  ? 9   GLU A OE1 1 
ATOM   77  O OE2 . GLU A 1 13  ? 26.010  -18.296 -5.841  1.00 66.94  ? 9   GLU A OE2 1 
ATOM   78  N N   . LEU A 1 14  ? 24.114  -14.077 -1.340  1.00 41.15  ? 10  LEU A N   1 
ATOM   79  C CA  . LEU A 1 14  ? 23.102  -13.652 -0.406  1.00 40.17  ? 10  LEU A CA  1 
ATOM   80  C C   . LEU A 1 14  ? 23.150  -12.135 -0.259  1.00 39.19  ? 10  LEU A C   1 
ATOM   81  O O   . LEU A 1 14  ? 22.124  -11.469 -0.366  1.00 37.92  ? 10  LEU A O   1 
ATOM   82  C CB  . LEU A 1 14  ? 23.372  -14.344 0.917   1.00 41.96  ? 10  LEU A CB  1 
ATOM   83  C CG  . LEU A 1 14  ? 22.290  -14.431 1.980   1.00 44.87  ? 10  LEU A CG  1 
ATOM   84  C CD1 . LEU A 1 14  ? 21.037  -15.101 1.418   1.00 42.41  ? 10  LEU A CD1 1 
ATOM   85  C CD2 . LEU A 1 14  ? 22.903  -15.203 3.200   1.00 45.71  ? 10  LEU A CD2 1 
ATOM   86  N N   . ALA A 1 15  ? 24.350  -11.594 -0.044  1.00 39.89  ? 11  ALA A N   1 
ATOM   87  C CA  . ALA A 1 15  ? 24.556  -10.144 0.091   1.00 40.55  ? 11  ALA A CA  1 
ATOM   88  C C   . ALA A 1 15  ? 24.087  -9.383  -1.143  1.00 39.46  ? 11  ALA A C   1 
ATOM   89  O O   . ALA A 1 15  ? 23.490  -8.321  -1.035  1.00 39.39  ? 11  ALA A O   1 
ATOM   90  C CB  . ALA A 1 15  ? 26.019  -9.836  0.360   1.00 43.17  ? 11  ALA A CB  1 
ATOM   91  N N   . TYR A 1 16  ? 24.362  -9.931  -2.316  1.00 39.50  ? 12  TYR A N   1 
ATOM   92  C CA  . TYR A 1 16  ? 23.994  -9.282  -3.548  1.00 40.51  ? 12  TYR A CA  1 
ATOM   93  C C   . TYR A 1 16  ? 22.460  -9.220  -3.679  1.00 38.30  ? 12  TYR A C   1 
ATOM   94  O O   . TYR A 1 16  ? 21.907  -8.169  -4.011  1.00 38.12  ? 12  TYR A O   1 
ATOM   95  C CB  . TYR A 1 16  ? 24.675  -9.987  -4.718  1.00 43.15  ? 12  TYR A CB  1 
ATOM   96  C CG  . TYR A 1 16  ? 24.289  -9.472  -6.081  1.00 47.93  ? 12  TYR A CG  1 
ATOM   97  C CD1 . TYR A 1 16  ? 25.083  -8.551  -6.767  1.00 54.10  ? 12  TYR A CD1 1 
ATOM   98  C CD2 . TYR A 1 16  ? 23.124  -9.928  -6.700  1.00 50.83  ? 12  TYR A CD2 1 
ATOM   99  C CE1 . TYR A 1 16  ? 24.716  -8.086  -8.048  1.00 58.15  ? 12  TYR A CE1 1 
ATOM   100 C CE2 . TYR A 1 16  ? 22.743  -9.476  -7.963  1.00 55.48  ? 12  TYR A CE2 1 
ATOM   101 C CZ  . TYR A 1 16  ? 23.541  -8.561  -8.631  1.00 59.55  ? 12  TYR A CZ  1 
ATOM   102 O OH  . TYR A 1 16  ? 23.114  -8.137  -9.864  1.00 66.73  ? 12  TYR A OH  1 
ATOM   103 N N   . LEU A 1 17  ? 21.773  -10.319 -3.358  1.00 36.98  ? 13  LEU A N   1 
ATOM   104 C CA  . LEU A 1 17  ? 20.302  -10.369 -3.424  1.00 35.33  ? 13  LEU A CA  1 
ATOM   105 C C   . LEU A 1 17  ? 19.693  -9.440  -2.387  1.00 33.71  ? 13  LEU A C   1 
ATOM   106 O O   . LEU A 1 17  ? 18.668  -8.794  -2.601  1.00 33.64  ? 13  LEU A O   1 
ATOM   107 C CB  . LEU A 1 17  ? 19.795  -11.802 -3.202  1.00 35.50  ? 13  LEU A CB  1 
ATOM   108 C CG  . LEU A 1 17  ? 20.081  -12.764 -4.375  1.00 38.96  ? 13  LEU A CG  1 
ATOM   109 C CD1 . LEU A 1 17  ? 20.150  -14.195 -3.872  1.00 40.32  ? 13  LEU A CD1 1 
ATOM   110 C CD2 . LEU A 1 17  ? 19.080  -12.660 -5.597  1.00 38.57  ? 13  LEU A CD2 1 
ATOM   111 N N   . ARG A 1 18  ? 20.337  -9.325  -1.258  1.00 34.57  ? 14  ARG A N   1 
ATOM   112 C CA  . ARG A 1 18  ? 19.826  -8.433  -0.245  1.00 34.66  ? 14  ARG A CA  1 
ATOM   113 C C   . ARG A 1 18  ? 20.017  -6.976  -0.606  1.00 35.81  ? 14  ARG A C   1 
ATOM   114 O O   . ARG A 1 18  ? 19.215  -6.146  -0.188  1.00 37.73  ? 14  ARG A O   1 
ATOM   115 C CB  . ARG A 1 18  ? 20.425  -8.769  1.095   1.00 36.71  ? 14  ARG A CB  1 
ATOM   116 C CG  . ARG A 1 18  ? 19.822  -10.038 1.653   1.00 36.90  ? 14  ARG A CG  1 
ATOM   117 C CD  . ARG A 1 18  ? 20.599  -10.571 2.846   1.00 39.68  ? 14  ARG A CD  1 
ATOM   118 N NE  . ARG A 1 18  ? 19.836  -11.585 3.552   1.00 41.86  ? 14  ARG A NE  1 
ATOM   119 C CZ  . ARG A 1 18  ? 20.300  -12.315 4.552   1.00 45.68  ? 14  ARG A CZ  1 
ATOM   120 N NH1 . ARG A 1 18  ? 21.544  -12.161 4.967   1.00 49.69  ? 14  ARG A NH1 1 
ATOM   121 N NH2 . ARG A 1 18  ? 19.511  -13.198 5.139   1.00 48.30  ? 14  ARG A NH2 1 
ATOM   122 N N   . GLN A 1 19  ? 21.032  -6.643  -1.401  1.00 37.38  ? 15  GLN A N   1 
ATOM   123 C CA  . GLN A 1 19  ? 21.160  -5.260  -1.889  1.00 39.25  ? 15  GLN A CA  1 
ATOM   124 C C   . GLN A 1 19  ? 19.923  -4.912  -2.683  1.00 36.37  ? 15  GLN A C   1 
ATOM   125 O O   . GLN A 1 19  ? 19.407  -3.785  -2.593  1.00 36.89  ? 15  GLN A O   1 
ATOM   126 C CB  . GLN A 1 19  ? 22.373  -5.064  -2.796  1.00 42.46  ? 15  GLN A CB  1 
ATOM   127 C CG  . GLN A 1 19  ? 23.611  -4.575  -2.082  1.00 51.03  ? 15  GLN A CG  1 
ATOM   128 C CD  . GLN A 1 19  ? 24.944  -4.982  -2.771  1.00 59.01  ? 15  GLN A CD  1 
ATOM   129 O OE1 . GLN A 1 19  ? 24.972  -5.388  -3.949  1.00 61.63  ? 15  GLN A OE1 1 
ATOM   130 N NE2 . GLN A 1 19  ? 26.051  -4.868  -2.020  1.00 63.91  ? 15  GLN A NE2 1 
ATOM   131 N N   . SER A 1 20  ? 19.470  -5.860  -3.497  1.00 33.65  ? 16  SER A N   1 
ATOM   132 C CA  . SER A 1 20  ? 18.363  -5.592  -4.397  1.00 32.15  ? 16  SER A CA  1 
ATOM   133 C C   . SER A 1 20  ? 17.076  -5.405  -3.616  1.00 30.05  ? 16  SER A C   1 
ATOM   134 O O   . SER A 1 20  ? 16.343  -4.442  -3.820  1.00 30.29  ? 16  SER A O   1 
ATOM   135 C CB  . SER A 1 20  ? 18.217  -6.733  -5.391  1.00 32.83  ? 16  SER A CB  1 
ATOM   136 O OG  . SER A 1 20  ? 19.145  -6.614  -6.454  1.00 34.00  ? 16  SER A OG  1 
ATOM   137 N N   . ILE A 1 21  ? 16.839  -6.318  -2.684  1.00 29.54  ? 17  ILE A N   1 
ATOM   138 C CA  . ILE A 1 21  ? 15.688  -6.258  -1.800  1.00 28.71  ? 17  ILE A CA  1 
ATOM   139 C C   . ILE A 1 21  ? 15.651  -4.920  -1.121  1.00 30.23  ? 17  ILE A C   1 
ATOM   140 O O   . ILE A 1 21  ? 14.634  -4.239  -1.112  1.00 30.33  ? 17  ILE A O   1 
ATOM   141 C CB  . ILE A 1 21  ? 15.749  -7.400  -0.785  1.00 28.94  ? 17  ILE A CB  1 
ATOM   142 C CG1 . ILE A 1 21  ? 15.460  -8.720  -1.515  1.00 28.32  ? 17  ILE A CG1 1 
ATOM   143 C CG2 . ILE A 1 21  ? 14.748  -7.167  0.363   1.00 28.80  ? 17  ILE A CG2 1 
ATOM   144 C CD1 . ILE A 1 21  ? 16.086  -9.907  -0.814  1.00 29.35  ? 17  ILE A CD1 1 
ATOM   145 N N   . ASP A 1 22  ? 16.778  -4.533  -0.552  1.00 33.48  ? 18  ASP A N   1 
ATOM   146 C CA  . ASP A 1 22  ? 16.858  -3.284  0.211   1.00 36.95  ? 18  ASP A CA  1 
ATOM   147 C C   . ASP A 1 22  ? 16.520  -2.064  -0.661  1.00 37.50  ? 18  ASP A C   1 
ATOM   148 O O   . ASP A 1 22  ? 15.846  -1.136  -0.220  1.00 37.94  ? 18  ASP A O   1 
ATOM   149 C CB  . ASP A 1 22  ? 18.236  -3.161  0.829   1.00 40.48  ? 18  ASP A CB  1 
ATOM   150 C CG  . ASP A 1 22  ? 18.426  -4.094  2.054   1.00 45.10  ? 18  ASP A CG  1 
ATOM   151 O OD1 . ASP A 1 22  ? 17.423  -4.737  2.485   1.00 47.11  ? 18  ASP A OD1 1 
ATOM   152 O OD2 . ASP A 1 22  ? 19.563  -4.145  2.606   1.00 48.40  ? 18  ASP A OD2 1 
ATOM   153 N N   . ASN A 1 23  ? 16.924  -2.122  -1.928  1.00 37.38  ? 19  ASN A N   1 
ATOM   154 C CA  . ASN A 1 23  ? 16.577  -1.107  -2.895  1.00 38.86  ? 19  ASN A CA  1 
ATOM   155 C C   . ASN A 1 23  ? 15.104  -1.108  -3.261  1.00 36.90  ? 19  ASN A C   1 
ATOM   156 O O   . ASN A 1 23  ? 14.485  -0.048  -3.491  1.00 37.23  ? 19  ASN A O   1 
ATOM   157 C CB  . ASN A 1 23  ? 17.337  -1.401  -4.162  1.00 40.74  ? 19  ASN A CB  1 
ATOM   158 C CG  . ASN A 1 23  ? 17.942  -0.185  -4.754  1.00 47.82  ? 19  ASN A CG  1 
ATOM   159 O OD1 . ASN A 1 23  ? 19.028  0.276   -4.301  1.00 55.88  ? 19  ASN A OD1 1 
ATOM   160 N ND2 . ASN A 1 23  ? 17.292  0.344   -5.797  1.00 46.63  ? 19  ASN A ND2 1 
ATOM   161 N N   . PHE A 1 24  ? 14.547  -2.312  -3.406  1.00 34.76  ? 20  PHE A N   1 
ATOM   162 C CA  . PHE A 1 24  ? 13.117  -2.399  -3.695  1.00 33.22  ? 20  PHE A CA  1 
ATOM   163 C C   . PHE A 1 24  ? 12.317  -1.790  -2.551  1.00 33.54  ? 20  PHE A C   1 
ATOM   164 O O   . PHE A 1 24  ? 11.366  -1.065  -2.786  1.00 33.19  ? 20  PHE A O   1 
ATOM   165 C CB  . PHE A 1 24  ? 12.691  -3.826  -3.940  1.00 32.36  ? 20  PHE A CB  1 
ATOM   166 C CG  . PHE A 1 24  ? 13.274  -4.428  -5.195  1.00 32.10  ? 20  PHE A CG  1 
ATOM   167 C CD1 . PHE A 1 24  ? 13.311  -3.715  -6.366  1.00 33.35  ? 20  PHE A CD1 1 
ATOM   168 C CD2 . PHE A 1 24  ? 13.777  -5.719  -5.189  1.00 32.71  ? 20  PHE A CD2 1 
ATOM   169 C CE1 . PHE A 1 24  ? 13.842  -4.273  -7.504  1.00 36.66  ? 20  PHE A CE1 1 
ATOM   170 C CE2 . PHE A 1 24  ? 14.291  -6.289  -6.315  1.00 32.65  ? 20  PHE A CE2 1 
ATOM   171 C CZ  . PHE A 1 24  ? 14.340  -5.578  -7.470  1.00 35.00  ? 20  PHE A CZ  1 
ATOM   172 N N   . ASP A 1 25  ? 12.726  -2.068  -1.325  1.00 28.79  ? 21  ASP A N   1 
ATOM   173 C CA  . ASP A 1 25  ? 12.016  -1.552  -0.167  1.00 30.22  ? 21  ASP A CA  1 
ATOM   174 C C   . ASP A 1 25  ? 12.028  -0.020  -0.091  1.00 30.57  ? 21  ASP A C   1 
ATOM   175 O O   . ASP A 1 25  ? 11.024  0.561   0.298   1.00 30.11  ? 21  ASP A O   1 
ATOM   176 C CB  . ASP A 1 25  ? 12.563  -2.174  1.116   1.00 31.92  ? 21  ASP A CB  1 
ATOM   177 C CG  . ASP A 1 25  ? 12.143  -3.668  1.285   1.00 34.61  ? 21  ASP A CG  1 
ATOM   178 O OD1 . ASP A 1 25  ? 11.205  -4.119  0.582   1.00 35.67  ? 21  ASP A OD1 1 
ATOM   179 O OD2 . ASP A 1 25  ? 12.765  -4.406  2.111   1.00 37.57  ? 21  ASP A OD2 1 
ATOM   180 N N   . ILE A 1 26  ? 13.120  0.642   -0.470  1.00 31.54  ? 22  ILE A N   1 
ATOM   181 C CA  . ILE A 1 26  ? 13.114  2.112   -0.486  1.00 32.71  ? 22  ILE A CA  1 
ATOM   182 C C   . ILE A 1 26  ? 12.157  2.624   -1.521  1.00 31.28  ? 22  ILE A C   1 
ATOM   183 O O   . ILE A 1 26  ? 11.496  3.629   -1.317  1.00 32.15  ? 22  ILE A O   1 
ATOM   184 C CB  . ILE A 1 26  ? 14.415  2.816   -0.899  1.00 34.57  ? 22  ILE A CB  1 
ATOM   185 C CG1 . ILE A 1 26  ? 15.628  2.151   -0.360  1.00 38.44  ? 22  ILE A CG1 1 
ATOM   186 C CG2 . ILE A 1 26  ? 14.389  4.275   -0.362  1.00 37.84  ? 22  ILE A CG2 1 
ATOM   187 C CD1 . ILE A 1 26  ? 16.910  3.052   -0.410  1.00 45.33  ? 22  ILE A CD1 1 
ATOM   188 N N   . THR A 1 27  ? 12.199  1.992   -2.678  1.00 30.44  ? 23  THR A N   1 
ATOM   189 C CA  . THR A 1 27  ? 11.311  2.310   -3.794  1.00 30.60  ? 23  THR A CA  1 
ATOM   190 C C   . THR A 1 27  ? 9.866   2.167   -3.398  1.00 29.24  ? 23  THR A C   1 
ATOM   191 O O   . THR A 1 27  ? 9.049   3.040   -3.668  1.00 29.62  ? 23  THR A O   1 
ATOM   192 C CB  . THR A 1 27  ? 11.629  1.377   -4.960  1.00 30.95  ? 23  THR A CB  1 
ATOM   193 O OG1 . THR A 1 27  ? 13.063  1.410   -5.180  1.00 34.98  ? 23  THR A OG1 1 
ATOM   194 C CG2 . THR A 1 27  ? 10.951  1.828   -6.191  1.00 32.02  ? 23  THR A CG2 1 
ATOM   195 N N   . LEU A 1 28  ? 9.549   1.068   -2.721  1.00 28.83  ? 24  LEU A N   1 
ATOM   196 C CA  . LEU A 1 28  ? 8.186   0.836   -2.277  1.00 28.43  ? 24  LEU A CA  1 
ATOM   197 C C   . LEU A 1 28  ? 7.724   1.923   -1.327  1.00 28.93  ? 24  LEU A C   1 
ATOM   198 O O   . LEU A 1 28  ? 6.578   2.366   -1.404  1.00 28.99  ? 24  LEU A O   1 
ATOM   199 C CB  . LEU A 1 28  ? 8.055   -0.542  -1.617  1.00 28.68  ? 24  LEU A CB  1 
ATOM   200 C CG  . LEU A 1 28  ? 8.152   -1.771  -2.539  1.00 27.50  ? 24  LEU A CG  1 
ATOM   201 C CD1 . LEU A 1 28  ? 8.279   -3.019  -1.679  1.00 29.16  ? 24  LEU A CD1 1 
ATOM   202 C CD2 . LEU A 1 28  ? 6.938   -1.892  -3.459  1.00 25.60  ? 24  LEU A CD2 1 
ATOM   203 N N   . ILE A 1 29  ? 8.605   2.369   -0.437  1.00 29.89  ? 25  ILE A N   1 
ATOM   204 C CA  . ILE A 1 29  ? 8.249   3.443   0.493   1.00 30.79  ? 25  ILE A CA  1 
ATOM   205 C C   . ILE A 1 29  ? 8.038   4.773   -0.242  1.00 31.49  ? 25  ILE A C   1 
ATOM   206 O O   . ILE A 1 29  ? 7.148   5.547   0.105   1.00 31.64  ? 25  ILE A O   1 
ATOM   207 C CB  . ILE A 1 29  ? 9.333   3.641   1.578   1.00 33.12  ? 25  ILE A CB  1 
ATOM   208 C CG1 . ILE A 1 29  ? 9.289   2.470   2.576   1.00 34.69  ? 25  ILE A CG1 1 
ATOM   209 C CG2 . ILE A 1 29  ? 9.149   4.980   2.354   1.00 32.57  ? 25  ILE A CG2 1 
ATOM   210 C CD1 . ILE A 1 29  ? 7.927   2.293   3.293   1.00 33.97  ? 25  ILE A CD1 1 
ATOM   211 N N   . HIS A 1 30  ? 8.872   5.076   -1.229  1.00 31.73  ? 26  HIS A N   1 
ATOM   212 C CA  . HIS A 1 30  ? 8.657   6.338   -1.972  1.00 32.67  ? 26  HIS A CA  1 
ATOM   213 C C   . HIS A 1 30  ? 7.340   6.346   -2.747  1.00 31.69  ? 26  HIS A C   1 
ATOM   214 O O   . HIS A 1 30  ? 6.634   7.331   -2.709  1.00 33.15  ? 26  HIS A O   1 
ATOM   215 C CB  . HIS A 1 30  ? 9.824   6.648   -2.887  1.00 34.36  ? 26  HIS A CB  1 
ATOM   216 C CG  . HIS A 1 30  ? 10.990  7.240   -2.175  1.00 35.52  ? 26  HIS A CG  1 
ATOM   217 N ND1 . HIS A 1 30  ? 12.174  6.562   -2.001  1.00 38.63  ? 26  HIS A ND1 1 
ATOM   218 C CD2 . HIS A 1 30  ? 11.151  8.443   -1.577  1.00 39.87  ? 26  HIS A CD2 1 
ATOM   219 C CE1 . HIS A 1 30  ? 13.032  7.337   -1.361  1.00 41.14  ? 26  HIS A CE1 1 
ATOM   220 N NE2 . HIS A 1 30  ? 12.436  8.483   -1.092  1.00 42.10  ? 26  HIS A NE2 1 
ATOM   221 N N   . ILE A 1 31  ? 6.968   5.222   -3.348  1.00 29.80  ? 27  ILE A N   1 
ATOM   222 C CA  . ILE A 1 31  ? 5.690   5.122   -4.041  1.00 29.41  ? 27  ILE A CA  1 
ATOM   223 C C   . ILE A 1 31  ? 4.504   5.185   -3.110  1.00 28.81  ? 27  ILE A C   1 
ATOM   224 O O   . ILE A 1 31  ? 3.524   5.883   -3.379  1.00 29.28  ? 27  ILE A O   1 
ATOM   225 C CB  . ILE A 1 31  ? 5.598   3.825   -4.841  1.00 29.55  ? 27  ILE A CB  1 
ATOM   226 C CG1 . ILE A 1 31  ? 6.554   3.922   -6.021  1.00 32.65  ? 27  ILE A CG1 1 
ATOM   227 C CG2 . ILE A 1 31  ? 4.186   3.613   -5.378  1.00 26.77  ? 27  ILE A CG2 1 
ATOM   228 C CD1 . ILE A 1 31  ? 6.902   2.532   -6.584  1.00 38.73  ? 27  ILE A CD1 1 
ATOM   229 N N   . LEU A 1 32  ? 4.579   4.466   -2.002  1.00 28.14  ? 28  LEU A N   1 
ATOM   230 C CA  . LEU A 1 32  ? 3.557   4.599   -0.964  1.00 27.79  ? 28  LEU A CA  1 
ATOM   231 C C   . LEU A 1 32  ? 3.453   6.015   -0.362  1.00 28.68  ? 28  LEU A C   1 
ATOM   232 O O   . LEU A 1 32  ? 2.343   6.470   -0.057  1.00 28.84  ? 28  LEU A O   1 
ATOM   233 C CB  . LEU A 1 32  ? 3.812   3.618   0.149   1.00 28.30  ? 28  LEU A CB  1 
ATOM   234 C CG  . LEU A 1 32  ? 3.514   2.149   -0.079  1.00 28.16  ? 28  LEU A CG  1 
ATOM   235 C CD1 . LEU A 1 32  ? 4.053   1.410   1.187   1.00 30.48  ? 28  LEU A CD1 1 
ATOM   236 C CD2 . LEU A 1 32  ? 2.042   1.924   -0.237  1.00 27.18  ? 28  LEU A CD2 1 
ATOM   237 N N   . ALA A 1 33  ? 4.575   6.708   -0.191  1.00 29.26  ? 29  ALA A N   1 
ATOM   238 C CA  . ALA A 1 33  ? 4.503   8.106   0.201   1.00 31.26  ? 29  ALA A CA  1 
ATOM   239 C C   . ALA A 1 33  ? 3.596   8.875   -0.743  1.00 31.53  ? 29  ALA A C   1 
ATOM   240 O O   . ALA A 1 33  ? 2.769   9.654   -0.296  1.00 32.30  ? 29  ALA A O   1 
ATOM   241 C CB  . ALA A 1 33  ? 5.880   8.768   0.220   1.00 32.06  ? 29  ALA A CB  1 
ATOM   242 N N   . GLU A 1 34  ? 3.766   8.700   -2.053  1.00 31.66  ? 30  GLU A N   1 
ATOM   243 C CA  . GLU A 1 34  ? 2.894   9.426   -2.978  1.00 32.71  ? 30  GLU A CA  1 
ATOM   244 C C   . GLU A 1 34  ? 1.448   8.938   -2.906  1.00 31.46  ? 30  GLU A C   1 
ATOM   245 O O   . GLU A 1 34  ? 0.529   9.748   -2.972  1.00 32.48  ? 30  GLU A O   1 
ATOM   246 C CB  . GLU A 1 34  ? 3.406   9.369   -4.414  1.00 33.59  ? 30  GLU A CB  1 
ATOM   247 C CG  . GLU A 1 34  ? 4.635   10.245  -4.657  1.00 36.86  ? 30  GLU A CG  1 
ATOM   248 C CD  . GLU A 1 34  ? 4.407   11.722  -4.312  1.00 39.44  ? 30  GLU A CD  1 
ATOM   249 O OE1 . GLU A 1 34  ? 3.414   12.345  -4.787  1.00 41.40  ? 30  GLU A OE1 1 
ATOM   250 O OE2 . GLU A 1 34  ? 5.240   12.255  -3.555  1.00 43.98  ? 30  GLU A OE2 1 
ATOM   251 N N   . ARG A 1 35  ? 1.253   7.634   -2.752  1.00 30.04  ? 31  ARG A N   1 
ATOM   252 C CA  . ARG A 1 35  ? -0.103  7.063   -2.679  1.00 29.58  ? 31  ARG A CA  1 
ATOM   253 C C   . ARG A 1 35  ? -0.848  7.654   -1.504  1.00 30.53  ? 31  ARG A C   1 
ATOM   254 O O   . ARG A 1 35  ? -2.043  7.975   -1.618  1.00 30.83  ? 31  ARG A O   1 
ATOM   255 C CB  . ARG A 1 35  ? -0.045  5.564   -2.476  1.00 29.05  ? 31  ARG A CB  1 
ATOM   256 C CG  . ARG A 1 35  ? -1.371  4.836   -2.799  1.00 29.07  ? 31  ARG A CG  1 
ATOM   257 C CD  . ARG A 1 35  ? -1.319  3.439   -2.272  1.00 26.84  ? 31  ARG A CD  1 
ATOM   258 N NE  . ARG A 1 35  ? -2.425  2.592   -2.700  1.00 31.23  ? 31  ARG A NE  1 
ATOM   259 C CZ  . ARG A 1 35  ? -3.658  2.630   -2.181  1.00 30.07  ? 31  ARG A CZ  1 
ATOM   260 N NH1 . ARG A 1 35  ? -3.996  3.523   -1.258  1.00 31.38  ? 31  ARG A NH1 1 
ATOM   261 N NH2 . ARG A 1 35  ? -4.565  1.790   -2.609  1.00 30.28  ? 31  ARG A NH2 1 
ATOM   262 N N   . PHE A 1 36  ? -0.140  7.800   -0.370  1.00 30.58  ? 32  PHE A N   1 
ATOM   263 C CA  . PHE A 1 36  ? -0.751  8.359   0.830   1.00 31.52  ? 32  PHE A CA  1 
ATOM   264 C C   . PHE A 1 36  ? -0.991  9.878   0.719   1.00 33.33  ? 32  PHE A C   1 
ATOM   265 O O   . PHE A 1 36  ? -1.918  10.401  1.323   1.00 34.75  ? 32  PHE A O   1 
ATOM   266 C CB  . PHE A 1 36  ? 0.037   7.962   2.087   1.00 32.07  ? 32  PHE A CB  1 
ATOM   267 C CG  . PHE A 1 36  ? -0.397  6.643   2.645   1.00 32.36  ? 32  PHE A CG  1 
ATOM   268 C CD1 . PHE A 1 36  ? -1.542  6.559   3.435   1.00 33.31  ? 32  PHE A CD1 1 
ATOM   269 C CD2 . PHE A 1 36  ? 0.250   5.473   2.290   1.00 32.37  ? 32  PHE A CD2 1 
ATOM   270 C CE1 . PHE A 1 36  ? -1.982  5.338   3.919   1.00 32.59  ? 32  PHE A CE1 1 
ATOM   271 C CE2 . PHE A 1 36  ? -0.200  4.232   2.756   1.00 32.41  ? 32  PHE A CE2 1 
ATOM   272 C CZ  . PHE A 1 36  ? -1.310  4.177   3.574   1.00 34.41  ? 32  PHE A CZ  1 
ATOM   273 N N   . ARG A 1 37  ? -0.184  10.580  -0.073  1.00 33.62  ? 33  ARG A N   1 
ATOM   274 C CA  . ARG A 1 37  ? -0.485  11.951  -0.397  1.00 35.32  ? 33  ARG A CA  1 
ATOM   275 C C   . ARG A 1 37  ? -1.827  12.002  -1.117  1.00 34.54  ? 33  ARG A C   1 
ATOM   276 O O   . ARG A 1 37  ? -2.659  12.821  -0.772  1.00 34.86  ? 33  ARG A O   1 
ATOM   277 C CB  . ARG A 1 37  ? 0.632   12.602  -1.218  1.00 37.20  ? 33  ARG A CB  1 
ATOM   278 C CG  . ARG A 1 37  ? 1.654   13.284  -0.311  1.00 42.39  ? 33  ARG A CG  1 
ATOM   279 C CD  . ARG A 1 37  ? 3.099   13.352  -0.876  1.00 46.50  ? 33  ARG A CD  1 
ATOM   280 N NE  . ARG A 1 37  ? 3.248   14.350  -1.946  1.00 49.78  ? 33  ARG A NE  1 
ATOM   281 C CZ  . ARG A 1 37  ? 3.574   15.635  -1.794  1.00 51.80  ? 33  ARG A CZ  1 
ATOM   282 N NH1 . ARG A 1 37  ? 3.792   16.150  -0.595  1.00 56.47  ? 33  ARG A NH1 1 
ATOM   283 N NH2 . ARG A 1 37  ? 3.678   16.420  -2.863  1.00 53.66  ? 33  ARG A NH2 1 
ATOM   284 N N   . CYS A 1 38  ? -2.070  11.087  -2.053  1.00 33.53  ? 34  CYS A N   1 
ATOM   285 C CA  . CYS A 1 38  ? -3.354  11.063  -2.775  1.00 33.46  ? 34  CYS A CA  1 
ATOM   286 C C   . CYS A 1 38  ? -4.498  10.686  -1.898  1.00 32.27  ? 34  CYS A C   1 
ATOM   287 O O   . CYS A 1 38  ? -5.500  11.370  -1.897  1.00 32.63  ? 34  CYS A O   1 
ATOM   288 C CB  . CYS A 1 38  ? -3.342  10.088  -3.940  1.00 33.54  ? 34  CYS A CB  1 
ATOM   289 S SG  . CYS A 1 38  ? -2.422  10.693  -5.282  1.00 38.23  ? 34  CYS A SG  1 
ATOM   290 N N   . THR A 1 39  ? -4.369  9.601   -1.149  1.00 31.52  ? 35  THR A N   1 
ATOM   291 C CA  . THR A 1 39  ? -5.492  9.170   -0.318  1.00 32.01  ? 35  THR A CA  1 
ATOM   292 C C   . THR A 1 39  ? -5.781  10.167  0.774   1.00 33.76  ? 35  THR A C   1 
ATOM   293 O O   . THR A 1 39  ? -6.884  10.190  1.296   1.00 37.16  ? 35  THR A O   1 
ATOM   294 C CB  . THR A 1 39  ? -5.288  7.801   0.319   1.00 31.15  ? 35  THR A CB  1 
ATOM   295 O OG1 . THR A 1 39  ? -4.074  7.798   1.093   1.00 30.61  ? 35  THR A OG1 1 
ATOM   296 C CG2 . THR A 1 39  ? -5.267  6.719   -0.739  1.00 30.38  ? 35  THR A CG2 1 
ATOM   297 N N   . GLN A 1 40  ? -4.817  10.978  1.154   1.00 34.67  ? 36  GLN A N   1 
ATOM   298 C CA  . GLN A 1 40  ? -5.073  12.018  2.154   1.00 37.03  ? 36  GLN A CA  1 
ATOM   299 C C   . GLN A 1 40  ? -5.817  13.181  1.532   1.00 37.70  ? 36  GLN A C   1 
ATOM   300 O O   . GLN A 1 40  ? -6.619  13.834  2.206   1.00 38.92  ? 36  GLN A O   1 
ATOM   301 C CB  . GLN A 1 40  ? -3.765  12.499  2.828   1.00 38.28  ? 36  GLN A CB  1 
ATOM   302 C CG  . GLN A 1 40  ? -3.272  11.521  3.929   1.00 41.36  ? 36  GLN A CG  1 
ATOM   303 C CD  . GLN A 1 40  ? -1.758  11.655  4.320   1.00 46.73  ? 36  GLN A CD  1 
ATOM   304 O OE1 . GLN A 1 40  ? -1.116  12.693  4.090   1.00 51.46  ? 36  GLN A OE1 1 
ATOM   305 N NE2 . GLN A 1 40  ? -1.213  10.602  4.928   1.00 44.56  ? 36  GLN A NE2 1 
ATOM   306 N N   . ALA A 1 41  ? -5.551  13.450  0.253   1.00 36.61  ? 37  ALA A N   1 
ATOM   307 C CA  . ALA A 1 41  ? -6.320  14.442  -0.466  1.00 37.71  ? 37  ALA A CA  1 
ATOM   308 C C   . ALA A 1 41  ? -7.766  13.927  -0.634  1.00 37.52  ? 37  ALA A C   1 
ATOM   309 O O   . ALA A 1 41  ? -8.708  14.690  -0.479  1.00 39.50  ? 37  ALA A O   1 
ATOM   310 C CB  . ALA A 1 41  ? -5.667  14.799  -1.802  1.00 37.62  ? 37  ALA A CB  1 
ATOM   311 N N   . ILE A 1 42  ? -7.947  12.629  -0.848  1.00 36.50  ? 38  ILE A N   1 
ATOM   312 C CA  . ILE A 1 42  ? -9.295  12.037  -0.862  1.00 36.46  ? 38  ILE A CA  1 
ATOM   313 C C   . ILE A 1 42  ? -9.939  12.156  0.510   1.00 38.05  ? 38  ILE A C   1 
ATOM   314 O O   . ILE A 1 42  ? -11.109 12.491  0.604   1.00 39.39  ? 38  ILE A O   1 
ATOM   315 C CB  . ILE A 1 42  ? -9.311  10.550  -1.341  1.00 35.22  ? 38  ILE A CB  1 
ATOM   316 C CG1 . ILE A 1 42  ? -8.920  10.477  -2.824  1.00 34.69  ? 38  ILE A CG1 1 
ATOM   317 C CG2 . ILE A 1 42  ? -10.718 9.897   -1.116  1.00 33.37  ? 38  ILE A CG2 1 
ATOM   318 C CD1 . ILE A 1 42  ? -8.757  9.041   -3.370  1.00 32.24  ? 38  ILE A CD1 1 
ATOM   319 N N   . GLY A 1 43  ? -9.186  11.903  1.580   1.00 38.52  ? 39  GLY A N   1 
ATOM   320 C CA  . GLY A 1 43  ? -9.750  12.010  2.944   1.00 40.36  ? 39  GLY A CA  1 
ATOM   321 C C   . GLY A 1 43  ? -10.322 13.392  3.273   1.00 42.97  ? 39  GLY A C   1 
ATOM   322 O O   . GLY A 1 43  ? -11.401 13.510  3.898   1.00 45.20  ? 39  GLY A O   1 
ATOM   323 N N   . ARG A 1 44  ? -9.622  14.437  2.844   1.00 43.44  ? 40  ARG A N   1 
ATOM   324 C CA  . ARG A 1 44  ? -10.039 15.822  3.110   1.00 46.70  ? 40  ARG A CA  1 
ATOM   325 C C   . ARG A 1 44  ? -11.334 16.148  2.327   1.00 47.32  ? 40  ARG A C   1 
ATOM   326 O O   . ARG A 1 44  ? -12.287 16.729  2.856   1.00 48.30  ? 40  ARG A O   1 
ATOM   327 C CB  . ARG A 1 44  ? -8.909  16.817  2.757   1.00 47.44  ? 40  ARG A CB  1 
ATOM   328 C CG  . ARG A 1 44  ? -7.666  16.716  3.693   1.00 49.92  ? 40  ARG A CG  1 
ATOM   329 C CD  . ARG A 1 44  ? -6.699  17.906  3.546   1.00 53.49  ? 40  ARG A CD  1 
ATOM   330 N NE  . ARG A 1 44  ? -6.021  17.840  2.248   1.00 55.95  ? 40  ARG A NE  1 
ATOM   331 C CZ  . ARG A 1 44  ? -4.922  17.108  1.981   1.00 56.12  ? 40  ARG A CZ  1 
ATOM   332 N NH1 . ARG A 1 44  ? -4.342  16.354  2.921   1.00 55.40  ? 40  ARG A NH1 1 
ATOM   333 N NH2 . ARG A 1 44  ? -4.403  17.120  0.753   1.00 54.51  ? 40  ARG A NH2 1 
ATOM   334 N N   . LEU A 1 45  ? -11.336 15.734  1.071   1.00 46.26  ? 41  LEU A N   1 
ATOM   335 C CA  . LEU A 1 45  ? -12.477 15.876  0.202   1.00 47.31  ? 41  LEU A CA  1 
ATOM   336 C C   . LEU A 1 45  ? -13.685 15.121  0.795   1.00 47.79  ? 41  LEU A C   1 
ATOM   337 O O   . LEU A 1 45  ? -14.780 15.680  0.955   1.00 48.11  ? 41  LEU A O   1 
ATOM   338 C CB  . LEU A 1 45  ? -12.083 15.346  -1.176  1.00 46.42  ? 41  LEU A CB  1 
ATOM   339 C CG  . LEU A 1 45  ? -12.389 16.194  -2.410  1.00 50.06  ? 41  LEU A CG  1 
ATOM   340 C CD1 . LEU A 1 45  ? -11.932 17.692  -2.279  1.00 52.33  ? 41  LEU A CD1 1 
ATOM   341 C CD2 . LEU A 1 45  ? -11.769 15.520  -3.612  1.00 48.99  ? 41  LEU A CD2 1 
ATOM   342 N N   . LYS A 1 46  ? -13.480 13.864  1.176   1.00 46.99  ? 42  LYS A N   1 
ATOM   343 C CA  . LYS A 1 46  ? -14.584 13.088  1.755   1.00 48.07  ? 42  LYS A CA  1 
ATOM   344 C C   . LYS A 1 46  ? -15.092 13.775  3.008   1.00 50.51  ? 42  LYS A C   1 
ATOM   345 O O   . LYS A 1 46  ? -16.289 13.889  3.188   1.00 53.55  ? 42  LYS A O   1 
ATOM   346 C CB  . LYS A 1 46  ? -14.175 11.649  2.087   1.00 46.95  ? 42  LYS A CB  1 
ATOM   347 C CG  . LYS A 1 46  ? -13.955 10.720  0.862   1.00 45.61  ? 42  LYS A CG  1 
ATOM   348 C CD  . LYS A 1 46  ? -13.680 9.301   1.337   1.00 45.99  ? 42  LYS A CD  1 
ATOM   349 C CE  . LYS A 1 46  ? -13.590 8.320   0.208   1.00 46.46  ? 42  LYS A CE  1 
ATOM   350 N NZ  . LYS A 1 46  ? -13.637 6.906   0.741   1.00 48.74  ? 42  LYS A NZ  1 
ATOM   351 N N   . ALA A 1 47  ? -14.199 14.242  3.875   1.00 50.71  ? 43  ALA A N   1 
ATOM   352 C CA  . ALA A 1 47  ? -14.621 14.890  5.117   1.00 52.70  ? 43  ALA A CA  1 
ATOM   353 C C   . ALA A 1 47  ? -15.379 16.213  4.897   1.00 54.75  ? 43  ALA A C   1 
ATOM   354 O O   . ALA A 1 47  ? -16.377 16.491  5.603   1.00 56.29  ? 43  ALA A O   1 
ATOM   355 C CB  . ALA A 1 47  ? -13.434 15.101  6.052   1.00 53.07  ? 43  ALA A CB  1 
ATOM   356 N N   . ARG A 1 48  ? -14.934 17.028  3.939   1.00 54.39  ? 44  ARG A N   1 
ATOM   357 C CA  . ARG A 1 48  ? -15.598 18.311  3.709   1.00 56.97  ? 44  ARG A CA  1 
ATOM   358 C C   . ARG A 1 48  ? -17.049 18.054  3.232   1.00 57.96  ? 44  ARG A C   1 
ATOM   359 O O   . ARG A 1 48  ? -17.985 18.727  3.670   1.00 60.22  ? 44  ARG A O   1 
ATOM   360 C CB  . ARG A 1 48  ? -14.800 19.234  2.756   1.00 56.55  ? 44  ARG A CB  1 
ATOM   361 N N   . TYR A 1 49  ? -17.236 17.040  2.393   1.00 57.16  ? 45  TYR A N   1 
ATOM   362 C CA  . TYR A 1 49  ? -18.524 16.805  1.729   1.00 58.49  ? 45  TYR A CA  1 
ATOM   363 C C   . TYR A 1 49  ? -19.262 15.588  2.254   1.00 58.85  ? 45  TYR A C   1 
ATOM   364 O O   . TYR A 1 49  ? -20.137 15.063  1.587   1.00 59.29  ? 45  TYR A O   1 
ATOM   365 C CB  . TYR A 1 49  ? -18.313 16.743  0.215   1.00 57.32  ? 45  TYR A CB  1 
ATOM   366 C CG  . TYR A 1 49  ? -17.599 17.985  -0.248  1.00 60.31  ? 45  TYR A CG  1 
ATOM   367 C CD1 . TYR A 1 49  ? -18.224 19.234  -0.184  1.00 65.67  ? 45  TYR A CD1 1 
ATOM   368 C CD2 . TYR A 1 49  ? -16.284 17.942  -0.679  1.00 61.24  ? 45  TYR A CD2 1 
ATOM   369 C CE1 . TYR A 1 49  ? -17.552 20.420  -0.573  1.00 68.07  ? 45  TYR A CE1 1 
ATOM   370 C CE2 . TYR A 1 49  ? -15.605 19.113  -1.069  1.00 64.13  ? 45  TYR A CE2 1 
ATOM   371 C CZ  . TYR A 1 49  ? -16.245 20.341  -1.015  1.00 67.17  ? 45  TYR A CZ  1 
ATOM   372 O OH  . TYR A 1 49  ? -15.577 21.484  -1.402  1.00 70.96  ? 45  TYR A OH  1 
ATOM   373 N N   . ASN A 1 50  ? -18.927 15.186  3.479   1.00 59.81  ? 46  ASN A N   1 
ATOM   374 C CA  . ASN A 1 50  ? -19.626 14.122  4.210   1.00 61.73  ? 46  ASN A CA  1 
ATOM   375 C C   . ASN A 1 50  ? -19.715 12.767  3.491   1.00 61.38  ? 46  ASN A C   1 
ATOM   376 O O   . ASN A 1 50  ? -20.736 12.087  3.583   1.00 63.40  ? 46  ASN A O   1 
ATOM   377 C CB  . ASN A 1 50  ? -21.025 14.592  4.616   1.00 64.42  ? 46  ASN A CB  1 
ATOM   378 C CG  . ASN A 1 50  ? -21.677 13.687  5.654   1.00 66.79  ? 46  ASN A CG  1 
ATOM   379 O OD1 . ASN A 1 50  ? -21.002 13.127  6.514   1.00 67.92  ? 46  ASN A OD1 1 
ATOM   380 N ND2 . ASN A 1 50  ? -22.997 13.546  5.579   1.00 67.97  ? 46  ASN A ND2 1 
ATOM   381 N N   . LEU A 1 51  ? -18.651 12.379  2.786   1.00 60.67  ? 47  LEU A N   1 
ATOM   382 C CA  . LEU A 1 51  ? -18.572 11.043  2.175   1.00 59.58  ? 47  LEU A CA  1 
ATOM   383 C C   . LEU A 1 51  ? -17.961 10.043  3.156   1.00 59.62  ? 47  LEU A C   1 
ATOM   384 O O   . LEU A 1 51  ? -17.086 10.379  3.957   1.00 59.18  ? 47  LEU A O   1 
ATOM   385 C CB  . LEU A 1 51  ? -17.757 11.055  0.880   1.00 56.99  ? 47  LEU A CB  1 
ATOM   386 C CG  . LEU A 1 51  ? -18.225 11.962  -0.263  1.00 57.43  ? 47  LEU A CG  1 
ATOM   387 C CD1 . LEU A 1 51  ? -17.203 11.910  -1.392  1.00 53.90  ? 47  LEU A CD1 1 
ATOM   388 C CD2 . LEU A 1 51  ? -19.595 11.541  -0.760  1.00 59.74  ? 47  LEU A CD2 1 
ATOM   389 N N   . PRO A 1 52  ? -18.402 8.788   3.081   1.00 60.88  ? 48  PRO A N   1 
ATOM   390 C CA  . PRO A 1 52  ? -17.994 7.823   4.099   1.00 60.72  ? 48  PRO A CA  1 
ATOM   391 C C   . PRO A 1 52  ? -16.593 7.285   3.812   1.00 56.54  ? 48  PRO A C   1 
ATOM   392 O O   . PRO A 1 52  ? -16.174 7.251   2.654   1.00 53.80  ? 48  PRO A O   1 
ATOM   393 C CB  . PRO A 1 52  ? -19.046 6.729   3.935   1.00 63.10  ? 48  PRO A CB  1 
ATOM   394 C CG  . PRO A 1 52  ? -19.215 6.674   2.387   1.00 62.69  ? 48  PRO A CG  1 
ATOM   395 C CD  . PRO A 1 52  ? -18.994 8.115   1.905   1.00 61.38  ? 48  PRO A CD  1 
ATOM   396 N N   . ALA A 1 53  ? -15.888 6.896   4.876   1.00 55.90  ? 49  ALA A N   1 
ATOM   397 C CA  . ALA A 1 53  ? -14.554 6.312   4.787   1.00 52.81  ? 49  ALA A CA  1 
ATOM   398 C C   . ALA A 1 53  ? -14.547 5.048   3.938   1.00 51.14  ? 49  ALA A C   1 
ATOM   399 O O   . ALA A 1 53  ? -13.733 4.916   3.014   1.00 48.94  ? 49  ALA A O   1 
ATOM   400 C CB  . ALA A 1 53  ? -14.011 5.999   6.176   1.00 53.87  ? 49  ALA A CB  1 
ATOM   401 N N   . VAL A 1 54  ? -15.442 4.117   4.248   1.00 52.65  ? 50  VAL A N   1 
ATOM   402 C CA  . VAL A 1 54  ? -15.540 2.879   3.475   1.00 51.95  ? 50  VAL A CA  1 
ATOM   403 C C   . VAL A 1 54  ? -16.521 3.068   2.323   1.00 52.23  ? 50  VAL A C   1 
ATOM   404 O O   . VAL A 1 54  ? -17.710 3.360   2.512   1.00 55.03  ? 50  VAL A O   1 
ATOM   405 C CB  . VAL A 1 54  ? -15.967 1.675   4.329   1.00 54.58  ? 50  VAL A CB  1 
ATOM   406 C CG1 . VAL A 1 54  ? -15.902 0.394   3.481   1.00 53.62  ? 50  VAL A CG1 1 
ATOM   407 C CG2 . VAL A 1 54  ? -15.082 1.567   5.585   1.00 55.03  ? 50  VAL A CG2 1 
ATOM   408 N N   . ASP A 1 55  ? -15.993 2.897   1.126   1.00 50.28  ? 51  ASP A N   1 
ATOM   409 C CA  . ASP A 1 55  ? -16.731 3.040   -0.118  1.00 50.82  ? 51  ASP A CA  1 
ATOM   410 C C   . ASP A 1 55  ? -16.720 1.658   -0.809  1.00 50.02  ? 51  ASP A C   1 
ATOM   411 O O   . ASP A 1 55  ? -15.808 1.353   -1.572  1.00 47.11  ? 51  ASP A O   1 
ATOM   412 C CB  . ASP A 1 55  ? -15.992 4.094   -0.936  1.00 49.61  ? 51  ASP A CB  1 
ATOM   413 C CG  . ASP A 1 55  ? -16.728 4.522   -2.176  1.00 52.41  ? 51  ASP A CG  1 
ATOM   414 O OD1 . ASP A 1 55  ? -17.438 3.693   -2.787  1.00 55.85  ? 51  ASP A OD1 1 
ATOM   415 O OD2 . ASP A 1 55  ? -16.547 5.712   -2.544  1.00 56.52  ? 51  ASP A OD2 1 
ATOM   416 N N   . PRO A 1 56  ? -17.721 0.805   -0.516  1.00 52.02  ? 52  PRO A N   1 
ATOM   417 C CA  . PRO A 1 56  ? -17.619 -0.615  -0.900  1.00 52.54  ? 52  PRO A CA  1 
ATOM   418 C C   . PRO A 1 56  ? -17.465 -0.879  -2.400  1.00 51.96  ? 52  PRO A C   1 
ATOM   419 O O   . PRO A 1 56  ? -16.677 -1.754  -2.774  1.00 51.57  ? 52  PRO A O   1 
ATOM   420 C CB  . PRO A 1 56  ? -18.914 -1.253  -0.363  1.00 56.51  ? 52  PRO A CB  1 
ATOM   421 C CG  . PRO A 1 56  ? -19.745 -0.163  0.214   1.00 57.89  ? 52  PRO A CG  1 
ATOM   422 C CD  . PRO A 1 56  ? -19.049 1.160   0.011   1.00 55.47  ? 52  PRO A CD  1 
ATOM   423 N N   . LEU A 1 57  ? -18.196 -0.148  -3.244  1.00 52.67  ? 53  LEU A N   1 
ATOM   424 C CA  . LEU A 1 57  ? -18.058 -0.288  -4.702  1.00 52.32  ? 53  LEU A CA  1 
ATOM   425 C C   . LEU A 1 57  ? -16.651 0.065   -5.167  1.00 48.74  ? 53  LEU A C   1 
ATOM   426 O O   . LEU A 1 57  ? -16.124 -0.580  -6.056  1.00 48.76  ? 53  LEU A O   1 
ATOM   427 C CB  . LEU A 1 57  ? -19.092 0.557   -5.468  1.00 54.07  ? 53  LEU A CB  1 
ATOM   428 C CG  . LEU A 1 57  ? -20.516 0.014   -5.522  1.00 59.55  ? 53  LEU A CG  1 
ATOM   429 C CD1 . LEU A 1 57  ? -21.432 0.910   -6.412  1.00 62.27  ? 53  LEU A CD1 1 
ATOM   430 C CD2 . LEU A 1 57  ? -20.598 -1.467  -5.972  1.00 60.10  ? 53  LEU A CD2 1 
ATOM   431 N N   . ARG A 1 58  ? -16.045 1.087   -4.576  1.00 46.75  ? 54  ARG A N   1 
ATOM   432 C CA  . ARG A 1 58  ? -14.641 1.439   -4.892  1.00 44.30  ? 54  ARG A CA  1 
ATOM   433 C C   . ARG A 1 58  ? -13.666 0.300   -4.496  1.00 43.72  ? 54  ARG A C   1 
ATOM   434 O O   . ARG A 1 58  ? -12.831 -0.131  -5.303  1.00 43.13  ? 54  ARG A O   1 
ATOM   435 C CB  . ARG A 1 58  ? -14.279 2.771   -4.211  1.00 42.66  ? 54  ARG A CB  1 
ATOM   436 C CG  . ARG A 1 58  ? -12.808 3.166   -4.226  1.00 40.27  ? 54  ARG A CG  1 
ATOM   437 C CD  . ARG A 1 58  ? -12.264 3.400   -5.629  1.00 38.86  ? 54  ARG A CD  1 
ATOM   438 N NE  . ARG A 1 58  ? -10.857 3.785   -5.549  1.00 37.90  ? 54  ARG A NE  1 
ATOM   439 C CZ  . ARG A 1 58  ? -9.954  3.660   -6.519  1.00 37.38  ? 54  ARG A CZ  1 
ATOM   440 N NH1 . ARG A 1 58  ? -10.286 3.182   -7.717  1.00 37.59  ? 54  ARG A NH1 1 
ATOM   441 N NH2 . ARG A 1 58  ? -8.704  4.053   -6.298  1.00 36.58  ? 54  ARG A NH2 1 
ATOM   442 N N   . GLU A 1 59  ? -13.815 -0.195  -3.268  1.00 44.85  ? 55  GLU A N   1 
ATOM   443 C CA  . GLU A 1 59  ? -12.961 -1.249  -2.693  1.00 44.74  ? 55  GLU A CA  1 
ATOM   444 C C   . GLU A 1 59  ? -13.015 -2.472  -3.583  1.00 44.64  ? 55  GLU A C   1 
ATOM   445 O O   . GLU A 1 59  ? -11.993 -3.062  -3.905  1.00 43.32  ? 55  GLU A O   1 
ATOM   446 C CB  . GLU A 1 59  ? -13.455 -1.642  -1.282  1.00 46.90  ? 55  GLU A CB  1 
ATOM   447 C CG  . GLU A 1 59  ? -12.482 -1.492  -0.097  1.00 50.23  ? 55  GLU A CG  1 
ATOM   448 C CD  . GLU A 1 59  ? -12.809 -0.299  0.901   1.00 56.18  ? 55  GLU A CD  1 
ATOM   449 O OE1 . GLU A 1 59  ? -12.778 0.927   0.515   1.00 55.41  ? 55  GLU A OE1 1 
ATOM   450 O OE2 . GLU A 1 59  ? -13.059 -0.625  2.106   1.00 60.74  ? 55  GLU A OE2 1 
ATOM   451 N N   . GLN A 1 60  ? -14.227 -2.836  -3.982  1.00 46.75  ? 56  GLN A N   1 
ATOM   452 C CA  . GLN A 1 60  ? -14.465 -4.029  -4.791  1.00 48.41  ? 56  GLN A CA  1 
ATOM   453 C C   . GLN A 1 60  ? -13.780 -3.943  -6.133  1.00 46.92  ? 56  GLN A C   1 
ATOM   454 O O   . GLN A 1 60  ? -13.239 -4.936  -6.618  1.00 47.73  ? 56  GLN A O   1 
ATOM   455 C CB  . GLN A 1 60  ? -15.937 -4.196  -5.103  1.00 52.02  ? 56  GLN A CB  1 
ATOM   456 C CG  . GLN A 1 60  ? -16.711 -5.071  -4.192  1.00 56.62  ? 56  GLN A CG  1 
ATOM   457 C CD  . GLN A 1 60  ? -18.218 -4.981  -4.500  1.00 63.58  ? 56  GLN A CD  1 
ATOM   458 O OE1 . GLN A 1 60  ? -19.013 -4.710  -3.595  1.00 66.88  ? 56  GLN A OE1 1 
ATOM   459 N NE2 . GLN A 1 60  ? -18.605 -5.174  -5.786  1.00 64.23  ? 56  GLN A NE2 1 
ATOM   460 N N   . TYR A 1 61  ? -13.870 -2.773  -6.760  1.00 45.04  ? 57  TYR A N   1 
ATOM   461 C CA  . TYR A 1 61  ? -13.210 -2.532  -8.044  1.00 43.90  ? 57  TYR A CA  1 
ATOM   462 C C   . TYR A 1 61  ? -11.678 -2.644  -7.909  1.00 40.40  ? 57  TYR A C   1 
ATOM   463 O O   . TYR A 1 61  ? -11.015 -3.284  -8.712  1.00 39.98  ? 57  TYR A O   1 
ATOM   464 C CB  . TYR A 1 61  ? -13.614 -1.136  -8.587  1.00 44.21  ? 57  TYR A CB  1 
ATOM   465 C CG  . TYR A 1 61  ? -12.777 -0.653  -9.758  1.00 44.45  ? 57  TYR A CG  1 
ATOM   466 C CD1 . TYR A 1 61  ? -13.018 -1.110  -11.067 1.00 46.72  ? 57  TYR A CD1 1 
ATOM   467 C CD2 . TYR A 1 61  ? -11.727 0.246   -9.560  1.00 41.71  ? 57  TYR A CD2 1 
ATOM   468 C CE1 . TYR A 1 61  ? -12.225 -0.665  -12.150 1.00 47.72  ? 57  TYR A CE1 1 
ATOM   469 C CE2 . TYR A 1 61  ? -10.932 0.675   -10.627 1.00 42.61  ? 57  TYR A CE2 1 
ATOM   470 C CZ  . TYR A 1 61  ? -11.182 0.222   -11.909 1.00 45.43  ? 57  TYR A CZ  1 
ATOM   471 O OH  . TYR A 1 61  ? -10.401 0.679   -12.942 1.00 47.60  ? 57  TYR A OH  1 
ATOM   472 N N   . GLN A 1 62  ? -11.132 -2.010  -6.884  1.00 37.90  ? 58  GLN A N   1 
ATOM   473 C CA  . GLN A 1 62  ? -9.680  -1.973  -6.715  1.00 36.02  ? 58  GLN A CA  1 
ATOM   474 C C   . GLN A 1 62  ? -9.165  -3.409  -6.553  1.00 36.32  ? 58  GLN A C   1 
ATOM   475 O O   . GLN A 1 62  ? -8.154  -3.768  -7.110  1.00 35.62  ? 58  GLN A O   1 
ATOM   476 C CB  . GLN A 1 62  ? -9.280  -1.140  -5.493  1.00 34.20  ? 58  GLN A CB  1 
ATOM   477 C CG  . GLN A 1 62  ? -9.591  0.353   -5.498  1.00 32.94  ? 58  GLN A CG  1 
ATOM   478 C CD  . GLN A 1 62  ? -9.098  1.024   -4.228  1.00 31.21  ? 58  GLN A CD  1 
ATOM   479 O OE1 . GLN A 1 62  ? -7.921  1.364   -4.128  1.00 34.46  ? 58  GLN A OE1 1 
ATOM   480 N NE2 . GLN A 1 62  ? -9.975  1.205   -3.251  1.00 30.42  ? 58  GLN A NE2 1 
ATOM   481 N N   . ILE A 1 63  ? -9.902  -4.231  -5.821  1.00 37.85  ? 59  ILE A N   1 
ATOM   482 C CA  . ILE A 1 63  ? -9.506  -5.600  -5.574  1.00 38.83  ? 59  ILE A CA  1 
ATOM   483 C C   . ILE A 1 63  ? -9.602  -6.454  -6.841  1.00 41.24  ? 59  ILE A C   1 
ATOM   484 O O   . ILE A 1 63  ? -8.649  -7.179  -7.140  1.00 41.77  ? 59  ILE A O   1 
ATOM   485 C CB  . ILE A 1 63  ? -10.341 -6.246  -4.439  1.00 40.56  ? 59  ILE A CB  1 
ATOM   486 C CG1 . ILE A 1 63  ? -9.920  -5.673  -3.082  1.00 40.82  ? 59  ILE A CG1 1 
ATOM   487 C CG2 . ILE A 1 63  ? -10.159 -7.764  -4.422  1.00 41.28  ? 59  ILE A CG2 1 
ATOM   488 C CD1 . ILE A 1 63  ? -10.931 -5.978  -1.963  1.00 43.19  ? 59  ILE A CD1 1 
ATOM   489 N N   . LYS A 1 64  ? -10.723 -6.391  -7.575  1.00 42.72  ? 60  LYS A N   1 
ATOM   490 C CA  . LYS A 1 64  ? -10.873 -7.224  -8.773  1.00 45.58  ? 60  LYS A CA  1 
ATOM   491 C C   . LYS A 1 64  ? -9.784  -6.833  -9.762  1.00 44.74  ? 60  LYS A C   1 
ATOM   492 O O   . LYS A 1 64  ? -9.122  -7.688  -10.337 1.00 45.58  ? 60  LYS A O   1 
ATOM   493 C CB  . LYS A 1 64  ? -12.299 -7.173  -9.423  1.00 47.67  ? 60  LYS A CB  1 
ATOM   494 N N   . ARG A 1 65  ? -9.582  -5.529  -9.920  1.00 44.05  ? 61  ARG A N   1 
ATOM   495 C CA  . ARG A 1 65  ? -8.598  -5.015  -10.867 1.00 44.05  ? 61  ARG A CA  1 
ATOM   496 C C   . ARG A 1 65  ? -7.186  -5.463  -10.514 1.00 42.26  ? 61  ARG A C   1 
ATOM   497 O O   . ARG A 1 65  ? -6.452  -5.926  -11.359 1.00 43.37  ? 61  ARG A O   1 
ATOM   498 C CB  . ARG A 1 65  ? -8.680  -3.505  -10.905 1.00 43.17  ? 61  ARG A CB  1 
ATOM   499 C CG  . ARG A 1 65  ? -7.700  -2.843  -11.850 1.00 46.23  ? 61  ARG A CG  1 
ATOM   500 C CD  . ARG A 1 65  ? -7.682  -1.330  -11.617 1.00 47.92  ? 61  ARG A CD  1 
ATOM   501 N NE  . ARG A 1 65  ? -6.524  -0.668  -12.217 1.00 48.35  ? 61  ARG A NE  1 
ATOM   502 C CZ  . ARG A 1 65  ? -5.383  -0.398  -11.580 1.00 49.79  ? 61  ARG A CZ  1 
ATOM   503 N NH1 . ARG A 1 65  ? -5.167  -0.710  -10.265 1.00 43.87  ? 61  ARG A NH1 1 
ATOM   504 N NH2 . ARG A 1 65  ? -4.433  0.226   -12.279 1.00 52.80  ? 61  ARG A NH2 1 
ATOM   505 N N   . LEU A 1 66  ? -6.814  -5.359  -9.259  1.00 40.44  ? 62  LEU A N   1 
ATOM   506 C CA  . LEU A 1 66  ? -5.460  -5.707  -8.890  1.00 39.77  ? 62  LEU A CA  1 
ATOM   507 C C   . LEU A 1 66  ? -5.241  -7.214  -9.000  1.00 41.31  ? 62  LEU A C   1 
ATOM   508 O O   . LEU A 1 66  ? -4.165  -7.674  -9.373  1.00 40.87  ? 62  LEU A O   1 
ATOM   509 C CB  . LEU A 1 66  ? -5.114  -5.182  -7.490  1.00 37.75  ? 62  LEU A CB  1 
ATOM   510 C CG  . LEU A 1 66  ? -3.611  -4.958  -7.274  1.00 37.40  ? 62  LEU A CG  1 
ATOM   511 C CD1 . LEU A 1 66  ? -3.090  -3.870  -8.253  1.00 37.65  ? 62  LEU A CD1 1 
ATOM   512 C CD2 . LEU A 1 66  ? -3.306  -4.580  -5.828  1.00 33.97  ? 62  LEU A CD2 1 
ATOM   513 N N   . ARG A 1 67  ? -6.272  -7.984  -8.689  1.00 43.13  ? 63  ARG A N   1 
ATOM   514 C CA  . ARG A 1 67  ? -6.175  -9.418  -8.859  1.00 44.97  ? 63  ARG A CA  1 
ATOM   515 C C   . ARG A 1 67  ? -5.919  -9.768  -10.333 1.00 47.26  ? 63  ARG A C   1 
ATOM   516 O O   . ARG A 1 67  ? -5.024  -10.583 -10.613 1.00 47.49  ? 63  ARG A O   1 
ATOM   517 C CB  . ARG A 1 67  ? -7.420  -10.117 -8.316  1.00 46.58  ? 63  ARG A CB  1 
ATOM   518 C CG  . ARG A 1 67  ? -7.439  -10.227 -6.791  1.00 45.69  ? 63  ARG A CG  1 
ATOM   519 C CD  . ARG A 1 67  ? -8.734  -10.905 -6.320  1.00 47.96  ? 63  ARG A CD  1 
ATOM   520 N NE  . ARG A 1 67  ? -8.720  -12.316 -6.657  1.00 50.54  ? 63  ARG A NE  1 
ATOM   521 C CZ  . ARG A 1 67  ? -8.239  -13.297 -5.889  1.00 52.09  ? 63  ARG A CZ  1 
ATOM   522 N NH1 . ARG A 1 67  ? -7.767  -13.060 -4.669  1.00 50.36  ? 63  ARG A NH1 1 
ATOM   523 N NH2 . ARG A 1 67  ? -8.276  -14.546 -6.341  1.00 54.33  ? 63  ARG A NH2 1 
ATOM   524 N N   . LYS A 1 68  ? -6.663  -9.146  -11.261 1.00 48.83  ? 64  LYS A N   1 
ATOM   525 C CA  . LYS A 1 68  ? -6.517  -9.480  -12.692 1.00 52.45  ? 64  LYS A CA  1 
ATOM   526 C C   . LYS A 1 68  ? -5.114  -9.120  -13.129 1.00 52.28  ? 64  LYS A C   1 
ATOM   527 O O   . LYS A 1 68  ? -4.442  -9.913  -13.774 1.00 53.89  ? 64  LYS A O   1 
ATOM   528 C CB  . LYS A 1 68  ? -7.569  -8.799  -13.603 1.00 54.01  ? 64  LYS A CB  1 
ATOM   529 N N   . LEU A 1 69  ? -4.659  -7.936  -12.742 1.00 51.48  ? 65  LEU A N   1 
ATOM   530 C CA  . LEU A 1 69  ? -3.321  -7.452  -13.140 1.00 52.24  ? 65  LEU A CA  1 
ATOM   531 C C   . LEU A 1 69  ? -2.201  -8.289  -12.517 1.00 51.69  ? 65  LEU A C   1 
ATOM   532 O O   . LEU A 1 69  ? -1.191  -8.538  -13.166 1.00 53.29  ? 65  LEU A O   1 
ATOM   533 C CB  . LEU A 1 69  ? -3.142  -5.949  -12.824 1.00 50.79  ? 65  LEU A CB  1 
ATOM   534 C CG  . LEU A 1 69  ? -4.146  -4.971  -13.512 1.00 54.93  ? 65  LEU A CG  1 
ATOM   535 C CD1 . LEU A 1 69  ? -3.923  -3.468  -13.099 1.00 53.56  ? 65  LEU A CD1 1 
ATOM   536 C CD2 . LEU A 1 69  ? -4.227  -5.111  -15.079 1.00 59.02  ? 65  LEU A CD2 1 
ATOM   537 N N   . ALA A 1 70  ? -2.406  -8.751  -11.288 1.00 50.67  ? 66  ALA A N   1 
ATOM   538 C CA  . ALA A 1 70  ? -1.487  -9.674  -10.636 1.00 50.85  ? 66  ALA A CA  1 
ATOM   539 C C   . ALA A 1 70  ? -1.355  -10.997 -11.407 1.00 54.22  ? 66  ALA A C   1 
ATOM   540 O O   . ALA A 1 70  ? -0.240  -11.477 -11.630 1.00 54.93  ? 66  ALA A O   1 
ATOM   541 C CB  . ALA A 1 70  ? -1.927  -9.938  -9.202  1.00 49.42  ? 66  ALA A CB  1 
ATOM   542 N N   . ILE A 1 71  ? -2.477  -11.594 -11.807 1.00 56.68  ? 67  ILE A N   1 
ATOM   543 C CA  . ILE A 1 71  ? -2.425  -12.834 -12.585 1.00 60.41  ? 67  ILE A CA  1 
ATOM   544 C C   . ILE A 1 71  ? -1.673  -12.599 -13.900 1.00 63.16  ? 67  ILE A C   1 
ATOM   545 O O   . ILE A 1 71  ? -0.839  -13.405 -14.306 1.00 64.78  ? 67  ILE A O   1 
ATOM   546 C CB  . ILE A 1 71  ? -3.828  -13.426 -12.881 1.00 62.47  ? 67  ILE A CB  1 
ATOM   547 C CG1 . ILE A 1 71  ? -4.482  -13.933 -11.585 1.00 61.64  ? 67  ILE A CG1 1 
ATOM   548 C CG2 . ILE A 1 71  ? -3.718  -14.593 -13.872 1.00 65.71  ? 67  ILE A CG2 1 
ATOM   549 C CD1 . ILE A 1 71  ? -5.961  -14.277 -11.693 1.00 61.96  ? 67  ILE A CD1 1 
ATOM   550 N N   . ASP A 1 72  ? -1.959  -11.475 -14.541 1.00 64.32  ? 68  ASP A N   1 
ATOM   551 C CA  . ASP A 1 72  ? -1.297  -11.112 -15.793 1.00 67.40  ? 68  ASP A CA  1 
ATOM   552 C C   . ASP A 1 72  ? 0.236   -10.898 -15.606 1.00 66.66  ? 68  ASP A C   1 
ATOM   553 O O   . ASP A 1 72  ? 1.009   -11.094 -16.537 1.00 69.26  ? 68  ASP A O   1 
ATOM   554 C CB  . ASP A 1 72  ? -1.996  -9.879  -16.428 1.00 67.98  ? 68  ASP A CB  1 
ATOM   555 C CG  . ASP A 1 72  ? -3.490  -10.154 -16.832 1.00 72.01  ? 68  ASP A CG  1 
ATOM   556 O OD1 . ASP A 1 72  ? -4.049  -11.247 -16.537 1.00 74.73  ? 68  ASP A OD1 1 
ATOM   557 O OD2 . ASP A 1 72  ? -4.119  -9.261  -17.459 1.00 74.88  ? 68  ASP A OD2 1 
ATOM   558 N N   . THR A 1 73  ? 0.667   -10.527 -14.402 1.00 64.26  ? 69  THR A N   1 
ATOM   559 C CA  . THR A 1 73  ? 2.114   -10.404 -14.060 1.00 63.91  ? 69  THR A CA  1 
ATOM   560 C C   . THR A 1 73  ? 2.742   -11.687 -13.468 1.00 63.72  ? 69  THR A C   1 
ATOM   561 O O   . THR A 1 73  ? 3.877   -11.643 -12.981 1.00 63.54  ? 69  THR A O   1 
ATOM   562 C CB  . THR A 1 73  ? 2.339   -9.251  -13.016 1.00 61.26  ? 69  THR A CB  1 
ATOM   563 O OG1 . THR A 1 73  ? 1.887   -8.018  -13.574 1.00 61.55  ? 69  THR A OG1 1 
ATOM   564 C CG2 . THR A 1 73  ? 3.835   -9.097  -12.603 1.00 62.33  ? 69  THR A CG2 1 
ATOM   565 N N   . HIS A 1 74  ? 2.009   -12.801 -13.480 1.00 63.89  ? 70  HIS A N   1 
ATOM   566 C CA  . HIS A 1 74  ? 2.450   -14.038 -12.823 1.00 64.17  ? 70  HIS A CA  1 
ATOM   567 C C   . HIS A 1 74  ? 2.746   -13.817 -11.319 1.00 59.69  ? 70  HIS A C   1 
ATOM   568 O O   . HIS A 1 74  ? 3.690   -14.356 -10.755 1.00 60.35  ? 70  HIS A O   1 
ATOM   569 C CB  . HIS A 1 74  ? 3.639   -14.659 -13.596 1.00 67.65  ? 70  HIS A CB  1 
ATOM   570 C CG  . HIS A 1 74  ? 3.373   -14.845 -15.073 1.00 74.24  ? 70  HIS A CG  1 
ATOM   571 N ND1 . HIS A 1 74  ? 2.783   -15.983 -15.593 1.00 80.91  ? 70  HIS A ND1 1 
ATOM   572 C CD2 . HIS A 1 74  ? 3.605   -14.029 -16.136 1.00 78.53  ? 70  HIS A CD2 1 
ATOM   573 C CE1 . HIS A 1 74  ? 2.664   -15.861 -16.907 1.00 84.52  ? 70  HIS A CE1 1 
ATOM   574 N NE2 . HIS A 1 74  ? 3.154   -14.683 -17.262 1.00 83.47  ? 70  HIS A NE2 1 
ATOM   575 N N   . PHE A 1 75  ? 1.880   -13.035 -10.688 1.00 55.43  ? 71  PHE A N   1 
ATOM   576 C CA  . PHE A 1 75  ? 1.946   -12.695 -9.270  1.00 51.51  ? 71  PHE A CA  1 
ATOM   577 C C   . PHE A 1 75  ? 0.685   -13.218 -8.561  1.00 50.95  ? 71  PHE A C   1 
ATOM   578 O O   . PHE A 1 75  ? -0.427  -13.126 -9.121  1.00 50.97  ? 71  PHE A O   1 
ATOM   579 C CB  . PHE A 1 75  ? 2.003   -11.176 -9.160  1.00 49.23  ? 71  PHE A CB  1 
ATOM   580 C CG  . PHE A 1 75  ? 2.347   -10.670 -7.797  1.00 45.77  ? 71  PHE A CG  1 
ATOM   581 C CD1 . PHE A 1 75  ? 3.647   -10.368 -7.473  1.00 46.16  ? 71  PHE A CD1 1 
ATOM   582 C CD2 . PHE A 1 75  ? 1.365   -10.482 -6.841  1.00 43.51  ? 71  PHE A CD2 1 
ATOM   583 C CE1 . PHE A 1 75  ? 3.966   -9.885  -6.208  1.00 45.43  ? 71  PHE A CE1 1 
ATOM   584 C CE2 . PHE A 1 75  ? 1.678   -9.994  -5.592  1.00 43.26  ? 71  PHE A CE2 1 
ATOM   585 C CZ  . PHE A 1 75  ? 2.979   -9.691  -5.274  1.00 42.53  ? 71  PHE A CZ  1 
ATOM   586 N N   . ASP A 1 76  ? 0.858   -13.746 -7.345  1.00 49.57  ? 72  ASP A N   1 
ATOM   587 C CA  . ASP A 1 76  ? -0.218  -14.423 -6.621  1.00 50.24  ? 72  ASP A CA  1 
ATOM   588 C C   . ASP A 1 76  ? -1.384  -13.483 -6.344  1.00 47.38  ? 72  ASP A C   1 
ATOM   589 O O   . ASP A 1 76  ? -1.226  -12.502 -5.634  1.00 44.56  ? 72  ASP A O   1 
ATOM   590 C CB  . ASP A 1 76  ? 0.289   -14.991 -5.292  1.00 51.58  ? 72  ASP A CB  1 
ATOM   591 C CG  . ASP A 1 76  ? -0.770  -15.824 -4.560  1.00 56.37  ? 72  ASP A CG  1 
ATOM   592 O OD1 . ASP A 1 76  ? -1.643  -16.409 -5.224  1.00 65.96  ? 72  ASP A OD1 1 
ATOM   593 O OD2 . ASP A 1 76  ? -0.742  -15.917 -3.312  1.00 60.75  ? 72  ASP A OD2 1 
ATOM   594 N N   . PRO A 1 77  ? -2.570  -13.793 -6.886  1.00 47.36  ? 73  PRO A N   1 
ATOM   595 C CA  . PRO A 1 77  ? -3.659  -12.815 -6.749  1.00 45.54  ? 73  PRO A CA  1 
ATOM   596 C C   . PRO A 1 77  ? -4.184  -12.683 -5.338  1.00 44.65  ? 73  PRO A C   1 
ATOM   597 O O   . PRO A 1 77  ? -4.628  -11.614 -4.963  1.00 41.80  ? 73  PRO A O   1 
ATOM   598 C CB  . PRO A 1 77  ? -4.741  -13.348 -7.680  1.00 48.24  ? 73  PRO A CB  1 
ATOM   599 C CG  . PRO A 1 77  ? -4.445  -14.830 -7.795  1.00 50.94  ? 73  PRO A CG  1 
ATOM   600 C CD  . PRO A 1 77  ? -2.948  -14.932 -7.733  1.00 50.14  ? 73  PRO A CD  1 
ATOM   601 N N   . ASP A 1 78  ? -4.130  -13.762 -4.562  1.00 46.70  ? 74  ASP A N   1 
ATOM   602 C CA  . ASP A 1 78  ? -4.508  -13.710 -3.147  1.00 47.32  ? 74  ASP A CA  1 
ATOM   603 C C   . ASP A 1 78  ? -3.598  -12.795 -2.331  1.00 44.96  ? 74  ASP A C   1 
ATOM   604 O O   . ASP A 1 78  ? -4.078  -12.043 -1.458  1.00 44.64  ? 74  ASP A O   1 
ATOM   605 C CB  . ASP A 1 78  ? -4.532  -15.113 -2.550  1.00 50.38  ? 74  ASP A CB  1 
ATOM   606 C CG  . ASP A 1 78  ? -5.635  -15.983 -3.167  1.00 55.36  ? 74  ASP A CG  1 
ATOM   607 O OD1 . ASP A 1 78  ? -6.709  -15.435 -3.488  1.00 56.46  ? 74  ASP A OD1 1 
ATOM   608 O OD2 . ASP A 1 78  ? -5.428  -17.202 -3.347  1.00 60.60  ? 74  ASP A OD2 1 
ATOM   609 N N   . PHE A 1 79  ? -2.301  -12.833 -2.615  1.00 43.61  ? 75  PHE A N   1 
ATOM   610 C CA  . PHE A 1 79  ? -1.395  -11.961 -1.896  1.00 42.26  ? 75  PHE A CA  1 
ATOM   611 C C   . PHE A 1 79  ? -1.543  -10.517 -2.345  1.00 39.19  ? 75  PHE A C   1 
ATOM   612 O O   . PHE A 1 79  ? -1.515  -9.616  -1.511  1.00 38.35  ? 75  PHE A O   1 
ATOM   613 C CB  . PHE A 1 79  ? 0.055   -12.410 -2.003  1.00 42.73  ? 75  PHE A CB  1 
ATOM   614 C CG  . PHE A 1 79  ? 0.967   -11.636 -1.094  1.00 44.05  ? 75  PHE A CG  1 
ATOM   615 C CD1 . PHE A 1 79  ? 0.891   -11.806 0.288   1.00 46.82  ? 75  PHE A CD1 1 
ATOM   616 C CD2 . PHE A 1 79  ? 1.873   -10.701 -1.607  1.00 42.97  ? 75  PHE A CD2 1 
ATOM   617 C CE1 . PHE A 1 79  ? 1.718   -11.048 1.152   1.00 48.22  ? 75  PHE A CE1 1 
ATOM   618 C CE2 . PHE A 1 79  ? 2.705   -9.962  -0.756  1.00 43.08  ? 75  PHE A CE2 1 
ATOM   619 C CZ  . PHE A 1 79  ? 2.631   -10.133 0.617   1.00 45.17  ? 75  PHE A CZ  1 
ATOM   620 N N   . ALA A 1 80  ? -1.724  -10.291 -3.643  1.00 37.66  ? 76  ALA A N   1 
ATOM   621 C CA  . ALA A 1 80  ? -2.074  -8.955  -4.119  1.00 36.53  ? 76  ALA A CA  1 
ATOM   622 C C   . ALA A 1 80  ? -3.257  -8.387  -3.315  1.00 36.63  ? 76  ALA A C   1 
ATOM   623 O O   . ALA A 1 80  ? -3.222  -7.252  -2.861  1.00 35.58  ? 76  ALA A O   1 
ATOM   624 C CB  . ALA A 1 80  ? -2.393  -8.970  -5.625  1.00 36.43  ? 76  ALA A CB  1 
ATOM   625 N N   . GLU A 1 81  ? -4.291  -9.193  -3.122  1.00 38.63  ? 77  GLU A N   1 
ATOM   626 C CA  . GLU A 1 81  ? -5.488  -8.767  -2.379  1.00 39.51  ? 77  GLU A CA  1 
ATOM   627 C C   . GLU A 1 81  ? -5.182  -8.501  -0.918  1.00 39.62  ? 77  GLU A C   1 
ATOM   628 O O   . GLU A 1 81  ? -5.617  -7.507  -0.382  1.00 39.52  ? 77  GLU A O   1 
ATOM   629 C CB  . GLU A 1 81  ? -6.607  -9.825  -2.462  1.00 42.25  ? 77  GLU A CB  1 
ATOM   630 C CG  . GLU A 1 81  ? -7.925  -9.358  -1.833  1.00 44.08  ? 77  GLU A CG  1 
ATOM   631 C CD  . GLU A 1 81  ? -9.084  -10.310 -2.027  1.00 48.56  ? 77  GLU A CD  1 
ATOM   632 O OE1 . GLU A 1 81  ? -9.046  -11.156 -2.961  1.00 50.34  ? 77  GLU A OE1 1 
ATOM   633 O OE2 . GLU A 1 81  ? -10.042 -10.207 -1.223  1.00 49.65  ? 77  GLU A OE2 1 
ATOM   634 N N   . LYS A 1 82  ? -4.471  -9.421  -0.280  1.00 40.84  ? 78  LYS A N   1 
ATOM   635 C CA  . LYS A 1 82  ? -4.032  -9.270  1.105   1.00 41.94  ? 78  LYS A CA  1 
ATOM   636 C C   . LYS A 1 82  ? -3.254  -7.965  1.275   1.00 39.77  ? 78  LYS A C   1 
ATOM   637 O O   . LYS A 1 82  ? -3.441  -7.232  2.252   1.00 39.77  ? 78  LYS A O   1 
ATOM   638 C CB  . LYS A 1 82  ? -3.141  -10.460 1.497   1.00 44.58  ? 78  LYS A CB  1 
ATOM   639 C CG  . LYS A 1 82  ? -3.175  -10.830 2.978   1.00 49.28  ? 78  LYS A CG  1 
ATOM   640 C CD  . LYS A 1 82  ? -2.355  -12.109 3.331   1.00 53.76  ? 78  LYS A CD  1 
ATOM   641 C CE  . LYS A 1 82  ? -2.116  -12.194 4.883   1.00 58.73  ? 78  LYS A CE  1 
ATOM   642 N NZ  . LYS A 1 82  ? -1.251  -13.336 5.374   1.00 61.95  ? 78  LYS A NZ  1 
ATOM   643 N N   . PHE A 1 83  ? -2.383  -7.680  0.310   1.00 38.17  ? 79  PHE A N   1 
ATOM   644 C CA  . PHE A 1 83  ? -1.564  -6.463  0.330   1.00 36.44  ? 79  PHE A CA  1 
ATOM   645 C C   . PHE A 1 83  ? -2.408  -5.202  0.171   1.00 34.95  ? 79  PHE A C   1 
ATOM   646 O O   . PHE A 1 83  ? -2.270  -4.241  0.937   1.00 34.72  ? 79  PHE A O   1 
ATOM   647 C CB  . PHE A 1 83  ? -0.496  -6.531  -0.753  1.00 36.30  ? 79  PHE A CB  1 
ATOM   648 C CG  . PHE A 1 83  ? 0.189   -5.215  -1.015  1.00 37.34  ? 79  PHE A CG  1 
ATOM   649 C CD1 . PHE A 1 83  ? 0.997   -4.650  -0.087  1.00 39.88  ? 79  PHE A CD1 1 
ATOM   650 C CD2 . PHE A 1 83  ? -0.011  -4.538  -2.202  1.00 40.03  ? 79  PHE A CD2 1 
ATOM   651 C CE1 . PHE A 1 83  ? 1.604   -3.423  -0.335  1.00 41.36  ? 79  PHE A CE1 1 
ATOM   652 C CE2 . PHE A 1 83  ? 0.599   -3.332  -2.440  1.00 38.50  ? 79  PHE A CE2 1 
ATOM   653 C CZ  . PHE A 1 83  ? 1.406   -2.786  -1.498  1.00 39.97  ? 79  PHE A CZ  1 
ATOM   654 N N   . LEU A 1 84  ? -3.295  -5.196  -0.812  1.00 33.56  ? 80  LEU A N   1 
ATOM   655 C CA  . LEU A 1 84  ? -4.160  -4.047  -0.999  1.00 32.73  ? 80  LEU A CA  1 
ATOM   656 C C   . LEU A 1 84  ? -5.057  -3.810  0.224   1.00 33.39  ? 80  LEU A C   1 
ATOM   657 O O   . LEU A 1 84  ? -5.245  -2.670  0.657   1.00 33.37  ? 80  LEU A O   1 
ATOM   658 C CB  . LEU A 1 84  ? -4.995  -4.231  -2.253  1.00 32.59  ? 80  LEU A CB  1 
ATOM   659 C CG  . LEU A 1 84  ? -5.991  -3.139  -2.636  1.00 33.68  ? 80  LEU A CG  1 
ATOM   660 C CD1 . LEU A 1 84  ? -5.318  -1.797  -2.921  1.00 30.74  ? 80  LEU A CD1 1 
ATOM   661 C CD2 . LEU A 1 84  ? -6.790  -3.627  -3.847  1.00 32.71  ? 80  LEU A CD2 1 
ATOM   662 N N   . LYS A 1 85  ? -5.576  -4.875  0.807   1.00 33.96  ? 81  LYS A N   1 
ATOM   663 C CA  . LYS A 1 85  ? -6.435  -4.732  1.956   1.00 36.25  ? 81  LYS A CA  1 
ATOM   664 C C   . LYS A 1 85  ? -5.683  -4.172  3.147   1.00 36.79  ? 81  LYS A C   1 
ATOM   665 O O   . LYS A 1 85  ? -6.242  -3.435  3.955   1.00 37.78  ? 81  LYS A O   1 
ATOM   666 C CB  . LYS A 1 85  ? -7.073  -6.083  2.332   1.00 39.55  ? 81  LYS A CB  1 
ATOM   667 C CG  . LYS A 1 85  ? -8.281  -6.454  1.459   1.00 42.34  ? 81  LYS A CG  1 
ATOM   668 C CD  . LYS A 1 85  ? -9.025  -7.699  1.976   1.00 47.37  ? 81  LYS A CD  1 
ATOM   669 C CE  . LYS A 1 85  ? -10.515 -7.580  1.689   1.00 51.74  ? 81  LYS A CE  1 
ATOM   670 N NZ  . LYS A 1 85  ? -11.190 -8.921  1.612   1.00 57.42  ? 81  LYS A NZ  1 
ATOM   671 N N   . PHE A 1 86  ? -4.415  -4.547  3.266   1.00 36.90  ? 82  PHE A N   1 
ATOM   672 C CA  . PHE A 1 86  ? -3.518  -3.997  4.275   1.00 37.36  ? 82  PHE A CA  1 
ATOM   673 C C   . PHE A 1 86  ? -3.370  -2.495  4.097   1.00 36.14  ? 82  PHE A C   1 
ATOM   674 O O   . PHE A 1 86  ? -3.430  -1.732  5.064   1.00 37.43  ? 82  PHE A O   1 
ATOM   675 C CB  . PHE A 1 86  ? -2.144  -4.700  4.189   1.00 37.87  ? 82  PHE A CB  1 
ATOM   676 C CG  . PHE A 1 86  ? -1.105  -4.123  5.101   1.00 38.30  ? 82  PHE A CG  1 
ATOM   677 C CD1 . PHE A 1 86  ? -1.053  -4.509  6.444   1.00 41.31  ? 82  PHE A CD1 1 
ATOM   678 C CD2 . PHE A 1 86  ? -0.183  -3.201  4.627   1.00 36.88  ? 82  PHE A CD2 1 
ATOM   679 C CE1 . PHE A 1 86  ? -0.104  -3.988  7.298   1.00 42.35  ? 82  PHE A CE1 1 
ATOM   680 C CE2 . PHE A 1 86  ? 0.773   -2.653  5.476   1.00 39.05  ? 82  PHE A CE2 1 
ATOM   681 C CZ  . PHE A 1 86  ? 0.812   -3.055  6.822   1.00 43.28  ? 82  PHE A CZ  1 
ATOM   682 N N   . ILE A 1 87  ? -3.176  -2.061  2.861   1.00 34.38  ? 83  ILE A N   1 
ATOM   683 C CA  . ILE A 1 87  ? -3.078  -0.637  2.601   1.00 33.91  ? 83  ILE A CA  1 
ATOM   684 C C   . ILE A 1 87  ? -4.421  0.067   2.876   1.00 34.28  ? 83  ILE A C   1 
ATOM   685 O O   . ILE A 1 87  ? -4.467  1.128   3.504   1.00 34.64  ? 83  ILE A O   1 
ATOM   686 C CB  . ILE A 1 87  ? -2.637  -0.357  1.167   1.00 32.33  ? 83  ILE A CB  1 
ATOM   687 C CG1 . ILE A 1 87  ? -1.245  -0.940  0.912   1.00 33.62  ? 83  ILE A CG1 1 
ATOM   688 C CG2 . ILE A 1 87  ? -2.589  1.116   0.919   1.00 30.87  ? 83  ILE A CG2 1 
ATOM   689 C CD1 . ILE A 1 87  ? -0.170  -0.327  1.822   1.00 37.52  ? 83  ILE A CD1 1 
ATOM   690 N N   . ILE A 1 88  ? -5.514  -0.539  2.446   1.00 34.72  ? 84  ILE A N   1 
ATOM   691 C CA  . ILE A 1 88  ? -6.821  0.125   2.552   1.00 35.51  ? 84  ILE A CA  1 
ATOM   692 C C   . ILE A 1 88  ? -7.231  0.309   3.996   1.00 38.15  ? 84  ILE A C   1 
ATOM   693 O O   . ILE A 1 88  ? -7.894  1.281   4.337   1.00 39.51  ? 84  ILE A O   1 
ATOM   694 C CB  . ILE A 1 88  ? -7.894  -0.668  1.850   1.00 35.89  ? 84  ILE A CB  1 
ATOM   695 C CG1 . ILE A 1 88  ? -7.741  -0.545  0.336   1.00 34.05  ? 84  ILE A CG1 1 
ATOM   696 C CG2 . ILE A 1 88  ? -9.312  -0.234  2.323   1.00 37.67  ? 84  ILE A CG2 1 
ATOM   697 C CD1 . ILE A 1 88  ? -8.753  -1.482  -0.427  1.00 37.13  ? 84  ILE A CD1 1 
ATOM   698 N N   . LYS A 1 89  ? -6.846  -0.624  4.853   1.00 40.16  ? 85  LYS A N   1 
ATOM   699 C CA  . LYS A 1 89  ? -7.150  -0.519  6.297   1.00 43.51  ? 85  LYS A CA  1 
ATOM   700 C C   . LYS A 1 89  ? -6.476  0.733   6.902   1.00 43.92  ? 85  LYS A C   1 
ATOM   701 O O   . LYS A 1 89  ? -7.060  1.440   7.736   1.00 46.05  ? 85  LYS A O   1 
ATOM   702 C CB  . LYS A 1 89  ? -6.662  -1.791  7.005   1.00 45.52  ? 85  LYS A CB  1 
ATOM   703 C CG  . LYS A 1 89  ? -7.230  -2.073  8.381   1.00 51.24  ? 85  LYS A CG  1 
ATOM   704 C CD  . LYS A 1 89  ? -6.458  -3.216  9.068   1.00 55.66  ? 85  LYS A CD  1 
ATOM   705 C CE  . LYS A 1 89  ? -6.869  -3.383  10.529  1.00 61.10  ? 85  LYS A CE  1 
ATOM   706 N NZ  . LYS A 1 89  ? -5.812  -4.151  11.275  1.00 65.80  ? 85  LYS A NZ  1 
ATOM   707 N N   . GLU A 1 90  ? -5.254  1.025   6.469   1.00 42.06  ? 86  GLU A N   1 
ATOM   708 C CA  . GLU A 1 90  ? -4.593  2.217   6.939   1.00 42.55  ? 86  GLU A CA  1 
ATOM   709 C C   . GLU A 1 90  ? -5.312  3.433   6.391   1.00 41.61  ? 86  GLU A C   1 
ATOM   710 O O   . GLU A 1 90  ? -5.525  4.410   7.093   1.00 43.05  ? 86  GLU A O   1 
ATOM   711 C CB  . GLU A 1 90  ? -3.148  2.225   6.483   1.00 41.73  ? 86  GLU A CB  1 
ATOM   712 C CG  . GLU A 1 90  ? -2.364  3.418   6.981   1.00 44.21  ? 86  GLU A CG  1 
ATOM   713 C CD  . GLU A 1 90  ? -2.269  3.479   8.499   1.00 49.26  ? 86  GLU A CD  1 
ATOM   714 O OE1 . GLU A 1 90  ? -2.504  2.440   9.165   1.00 52.32  ? 86  GLU A OE1 1 
ATOM   715 O OE2 . GLU A 1 90  ? -1.934  4.560   9.021   1.00 50.59  ? 86  GLU A OE2 1 
ATOM   716 N N   . VAL A 1 91  ? -5.679  3.369   5.119   1.00 39.54  ? 87  VAL A N   1 
ATOM   717 C CA  . VAL A 1 91  ? -6.347  4.494   4.456   1.00 38.55  ? 87  VAL A CA  1 
ATOM   718 C C   . VAL A 1 91  ? -7.670  4.827   5.137   1.00 40.24  ? 87  VAL A C   1 
ATOM   719 O O   . VAL A 1 91  ? -7.979  5.992   5.367   1.00 41.38  ? 87  VAL A O   1 
ATOM   720 C CB  . VAL A 1 91  ? -6.576  4.216   2.961   1.00 36.16  ? 87  VAL A CB  1 
ATOM   721 C CG1 . VAL A 1 91  ? -7.494  5.278   2.350   1.00 35.06  ? 87  VAL A CG1 1 
ATOM   722 C CG2 . VAL A 1 91  ? -5.226  4.185   2.216   1.00 34.45  ? 87  VAL A CG2 1 
ATOM   723 N N   . VAL A 1 92  ? -8.427  3.799   5.487   1.00 41.29  ? 88  VAL A N   1 
ATOM   724 C CA  . VAL A 1 92  ? -9.729  3.980   6.101   1.00 43.29  ? 88  VAL A CA  1 
ATOM   725 C C   . VAL A 1 92  ? -9.544  4.616   7.480   1.00 46.88  ? 88  VAL A C   1 
ATOM   726 O O   . VAL A 1 92  ? -10.270 5.556   7.844   1.00 48.28  ? 88  VAL A O   1 
ATOM   727 C CB  . VAL A 1 92  ? -10.504 2.631   6.159   1.00 43.96  ? 88  VAL A CB  1 
ATOM   728 C CG1 . VAL A 1 92  ? -11.561 2.673   7.208   1.00 45.94  ? 88  VAL A CG1 1 
ATOM   729 C CG2 . VAL A 1 92  ? -11.095 2.294   4.780   1.00 41.42  ? 88  VAL A CG2 1 
ATOM   730 N N   . HIS A 1 93  ? -8.554  4.130   8.234   1.00 48.48  ? 89  HIS A N   1 
ATOM   731 C CA  . HIS A 1 93  ? -8.151  4.796   9.465   1.00 51.80  ? 89  HIS A CA  1 
ATOM   732 C C   . HIS A 1 93  ? -7.837  6.273   9.220   1.00 51.91  ? 89  HIS A C   1 
ATOM   733 O O   . HIS A 1 93  ? -8.304  7.145   9.956   1.00 54.25  ? 89  HIS A O   1 
ATOM   734 C CB  . HIS A 1 93  ? -6.921  4.121   10.109  1.00 53.25  ? 89  HIS A CB  1 
ATOM   735 C CG  . HIS A 1 93  ? -6.428  4.818   11.353  1.00 58.24  ? 89  HIS A CG  1 
ATOM   736 N ND1 . HIS A 1 93  ? -5.165  5.368   11.455  1.00 61.03  ? 89  HIS A ND1 1 
ATOM   737 C CD2 . HIS A 1 93  ? -7.045  5.080   12.532  1.00 63.35  ? 89  HIS A CD2 1 
ATOM   738 C CE1 . HIS A 1 93  ? -5.021  5.926   12.645  1.00 64.66  ? 89  HIS A CE1 1 
ATOM   739 N NE2 . HIS A 1 93  ? -6.147  5.764   13.317  1.00 66.45  ? 89  HIS A NE2 1 
ATOM   740 N N   . GLN A 1 94  ? -7.038  6.565   8.198   1.00 50.11  ? 90  GLN A N   1 
ATOM   741 C CA  . GLN A 1 94  ? -6.635  7.944   7.968   1.00 50.82  ? 90  GLN A CA  1 
ATOM   742 C C   . GLN A 1 94  ? -7.813  8.826   7.586   1.00 50.90  ? 90  GLN A C   1 
ATOM   743 O O   . GLN A 1 94  ? -7.861  9.999   7.963   1.00 52.22  ? 90  GLN A O   1 
ATOM   744 C CB  . GLN A 1 94  ? -5.562  8.033   6.906   1.00 48.98  ? 90  GLN A CB  1 
ATOM   745 C CG  . GLN A 1 94  ? -4.166  7.882   7.468   1.00 53.04  ? 90  GLN A CG  1 
ATOM   746 C CD  . GLN A 1 94  ? -3.081  8.160   6.426   1.00 54.97  ? 90  GLN A CD  1 
ATOM   747 O OE1 . GLN A 1 94  ? -3.348  8.737   5.358   1.00 55.78  ? 90  GLN A OE1 1 
ATOM   748 N NE2 . GLN A 1 94  ? -1.857  7.742   6.731   1.00 56.38  ? 90  GLN A NE2 1 
ATOM   749 N N   . HIS A 1 95  ? -8.752  8.260   6.837   1.00 49.36  ? 91  HIS A N   1 
ATOM   750 C CA  . HIS A 1 95  ? -9.956  8.982   6.464   1.00 50.23  ? 91  HIS A CA  1 
ATOM   751 C C   . HIS A 1 95  ? -10.779 9.337   7.685   1.00 53.51  ? 91  HIS A C   1 
ATOM   752 O O   . HIS A 1 95  ? -11.304 10.439  7.783   1.00 54.80  ? 91  HIS A O   1 
ATOM   753 C CB  . HIS A 1 95  ? -10.797 8.151   5.489   1.00 49.18  ? 91  HIS A CB  1 
ATOM   754 C CG  . HIS A 1 95  ? -10.265 8.138   4.090   1.00 46.75  ? 91  HIS A CG  1 
ATOM   755 N ND1 . HIS A 1 95  ? -10.890 7.465   3.067   1.00 47.92  ? 91  HIS A ND1 1 
ATOM   756 C CD2 . HIS A 1 95  ? -9.188  8.743   3.539   1.00 47.84  ? 91  HIS A CD2 1 
ATOM   757 C CE1 . HIS A 1 95  ? -10.215 7.645   1.947   1.00 46.24  ? 91  HIS A CE1 1 
ATOM   758 N NE2 . HIS A 1 95  ? -9.179  8.420   2.205   1.00 45.72  ? 91  HIS A NE2 1 
ATOM   759 N N   . GLU A 1 96  ? -10.892 8.396   8.610   1.00 55.34  ? 92  GLU A N   1 
ATOM   760 C CA  . GLU A 1 96  ? -11.608 8.637   9.857   1.00 59.36  ? 92  GLU A CA  1 
ATOM   761 C C   . GLU A 1 96  ? -10.904 9.686   10.724  1.00 61.69  ? 92  GLU A C   1 
ATOM   762 O O   . GLU A 1 96  ? -11.576 10.527  11.337  1.00 64.38  ? 92  GLU A O   1 
ATOM   763 C CB  . GLU A 1 96  ? -11.803 7.325   10.632  1.00 61.22  ? 92  GLU A CB  1 
ATOM   764 C CG  . GLU A 1 96  ? -12.766 6.340   9.925   1.00 62.05  ? 92  GLU A CG  1 
ATOM   765 C CD  . GLU A 1 96  ? -12.807 4.928   10.533  1.00 66.31  ? 92  GLU A CD  1 
ATOM   766 O OE1 . GLU A 1 96  ? -11.880 4.534   11.302  1.00 69.15  ? 92  GLU A OE1 1 
ATOM   767 O OE2 . GLU A 1 96  ? -13.784 4.204   10.212  1.00 67.67  ? 92  GLU A OE2 1 
ATOM   768 N N   . VAL A 1 97  ? -9.567  9.656   10.770  1.00 60.92  ? 93  VAL A N   1 
ATOM   769 C CA  . VAL A 1 97  ? -8.810  10.653  11.556  1.00 63.57  ? 93  VAL A CA  1 
ATOM   770 C C   . VAL A 1 97  ? -8.984  12.076  11.006  1.00 63.46  ? 93  VAL A C   1 
ATOM   771 O O   . VAL A 1 97  ? -9.173  13.030  11.764  1.00 66.40  ? 93  VAL A O   1 
ATOM   772 C CB  . VAL A 1 97  ? -7.300  10.292  11.680  1.00 63.42  ? 93  VAL A CB  1 
ATOM   773 C CG1 . VAL A 1 97  ? -6.484  11.480  12.238  1.00 65.96  ? 93  VAL A CG1 1 
ATOM   774 C CG2 . VAL A 1 97  ? -7.136  9.065   12.584  1.00 64.80  ? 93  VAL A CG2 1 
ATOM   775 N N   . ILE A 1 98  ? -8.951  12.212  9.688   1.00 60.30  ? 94  ILE A N   1 
ATOM   776 C CA  . ILE A 1 98  ? -9.201  13.502  9.064   1.00 60.71  ? 94  ILE A CA  1 
ATOM   777 C C   . ILE A 1 98  ? -10.619 14.015  9.381   1.00 63.21  ? 94  ILE A C   1 
ATOM   778 O O   . ILE A 1 98  ? -10.786 15.202  9.648   1.00 65.59  ? 94  ILE A O   1 
ATOM   779 C CB  . ILE A 1 98  ? -8.912  13.437  7.544   1.00 57.25  ? 94  ILE A CB  1 
ATOM   780 C CG1 . ILE A 1 98  ? -7.393  13.259  7.326   1.00 56.93  ? 94  ILE A CG1 1 
ATOM   781 C CG2 . ILE A 1 98  ? -9.393  14.679  6.838   1.00 56.69  ? 94  ILE A CG2 1 
ATOM   782 C CD1 . ILE A 1 98  ? -6.991  12.444  6.089   1.00 52.90  ? 94  ILE A CD1 1 
ATOM   783 N N   . ALA A 1 99  ? -11.618 13.128  9.403   1.00 63.41  ? 95  ALA A N   1 
ATOM   784 C CA  . ALA A 1 99  ? -13.015 13.531  9.666   1.00 66.18  ? 95  ALA A CA  1 
ATOM   785 C C   . ALA A 1 99  ? -13.240 13.969  11.108  1.00 71.32  ? 95  ALA A C   1 
ATOM   786 O O   . ALA A 1 99  ? -13.972 14.935  11.371  1.00 74.02  ? 95  ALA A O   1 
ATOM   787 C CB  . ALA A 1 99  ? -13.978 12.406  9.319   1.00 64.80  ? 95  ALA A CB  1 
ATOM   788 N N   . GLU A 1 100 ? -12.635 13.242  12.041  1.00 73.70  ? 96  GLU A N   1 
ATOM   789 C CA  . GLU A 1 100 ? -12.669 13.629  13.446  1.00 79.27  ? 96  GLU A CA  1 
ATOM   790 C C   . GLU A 1 100 ? -12.009 15.006  13.637  1.00 81.59  ? 96  GLU A C   1 
ATOM   791 O O   . GLU A 1 100 ? -12.537 15.848  14.345  1.00 85.02  ? 96  GLU A O   1 
ATOM   792 C CB  . GLU A 1 100 ? -12.003 12.549  14.316  1.00 80.47  ? 96  GLU A CB  1 
ATOM   793 C CG  . GLU A 1 100 ? -12.107 12.770  15.833  1.00 87.08  ? 96  GLU A CG  1 
ATOM   794 C CD  . GLU A 1 100 ? -13.552 12.901  16.347  1.00 91.77  ? 96  GLU A CD  1 
ATOM   795 O OE1 . GLU A 1 100 ? -14.472 12.277  15.762  1.00 91.06  ? 96  GLU A OE1 1 
ATOM   796 O OE2 . GLU A 1 100 ? -13.765 13.631  17.346  1.00 96.57  ? 96  GLU A OE2 1 
ATOM   797 N N   . LYS A 1 101 ? -10.882 15.235  12.962  1.00 80.59  ? 97  LYS A N   1 
ATOM   798 C CA  . LYS A 1 101 ? -10.165 16.513  13.034  1.00 83.32  ? 97  LYS A CA  1 
ATOM   799 C C   . LYS A 1 101 ? -10.899 17.671  12.317  1.00 84.47  ? 97  LYS A C   1 
ATOM   800 O O   . LYS A 1 101 ? -10.858 18.805  12.806  1.00 88.23  ? 97  LYS A O   1 
ATOM   801 C CB  . LYS A 1 101 ? -8.709  16.367  12.544  1.00 81.29  ? 97  LYS A CB  1 
ATOM   802 N N   . GLN A 1 102 ? -11.585 17.413  11.199  1.00 82.54  ? 98  GLN A N   1 
ATOM   803 C CA  . GLN A 1 102 ? -12.445 18.453  10.598  1.00 84.23  ? 98  GLN A CA  1 
ATOM   804 C C   . GLN A 1 102 ? -13.628 18.755  11.513  1.00 88.86  ? 98  GLN A C   1 
ATOM   805 O O   . GLN A 1 102 ? -14.055 19.904  11.598  1.00 91.69  ? 98  GLN A O   1 
ATOM   806 C CB  . GLN A 1 102 ? -12.959 18.071  9.208   1.00 80.71  ? 98  GLN A CB  1 
ATOM   807 N N   . LYS A 1 103 ? -14.132 17.732  12.207  1.00 90.62  ? 99  LYS A N   1 
ATOM   808 C CA  . LYS A 1 103 ? -15.304 17.866  13.090  1.00 95.44  ? 99  LYS A CA  1 
ATOM   809 C C   . LYS A 1 103 ? -15.022 18.649  14.378  1.00 101.19 ? 99  LYS A C   1 
ATOM   810 O O   . LYS A 1 103 ? -15.891 19.395  14.850  1.00 104.91 ? 99  LYS A O   1 
ATOM   811 C CB  . LYS A 1 103 ? -15.854 16.483  13.468  1.00 95.33  ? 99  LYS A CB  1 
ATOM   812 C CG  . LYS A 1 103 ? -17.149 16.495  14.312  1.00 99.75  ? 99  LYS A CG  1 
ATOM   813 C CD  . LYS A 1 103 ? -17.136 15.385  15.360  1.00 101.87 ? 99  LYS A CD  1 
ATOM   814 C CE  . LYS A 1 103 ? -18.423 15.341  16.152  1.00 106.57 ? 99  LYS A CE  1 
ATOM   815 N NZ  . LYS A 1 103 ? -18.379 14.230  17.128  1.00 108.83 ? 99  LYS A NZ  1 
ATOM   816 N N   . ILE A 1 104 ? -13.833 18.453  14.956  1.00 102.78 ? 100 ILE A N   1 
ATOM   817 C CA  . ILE A 1 104 ? -13.424 19.153  16.198  1.00 108.49 ? 100 ILE A CA  1 
ATOM   818 C C   . ILE A 1 104 ? -13.206 20.660  15.975  1.00 110.35 ? 100 ILE A C   1 
ATOM   819 O O   . ILE A 1 104 ? -13.418 21.468  16.898  1.00 115.49 ? 100 ILE A O   1 
ATOM   820 C CB  . ILE A 1 104 ? -12.148 18.498  16.854  1.00 109.37 ? 100 ILE A CB  1 
ATOM   821 C CG1 . ILE A 1 104 ? -12.532 17.658  18.088  1.00 113.62 ? 100 ILE A CG1 1 
ATOM   822 C CG2 . ILE A 1 104 ? -11.114 19.567  17.273  1.00 112.61 ? 100 ILE A CG2 1 
ATOM   823 C CD1 . ILE A 1 104 ? -13.540 16.542  17.822  1.00 112.35 ? 100 ILE A CD1 1 
ATOM   824 N N   . LYS A 1 105 ? -12.774 21.022  14.761  1.00 106.85 ? 101 LYS A N   1 
ATOM   825 C CA  . LYS A 1 105 ? -12.767 22.418  14.313  1.00 108.35 ? 101 LYS A CA  1 
ATOM   826 C C   . LYS A 1 105 ? -14.215 22.966  14.292  1.00 110.26 ? 101 LYS A C   1 
ATOM   827 O O   . LYS A 1 105 ? -14.506 23.989  14.934  1.00 114.84 ? 101 LYS A O   1 
ATOM   828 C CB  . LYS A 1 105 ? -12.085 22.552  12.940  1.00 104.18 ? 101 LYS A CB  1 
ATOM   829 N N   . LYS A 1 106 ? -15.117 22.255  13.602  1.00 107.21 ? 102 LYS A N   1 
ATOM   830 C CA  . LYS A 1 106 ? -16.549 22.601  13.555  1.00 108.93 ? 102 LYS A CA  1 
ATOM   831 C C   . LYS A 1 106 ? -17.260 22.636  14.940  1.00 113.92 ? 102 LYS A C   1 
ATOM   832 O O   . LYS A 1 106 ? -18.313 23.261  15.069  1.00 116.72 ? 102 LYS A O   1 
ATOM   833 C CB  . LYS A 1 106 ? -17.293 21.659  12.594  1.00 104.92 ? 102 LYS A CB  1 
ATOM   834 N N   . GLU A 1 107 ? -16.687 21.978  15.958  1.00 115.23 ? 103 GLU A N   1 
ATOM   835 C CA  . GLU A 1 107 ? -17.229 21.990  17.330  1.00 120.49 ? 103 GLU A CA  1 
ATOM   836 C C   . GLU A 1 107 ? -16.334 22.779  18.294  1.00 124.50 ? 103 GLU A C   1 
ATOM   837 O O   . GLU A 1 107 ? -16.134 23.986  18.142  1.00 125.88 ? 103 GLU A O   1 
ATOM   838 C CB  . GLU A 1 107 ? -17.396 20.552  17.836  1.00 119.94 ? 103 GLU A CB  1 
HETATM 839 C C1  . EDO B 2 .   ? 4.601   -14.160 -5.690  1.00 64.23  ? 111 EDO A C1  1 
HETATM 840 O O1  . EDO B 2 .   ? 3.436   -14.316 -6.510  1.00 64.21  ? 111 EDO A O1  1 
HETATM 841 C C2  . EDO B 2 .   ? 4.183   -13.461 -4.403  1.00 63.00  ? 111 EDO A C2  1 
HETATM 842 O O2  . EDO B 2 .   ? 4.480   -14.311 -3.294  1.00 61.74  ? 111 EDO A O2  1 
HETATM 843 C C1  . GOL C 3 .   ? 26.854  -20.483 5.713   1.00 73.08  ? 112 GOL A C1  1 
HETATM 844 O O1  . GOL C 3 .   ? 27.118  -21.041 4.445   1.00 71.26  ? 112 GOL A O1  1 
HETATM 845 C C2  . GOL C 3 .   ? 28.134  -20.414 6.551   1.00 73.37  ? 112 GOL A C2  1 
HETATM 846 O O2  . GOL C 3 .   ? 28.834  -21.646 6.428   1.00 73.94  ? 112 GOL A O2  1 
HETATM 847 C C3  . GOL C 3 .   ? 27.789  -20.114 8.014   1.00 72.40  ? 112 GOL A C3  1 
HETATM 848 O O3  . GOL C 3 .   ? 27.780  -18.729 8.241   1.00 71.31  ? 112 GOL A O3  1 
HETATM 849 C C1  . MLT D 4 .   ? 15.498  -12.597 3.953   1.00 52.29  ? 113 MLT A C1  1 
HETATM 850 O O1  . MLT D 4 .   ? 16.325  -13.429 4.438   1.00 53.23  ? 113 MLT A O1  1 
HETATM 851 O O2  . MLT D 4 .   ? 14.332  -12.854 4.214   1.00 57.74  ? 113 MLT A O2  1 
HETATM 852 C C2  . MLT D 4 .   ? 15.877  -11.408 3.098   1.00 49.34  ? 113 MLT A C2  1 
HETATM 853 O O3  . MLT D 4 .   ? 17.161  -11.101 3.547   1.00 47.98  ? 113 MLT A O3  1 
HETATM 854 C C3  . MLT D 4 .   ? 15.142  -10.064 3.098   1.00 50.42  ? 113 MLT A C3  1 
HETATM 855 C C4  . MLT D 4 .   ? 13.716  -9.962  3.676   1.00 54.93  ? 113 MLT A C4  1 
HETATM 856 O O4  . MLT D 4 .   ? 13.449  -10.297 4.889   1.00 59.92  ? 113 MLT A O4  1 
HETATM 857 O O5  . MLT D 4 .   ? 12.779  -9.477  2.980   1.00 48.46  ? 113 MLT A O5  1 
HETATM 858 O O   . HOH E 5 .   ? -4.825  8.055   3.602   1.00 24.79  ? 114 HOH A O   1 
HETATM 859 O O   . HOH E 5 .   ? -6.300  0.564   -6.490  1.00 20.40  ? 115 HOH A O   1 
HETATM 860 O O   . HOH E 5 .   ? -6.490  -1.499  -8.093  1.00 26.18  ? 116 HOH A O   1 
HETATM 861 O O   . HOH E 5 .   ? -8.262  2.080   -12.697 1.00 24.23  ? 117 HOH A O   1 
HETATM 862 O O   . HOH E 5 .   ? -12.948 3.666   -8.955  1.00 16.93  ? 118 HOH A O   1 
HETATM 863 O O   . HOH E 5 .   ? 23.751  -10.997 3.908   1.00 18.01  ? 119 HOH A O   1 
HETATM 864 O O   . HOH E 5 .   ? 27.841  -9.336  -3.240  1.00 26.09  ? 120 HOH A O   1 
HETATM 865 O O   . HOH E 5 .   ? 2.935   10.554  2.490   1.00 25.68  ? 121 HOH A O   1 
HETATM 866 O O   . HOH E 5 .   ? -3.071  -1.843  7.691   1.00 23.80  ? 122 HOH A O   1 
HETATM 867 O O   . HOH E 5 .   ? 22.094  -4.714  1.715   1.00 22.52  ? 123 HOH A O   1 
HETATM 868 O O   . HOH E 5 .   ? 23.553  -6.769  1.207   1.00 20.05  ? 124 HOH A O   1 
HETATM 869 O O   . HOH E 5 .   ? -12.317 11.658  5.504   1.00 20.63  ? 125 HOH A O   1 
HETATM 870 O O   . HOH E 5 .   ? -2.605  5.379   0.141   1.00 31.32  ? 126 HOH A O   1 
HETATM 871 O O   . HOH E 5 .   ? -11.448 -1.435  4.714   1.00 41.86  ? 127 HOH A O   1 
HETATM 872 O O   . HOH E 5 .   ? -4.447  -7.821  4.814   1.00 25.68  ? 128 HOH A O   1 
HETATM 873 O O   . HOH E 5 .   ? -11.104 -4.277  2.425   1.00 34.41  ? 129 HOH A O   1 
HETATM 874 O O   . HOH E 5 .   ? 1.027   11.953  -5.308  1.00 33.74  ? 130 HOH A O   1 
HETATM 875 O O   . HOH E 5 .   ? -0.415  -15.621 -10.900 1.00 42.42  ? 131 HOH A O   1 
HETATM 876 O O   . HOH E 5 .   ? -6.604  -12.402 0.307   1.00 32.59  ? 132 HOH A O   1 
HETATM 877 O O   . HOH E 5 .   ? -3.143  -0.182  9.586   1.00 27.31  ? 133 HOH A O   1 
HETATM 878 O O   . HOH E 5 .   ? -3.331  -4.936  9.125   1.00 34.37  ? 134 HOH A O   1 
HETATM 879 O O   . HOH E 5 .   ? -5.545  -6.087  6.662   1.00 25.87  ? 135 HOH A O   1 
HETATM 880 O O   . HOH E 5 .   ? -9.002  -3.781  4.259   1.00 34.37  ? 136 HOH A O   1 
# 
loop_
_atom_site_anisotrop.id 
_atom_site_anisotrop.type_symbol 
_atom_site_anisotrop.pdbx_label_atom_id 
_atom_site_anisotrop.pdbx_label_alt_id 
_atom_site_anisotrop.pdbx_label_comp_id 
_atom_site_anisotrop.pdbx_label_asym_id 
_atom_site_anisotrop.pdbx_label_seq_id 
_atom_site_anisotrop.pdbx_PDB_ins_code 
_atom_site_anisotrop.U[1][1] 
_atom_site_anisotrop.U[2][2] 
_atom_site_anisotrop.U[3][3] 
_atom_site_anisotrop.U[1][2] 
_atom_site_anisotrop.U[1][3] 
_atom_site_anisotrop.U[2][3] 
_atom_site_anisotrop.pdbx_auth_seq_id 
_atom_site_anisotrop.pdbx_auth_comp_id 
_atom_site_anisotrop.pdbx_auth_asym_id 
_atom_site_anisotrop.pdbx_auth_atom_id 
1   N N   . GLY A 3   ? 0.9922 1.0130 1.1271 0.3353  -0.0977 0.0425  -1  GLY A N   
2   C CA  . GLY A 3   ? 0.9835 1.0352 1.1217 0.3415  -0.0856 0.0427  -1  GLY A CA  
3   C C   . GLY A 3   ? 0.9522 1.0427 1.0830 0.3297  -0.1019 0.0486  -1  GLY A C   
4   O O   . GLY A 3   ? 0.9464 1.0420 1.0411 0.3223  -0.1153 0.0506  -1  GLY A O   
5   N N   . SER A 4   ? 0.9388 1.0568 1.1194 0.3336  -0.1053 0.0515  0   SER A N   
6   C CA  . SER A 4   ? 0.9113 1.0565 1.1135 0.3259  -0.1324 0.0420  0   SER A CA  
7   C C   . SER A 4   ? 0.8866 1.0273 1.0972 0.3163  -0.1044 0.0398  0   SER A C   
8   O O   . SER A 4   ? 0.8766 1.0250 1.0815 0.3040  -0.1211 0.0279  0   SER A O   
9   C CB  . SER A 4   ? 0.9168 1.0917 1.2113 0.3361  -0.1636 0.0459  0   SER A CB  
10  O OG  . SER A 4   ? 0.9242 1.1175 1.2583 0.3333  -0.2083 0.0243  0   SER A OG  
11  N N   . MET A 5   ? 0.8830 1.0141 1.1029 0.3320  -0.0605 0.0539  1   MET A N   
12  C CA  . MET A 5   ? 0.8767 1.0052 1.0738 0.3429  -0.0224 0.0606  1   MET A CA  
13  C C   . MET A 5   ? 0.8689 0.9626 0.9627 0.3346  -0.0316 0.0312  1   MET A C   
14  O O   . MET A 5   ? 0.8535 0.9505 0.9256 0.3268  -0.0270 0.0288  1   MET A O   
15  C CB  . MET A 5   ? 0.9191 1.0469 1.1184 0.3856  0.0273  0.0810  1   MET A CB  
16  N N   . MET A 6   ? 0.8671 0.9286 0.9208 0.3354  -0.0477 0.0136  2   MET A N   
17  C CA  . MET A 6   ? 0.8630 0.8899 0.8593 0.3260  -0.0648 -0.0092 2   MET A CA  
18  C C   . MET A 6   ? 0.8032 0.8465 0.7947 0.2963  -0.0869 -0.0038 2   MET A C   
19  O O   . MET A 6   ? 0.7929 0.8245 0.7483 0.2856  -0.0903 -0.0151 2   MET A O   
20  C CB  . MET A 6   ? 0.9014 0.8917 0.9077 0.3373  -0.0795 -0.0205 2   MET A CB  
21  C CG  . MET A 6   ? 0.9540 0.8991 0.9443 0.3344  -0.1056 -0.0461 2   MET A CG  
22  S SD  . MET A 6   ? 1.0542 0.9638 0.9628 0.3669  -0.1090 -0.0928 2   MET A SD  
23  C CE  . MET A 6   ? 1.0955 0.9450 1.0503 0.3602  -0.1662 -0.1255 2   MET A CE  
24  N N   . GLN A 7   ? 0.7604 0.8317 0.7796 0.2932  -0.1032 0.0119  3   GLN A N   
25  C CA  . GLN A 7   ? 0.7244 0.8189 0.7230 0.2871  -0.1247 0.0134  3   GLN A CA  
26  C C   . GLN A 7   ? 0.6922 0.7981 0.6945 0.2755  -0.1297 -0.0034 3   GLN A C   
27  O O   . GLN A 7   ? 0.6806 0.7851 0.6472 0.2669  -0.1366 -0.0109 3   GLN A O   
28  C CB  . GLN A 7   ? 0.7303 0.8573 0.7436 0.3082  -0.1493 0.0239  3   GLN A CB  
29  C CG  . GLN A 7   ? 0.7354 0.8685 0.7292 0.3275  -0.1447 0.0575  3   GLN A CG  
30  C CD  . GLN A 7   ? 0.7375 0.9070 0.7278 0.3646  -0.1676 0.0710  3   GLN A CD  
31  O OE1 . GLN A 7   ? 0.7514 0.9504 0.6865 0.4002  -0.1830 0.0799  3   GLN A OE1 
32  N NE2 . GLN A 7   ? 0.6411 0.8104 0.6823 0.3663  -0.1711 0.0721  3   GLN A NE2 
33  N N   . GLU A 8   ? 0.6742 0.7947 0.7391 0.2768  -0.1238 -0.0013 4   GLU A N   
34  C CA  . GLU A 8   ? 0.6496 0.7859 0.7589 0.2665  -0.1287 -0.0054 4   GLU A CA  
35  C C   . GLU A 8   ? 0.6375 0.7563 0.7010 0.2613  -0.0942 -0.0012 4   GLU A C   
36  O O   . GLU A 8   ? 0.6129 0.7365 0.6752 0.2483  -0.1015 -0.0077 4   GLU A O   
37  C CB  . GLU A 8   ? 0.6460 0.8093 0.8799 0.2720  -0.1296 0.0121  4   GLU A CB  
38  C CG  . GLU A 8   ? 0.6919 0.8718 0.9835 0.2816  -0.1858 -0.0047 4   GLU A CG  
39  C CD  . GLU A 8   ? 0.7496 0.9334 1.0030 0.2892  -0.2466 -0.0453 4   GLU A CD  
40  O OE1 . GLU A 8   ? 0.7270 0.9110 0.9941 0.2778  -0.2571 -0.0593 4   GLU A OE1 
41  O OE2 . GLU A 8   ? 0.8102 1.0000 1.0153 0.3162  -0.2825 -0.0612 4   GLU A OE2 
42  N N   . LYS A 9   ? 0.6506 0.7475 0.6722 0.2787  -0.0637 0.0042  5   LYS A N   
43  C CA  . LYS A 9   ? 0.6669 0.7434 0.6249 0.2903  -0.0420 -0.0016 5   LYS A CA  
44  C C   . LYS A 9   ? 0.6404 0.6959 0.5509 0.2662  -0.0693 -0.0231 5   LYS A C   
45  O O   . LYS A 9   ? 0.6262 0.6832 0.5187 0.2584  -0.0662 -0.0252 5   LYS A O   
46  C CB  . LYS A 9   ? 0.7220 0.7695 0.6271 0.3291  -0.0241 -0.0116 5   LYS A CB  
47  N N   . ILE A 10  ? 0.6296 0.6719 0.5339 0.2575  -0.0908 -0.0285 6   ILE A N   
48  C CA  . ILE A 10  ? 0.6192 0.6470 0.4992 0.2420  -0.1070 -0.0328 6   ILE A CA  
49  C C   . ILE A 10  ? 0.5916 0.6482 0.4718 0.2290  -0.1166 -0.0308 6   ILE A C   
50  O O   . ILE A 10  ? 0.5812 0.6300 0.4392 0.2174  -0.1186 -0.0359 6   ILE A O   
51  C CB  . ILE A 10  ? 0.6315 0.6488 0.5331 0.2446  -0.1169 -0.0173 6   ILE A CB  
52  C CG1 . ILE A 10  ? 0.6863 0.6637 0.6049 0.2585  -0.1211 -0.0313 6   ILE A CG1 
53  C CG2 . ILE A 10  ? 0.6071 0.6239 0.5110 0.2339  -0.1230 -0.0009 6   ILE A CG2 
54  C CD1 . ILE A 10  ? 0.7038 0.6408 0.5850 0.2712  -0.1314 -0.0684 6   ILE A CD1 
55  N N   . LEU A 11  ? 0.5882 0.6753 0.4972 0.2361  -0.1307 -0.0300 7   LEU A N   
56  C CA  . LEU A 11  ? 0.5805 0.6898 0.4912 0.2363  -0.1556 -0.0438 7   LEU A CA  
57  C C   . LEU A 11  ? 0.5664 0.6776 0.5146 0.2196  -0.1498 -0.0503 7   LEU A C   
58  O O   . LEU A 11  ? 0.5454 0.6598 0.4843 0.2119  -0.1617 -0.0619 7   LEU A O   
59  C CB  . LEU A 11  ? 0.5964 0.7318 0.5344 0.2598  -0.1909 -0.0558 7   LEU A CB  
60  C CG  . LEU A 11  ? 0.6252 0.7709 0.5123 0.2907  -0.1954 -0.0406 7   LEU A CG  
61  C CD1 . LEU A 11  ? 0.6276 0.7926 0.5482 0.3163  -0.2273 -0.0507 7   LEU A CD1 
62  C CD2 . LEU A 11  ? 0.6294 0.7904 0.4500 0.3178  -0.2047 -0.0408 7   LEU A CD2 
63  N N   . SER A 12  ? 0.5714 0.6839 0.5625 0.2204  -0.1243 -0.0346 8   SER A N   
64  C CA  . SER A 12  ? 0.5702 0.6939 0.6068 0.2150  -0.1044 -0.0199 8   SER A CA  
65  C C   . SER A 12  ? 0.5782 0.6795 0.5363 0.2102  -0.0875 -0.0226 8   SER A C   
66  O O   . SER A 12  ? 0.5609 0.6716 0.5400 0.1997  -0.0866 -0.0189 8   SER A O   
67  C CB  . SER A 12  ? 0.5842 0.7250 0.6832 0.2343  -0.0677 0.0148  8   SER A CB  
68  O OG  . SER A 12  ? 0.6173 0.7838 0.7916 0.2375  -0.0412 0.0489  8   SER A OG  
69  N N   . GLU A 13  ? 0.6038 0.6737 0.4880 0.2193  -0.0821 -0.0318 9   GLU A N   
70  C CA  . GLU A 13  ? 0.6251 0.6671 0.4482 0.2179  -0.0837 -0.0438 9   GLU A CA  
71  C C   . GLU A 13  ? 0.5762 0.6181 0.3984 0.1922  -0.1049 -0.0512 9   GLU A C   
72  O O   . GLU A 13  ? 0.5654 0.6040 0.3746 0.1831  -0.1050 -0.0533 9   GLU A O   
73  C CB  . GLU A 13  ? 0.6741 0.6758 0.4552 0.2337  -0.0949 -0.0619 9   GLU A CB  
74  C CG  . GLU A 13  ? 0.7961 0.7843 0.5337 0.2774  -0.0791 -0.0698 9   GLU A CG  
75  C CD  . GLU A 13  ? 0.9239 0.8627 0.6369 0.2986  -0.1100 -0.1043 9   GLU A CD  
76  O OE1 . GLU A 13  ? 0.9710 0.8768 0.6943 0.2827  -0.1462 -0.1241 9   GLU A OE1 
77  O OE2 . GLU A 13  ? 0.9699 0.9026 0.6708 0.3334  -0.1009 -0.1106 9   GLU A OE2 
78  N N   . LEU A 14  ? 0.5617 0.6100 0.3918 0.1893  -0.1192 -0.0502 10  LEU A N   
79  C CA  . LEU A 14  ? 0.5501 0.6066 0.3695 0.1828  -0.1309 -0.0486 10  LEU A CA  
80  C C   . LEU A 14  ? 0.5241 0.6020 0.3629 0.1767  -0.1409 -0.0612 10  LEU A C   
81  O O   . LEU A 14  ? 0.5135 0.5879 0.3396 0.1664  -0.1418 -0.0635 10  LEU A O   
82  C CB  . LEU A 14  ? 0.5681 0.6419 0.3842 0.2025  -0.1371 -0.0363 10  LEU A CB  
83  C CG  . LEU A 14  ? 0.6076 0.6958 0.4014 0.2186  -0.1339 -0.0142 10  LEU A CG  
84  C CD1 . LEU A 14  ? 0.5771 0.6390 0.3954 0.2020  -0.1212 0.0096  10  LEU A CD1 
85  C CD2 . LEU A 14  ? 0.6134 0.7280 0.3955 0.2558  -0.1338 0.0067  10  LEU A CD2 
86  N N   . ALA A 15  ? 0.5087 0.6073 0.3996 0.1829  -0.1525 -0.0688 11  ALA A N   
87  C CA  . ALA A 15  ? 0.4898 0.6064 0.4445 0.1780  -0.1741 -0.0830 11  ALA A CA  
88  C C   . ALA A 15  ? 0.4698 0.5833 0.4461 0.1604  -0.1494 -0.0659 11  ALA A C   
89  O O   . ALA A 15  ? 0.4591 0.5779 0.4599 0.1513  -0.1628 -0.0754 11  ALA A O   
90  C CB  . ALA A 15  ? 0.4840 0.6200 0.5362 0.1866  -0.1959 -0.0876 11  ALA A CB  
91  N N   . TYR A 16  ? 0.4780 0.5845 0.4384 0.1651  -0.1142 -0.0413 12  TYR A N   
92  C CA  . TYR A 16  ? 0.4890 0.5987 0.4514 0.1662  -0.0868 -0.0187 12  TYR A CA  
93  C C   . TYR A 16  ? 0.4925 0.5783 0.3842 0.1540  -0.0958 -0.0344 12  TYR A C   
94  O O   . TYR A 16  ? 0.4795 0.5739 0.3950 0.1444  -0.0937 -0.0271 12  TYR A O   
95  C CB  . TYR A 16  ? 0.5317 0.6422 0.4657 0.1976  -0.0488 0.0073  12  TYR A CB  
96  C CG  . TYR A 16  ? 0.6003 0.7182 0.5028 0.2222  -0.0159 0.0348  12  TYR A CG  
97  C CD1 . TYR A 16  ? 0.6349 0.7965 0.6242 0.2425  0.0255  0.0912  12  TYR A CD1 
98  C CD2 . TYR A 16  ? 0.6837 0.7674 0.4804 0.2326  -0.0276 0.0100  12  TYR A CD2 
99  C CE1 . TYR A 16  ? 0.6953 0.8726 0.6417 0.2808  0.0639  0.1284  12  TYR A CE1 
100 C CE2 . TYR A 16  ? 0.7567 0.8473 0.5041 0.2686  -0.0042 0.0302  12  TYR A CE2 
101 C CZ  . TYR A 16  ? 0.7710 0.9112 0.5804 0.2965  0.0458  0.0918  12  TYR A CZ  
102 O OH  . TYR A 16  ? 0.8788 1.0321 0.6244 0.3449  0.0737  0.1196  12  TYR A OH  
103 N N   . LEU A 17  ? 0.5061 0.5636 0.3355 0.1535  -0.1077 -0.0505 13  LEU A N   
104 C CA  . LEU A 17  ? 0.5044 0.5393 0.2986 0.1416  -0.1191 -0.0583 13  LEU A CA  
105 C C   . LEU A 17  ? 0.4707 0.5227 0.2875 0.1277  -0.1305 -0.0619 13  LEU A C   
106 O O   . LEU A 17  ? 0.4723 0.5198 0.2861 0.1161  -0.1327 -0.0616 13  LEU A O   
107 C CB  . LEU A 17  ? 0.5233 0.5283 0.2972 0.1454  -0.1313 -0.0633 13  LEU A CB  
108 C CG  . LEU A 17  ? 0.5877 0.5622 0.3306 0.1684  -0.1362 -0.0770 13  LEU A CG  
109 C CD1 . LEU A 17  ? 0.6047 0.5579 0.3694 0.1725  -0.1506 -0.0799 13  LEU A CD1 
110 C CD2 . LEU A 17  ? 0.6048 0.5490 0.3116 0.1801  -0.1551 -0.0953 13  LEU A CD2 
111 N N   . ARG A 18  ? 0.4688 0.5406 0.3041 0.1369  -0.1420 -0.0699 14  ARG A N   
112 C CA  . ARG A 18  ? 0.4633 0.5509 0.3028 0.1432  -0.1601 -0.0843 14  ARG A CA  
113 C C   . ARG A 18  ? 0.4530 0.5523 0.3554 0.1323  -0.1724 -0.0960 14  ARG A C   
114 O O   . ARG A 18  ? 0.4762 0.5789 0.3787 0.1332  -0.1852 -0.1092 14  ARG A O   
115 C CB  . ARG A 18  ? 0.4891 0.5938 0.3120 0.1749  -0.1791 -0.0975 14  ARG A CB  
116 C CG  . ARG A 18  ? 0.5086 0.6109 0.2823 0.1910  -0.1595 -0.0693 14  ARG A CG  
117 C CD  . ARG A 18  ? 0.5454 0.6692 0.2931 0.2319  -0.1714 -0.0718 14  ARG A CD  
118 N NE  . ARG A 18  ? 0.5804 0.7147 0.2956 0.2579  -0.1440 -0.0277 14  ARG A NE  
119 C CZ  . ARG A 18  ? 0.6308 0.7883 0.3164 0.3013  -0.1409 -0.0095 14  ARG A CZ  
120 N NH1 . ARG A 18  ? 0.6816 0.8483 0.3582 0.3212  -0.1731 -0.0436 14  ARG A NH1 
121 N NH2 . ARG A 18  ? 0.6600 0.8348 0.3406 0.3281  -0.1052 0.0501  14  ARG A NH2 
122 N N   . GLN A 19  ? 0.4473 0.5556 0.4174 0.1258  -0.1646 -0.0834 15  GLN A N   
123 C CA  . GLN A 19  ? 0.4338 0.5578 0.4999 0.1147  -0.1686 -0.0758 15  GLN A CA  
124 C C   . GLN A 19  ? 0.4144 0.5283 0.4394 0.1013  -0.1483 -0.0610 15  GLN A C   
125 O O   . GLN A 19  ? 0.4020 0.5228 0.4767 0.0918  -0.1613 -0.0670 15  GLN A O   
126 C CB  . GLN A 19  ? 0.4358 0.5808 0.5969 0.1173  -0.1440 -0.0369 15  GLN A CB  
127 C CG  . GLN A 19  ? 0.4936 0.6569 0.7885 0.1224  -0.1795 -0.0485 15  GLN A CG  
128 C CD  . GLN A 19  ? 0.5616 0.7461 0.9345 0.1327  -0.1461 -0.0013 15  GLN A CD  
129 O OE1 . GLN A 19  ? 0.6067 0.7989 0.9361 0.1447  -0.0891 0.0463  15  GLN A OE1 
130 N NE2 . GLN A 19  ? 0.5821 0.7770 1.0691 0.1376  -0.1852 -0.0164 15  GLN A NE2 
131 N N   . SER A 20  ? 0.4131 0.5083 0.3573 0.1041  -0.1243 -0.0461 16  SER A N   
132 C CA  . SER A 20  ? 0.4103 0.4933 0.3180 0.0982  -0.1139 -0.0352 16  SER A CA  
133 C C   . SER A 20  ? 0.3946 0.4654 0.2816 0.0839  -0.1324 -0.0534 16  SER A C   
134 O O   . SER A 20  ? 0.3885 0.4634 0.2990 0.0728  -0.1343 -0.0503 16  SER A O   
135 C CB  . SER A 20  ? 0.4529 0.5118 0.2826 0.1170  -0.1037 -0.0315 16  SER A CB  
136 O OG  . SER A 20  ? 0.4607 0.5382 0.2931 0.1459  -0.0743 -0.0034 16  SER A OG  
137 N N   . ILE A 21  ? 0.4030 0.4641 0.2550 0.0898  -0.1406 -0.0638 17  ILE A N   
138 C CA  . ILE A 21  ? 0.3977 0.4579 0.2354 0.0906  -0.1455 -0.0648 17  ILE A CA  
139 C C   . ILE A 21  ? 0.4000 0.4806 0.2678 0.0963  -0.1596 -0.0837 17  ILE A C   
140 O O   . ILE A 21  ? 0.3996 0.4796 0.2729 0.0900  -0.1591 -0.0820 17  ILE A O   
141 C CB  . ILE A 21  ? 0.4087 0.4711 0.2197 0.1108  -0.1418 -0.0564 17  ILE A CB  
142 C CG1 . ILE A 21  ? 0.4105 0.4443 0.2213 0.1021  -0.1378 -0.0400 17  ILE A CG1 
143 C CG2 . ILE A 21  ? 0.4057 0.4853 0.2031 0.1328  -0.1347 -0.0440 17  ILE A CG2 
144 C CD1 . ILE A 21  ? 0.4236 0.4610 0.2307 0.1197  -0.1330 -0.0288 17  ILE A CD1 
145 N N   . ASP A 22  ? 0.4257 0.5215 0.3247 0.1112  -0.1797 -0.1066 18  ASP A N   
146 C CA  . ASP A 22  ? 0.4505 0.5595 0.3938 0.1270  -0.2136 -0.1417 18  ASP A CA  
147 C C   . ASP A 22  ? 0.4312 0.5409 0.4525 0.1001  -0.2137 -0.1345 18  ASP A C   
148 O O   . ASP A 22  ? 0.4302 0.5420 0.4693 0.1073  -0.2323 -0.1559 18  ASP A O   
149 C CB  . ASP A 22  ? 0.4757 0.5947 0.4679 0.1478  -0.2503 -0.1725 18  ASP A CB  
150 C CG  . ASP A 22  ? 0.5617 0.6864 0.4655 0.1922  -0.2604 -0.1882 18  ASP A CG  
151 O OD1 . ASP A 22  ? 0.6151 0.7417 0.4333 0.2096  -0.2321 -0.1660 18  ASP A OD1 
152 O OD2 . ASP A 22  ? 0.5914 0.7226 0.5249 0.2146  -0.2966 -0.2165 18  ASP A OD2 
153 N N   . ASN A 23  ? 0.4168 0.5277 0.4757 0.0775  -0.1878 -0.0988 19  ASN A N   
154 C CA  . ASN A 23  ? 0.4110 0.5295 0.5359 0.0596  -0.1754 -0.0734 19  ASN A CA  
155 C C   . ASN A 23  ? 0.4123 0.5163 0.4731 0.0487  -0.1625 -0.0648 19  ASN A C   
156 O O   . ASN A 23  ? 0.3981 0.5075 0.5087 0.0379  -0.1662 -0.0604 19  ASN A O   
157 C CB  . ASN A 23  ? 0.4244 0.5543 0.5694 0.0604  -0.1399 -0.0268 19  ASN A CB  
158 C CG  . ASN A 23  ? 0.4562 0.6157 0.7449 0.0572  -0.1307 0.0097  19  ASN A CG  
159 O OD1 . ASN A 23  ? 0.5097 0.6861 0.9274 0.0594  -0.1508 0.0074  19  ASN A OD1 
160 N ND2 . ASN A 23  ? 0.4381 0.6070 0.7267 0.0559  -0.1021 0.0496  19  ASN A ND2 
161 N N   . PHE A 24  ? 0.4218 0.5061 0.3928 0.0505  -0.1505 -0.0588 20  PHE A N   
162 C CA  . PHE A 24  ? 0.4191 0.4870 0.3562 0.0402  -0.1472 -0.0504 20  PHE A CA  
163 C C   . PHE A 24  ? 0.4174 0.4924 0.3645 0.0456  -0.1567 -0.0659 20  PHE A C   
164 O O   . PHE A 24  ? 0.4065 0.4804 0.3740 0.0348  -0.1561 -0.0597 20  PHE A O   
165 C CB  . PHE A 24  ? 0.4348 0.4776 0.3172 0.0431  -0.1459 -0.0439 20  PHE A CB  
166 C CG  . PHE A 24  ? 0.4461 0.4764 0.2973 0.0527  -0.1433 -0.0385 20  PHE A CG  
167 C CD1 . PHE A 24  ? 0.4596 0.4977 0.3099 0.0598  -0.1350 -0.0236 20  PHE A CD1 
168 C CD2 . PHE A 24  ? 0.4702 0.4841 0.2885 0.0655  -0.1475 -0.0457 20  PHE A CD2 
169 C CE1 . PHE A 24  ? 0.5210 0.5531 0.3190 0.0905  -0.1288 -0.0171 20  PHE A CE1 
170 C CE2 . PHE A 24  ? 0.4879 0.4889 0.2636 0.0885  -0.1483 -0.0483 20  PHE A CE2 
171 C CZ  . PHE A 24  ? 0.5212 0.5324 0.2764 0.1068  -0.1380 -0.0349 20  PHE A CZ  
172 N N   . ASP A 25  ? 0.3223 0.4016 0.3701 -0.0031 -0.0731 -0.0352 21  ASP A N   
173 C CA  . ASP A 25  ? 0.3396 0.4290 0.3797 -0.0019 -0.0789 -0.0385 21  ASP A CA  
174 C C   . ASP A 25  ? 0.3372 0.4305 0.3940 -0.0079 -0.0776 -0.0527 21  ASP A C   
175 O O   . ASP A 25  ? 0.3346 0.4265 0.3832 -0.0088 -0.0781 -0.0545 21  ASP A O   
176 C CB  . ASP A 25  ? 0.3552 0.4672 0.3903 0.0095  -0.0885 -0.0388 21  ASP A CB  
177 C CG  . ASP A 25  ? 0.3956 0.5007 0.4188 0.0166  -0.0869 -0.0178 21  ASP A CG  
178 O OD1 . ASP A 25  ? 0.4159 0.5007 0.4388 0.0112  -0.0808 -0.0085 21  ASP A OD1 
179 O OD2 . ASP A 25  ? 0.4289 0.5498 0.4490 0.0289  -0.0923 -0.0110 21  ASP A OD2 
180 N N   . ILE A 26  ? 0.3375 0.4353 0.4255 -0.0120 -0.0745 -0.0620 22  ILE A N   
181 C CA  . ILE A 26  ? 0.3421 0.4395 0.4612 -0.0187 -0.0711 -0.0741 22  ILE A CA  
182 C C   . ILE A 26  ? 0.3351 0.4088 0.4446 -0.0232 -0.0581 -0.0595 22  ILE A C   
183 O O   . ILE A 26  ? 0.3441 0.4134 0.4641 -0.0262 -0.0575 -0.0651 22  ILE A O   
184 C CB  . ILE A 26  ? 0.3464 0.4492 0.5178 -0.0243 -0.0642 -0.0821 22  ILE A CB  
185 C CG1 . ILE A 26  ? 0.3829 0.5077 0.5698 -0.0193 -0.0744 -0.0933 22  ILE A CG1 
186 C CG2 . ILE A 26  ? 0.3708 0.4790 0.5879 -0.0296 -0.0676 -0.1029 22  ILE A CG2 
187 C CD1 . ILE A 26  ? 0.4422 0.5799 0.7002 -0.0255 -0.0718 -0.1103 22  ILE A CD1 
188 N N   . THR A 27  ? 0.3343 0.3951 0.4271 -0.0210 -0.0483 -0.0432 23  THR A N   
189 C CA  . THR A 27  ? 0.3485 0.3909 0.4234 -0.0188 -0.0386 -0.0291 23  THR A CA  
190 C C   . THR A 27  ? 0.3409 0.3780 0.3921 -0.0182 -0.0478 -0.0301 23  THR A C   
191 O O   . THR A 27  ? 0.3484 0.3764 0.4006 -0.0187 -0.0445 -0.0272 23  THR A O   
192 C CB  . THR A 27  ? 0.3616 0.3993 0.4150 -0.0103 -0.0323 -0.0186 23  THR A CB  
193 O OG1 . THR A 27  ? 0.4008 0.4478 0.4804 -0.0106 -0.0221 -0.0178 23  THR A OG1 
194 C CG2 . THR A 27  ? 0.3858 0.4112 0.4197 -0.0021 -0.0226 -0.0057 23  THR A CG2 
195 N N   . LEU A 28  ? 0.3388 0.3821 0.3746 -0.0162 -0.0578 -0.0323 24  LEU A N   
196 C CA  . LEU A 28  ? 0.3390 0.3797 0.3616 -0.0157 -0.0631 -0.0307 24  LEU A CA  
197 C C   . LEU A 28  ? 0.3397 0.3884 0.3712 -0.0180 -0.0645 -0.0395 24  LEU A C   
198 O O   . LEU A 28  ? 0.3437 0.3862 0.3718 -0.0184 -0.0639 -0.0383 24  LEU A O   
199 C CB  . LEU A 28  ? 0.3424 0.3892 0.3581 -0.0124 -0.0686 -0.0259 24  LEU A CB  
200 C CG  . LEU A 28  ? 0.3315 0.3679 0.3454 -0.0092 -0.0703 -0.0214 24  LEU A CG  
201 C CD1 . LEU A 28  ? 0.3484 0.3909 0.3685 -0.0061 -0.0730 -0.0139 24  LEU A CD1 
202 C CD2 . LEU A 28  ? 0.3125 0.3365 0.3238 -0.0078 -0.0731 -0.0224 24  LEU A CD2 
203 N N   . ILE A 29  ? 0.3416 0.4065 0.3876 -0.0178 -0.0681 -0.0523 25  ILE A N   
204 C CA  . ILE A 29  ? 0.3452 0.4215 0.4031 -0.0168 -0.0723 -0.0687 25  ILE A CA  
205 C C   . ILE A 29  ? 0.3505 0.4109 0.4349 -0.0230 -0.0655 -0.0713 25  ILE A C   
206 O O   . ILE A 29  ? 0.3512 0.4106 0.4404 -0.0224 -0.0664 -0.0783 25  ILE A O   
207 C CB  . ILE A 29  ? 0.3615 0.4632 0.4340 -0.0114 -0.0827 -0.0896 25  ILE A CB  
208 C CG1 . ILE A 29  ? 0.3855 0.5070 0.4257 0.0010  -0.0888 -0.0836 25  ILE A CG1 
209 C CG2 . ILE A 29  ? 0.3422 0.4561 0.4392 -0.0093 -0.0896 -0.1164 25  ILE A CG2 
210 C CD1 . ILE A 29  ? 0.3830 0.5108 0.3970 0.0085  -0.0855 -0.0756 25  ILE A CD1 
211 N N   . HIS A 30  ? 0.3504 0.3997 0.4555 -0.0272 -0.0563 -0.0636 26  HIS A N   
212 C CA  . HIS A 30  ? 0.3584 0.3911 0.4918 -0.0305 -0.0453 -0.0577 26  HIS A CA  
213 C C   . HIS A 30  ? 0.3607 0.3775 0.4658 -0.0260 -0.0418 -0.0416 26  HIS A C   
214 O O   . HIS A 30  ? 0.3765 0.3858 0.4973 -0.0261 -0.0400 -0.0434 26  HIS A O   
215 C CB  . HIS A 30  ? 0.3718 0.3981 0.5355 -0.0328 -0.0305 -0.0459 26  HIS A CB  
216 C CG  . HIS A 30  ? 0.3635 0.4032 0.5829 -0.0389 -0.0331 -0.0663 26  HIS A CG  
217 N ND1 . HIS A 30  ? 0.3947 0.4493 0.6239 -0.0395 -0.0360 -0.0723 26  HIS A ND1 
218 C CD2 . HIS A 30  ? 0.3988 0.4415 0.6746 -0.0438 -0.0362 -0.0868 26  HIS A CD2 
219 C CE1 . HIS A 30  ? 0.4016 0.4691 0.6922 -0.0444 -0.0410 -0.0957 26  HIS A CE1 
220 N NE2 . HIS A 30  ? 0.4058 0.4662 0.7277 -0.0473 -0.0417 -0.1064 26  HIS A NE2 
221 N N   . ILE A 31  ? 0.3498 0.3639 0.4183 -0.0211 -0.0438 -0.0304 27  ILE A N   
222 C CA  . ILE A 31  ? 0.3558 0.3600 0.4018 -0.0149 -0.0460 -0.0215 27  ILE A CA  
223 C C   . ILE A 31  ? 0.3465 0.3564 0.3919 -0.0167 -0.0543 -0.0313 27  ILE A C   
224 O O   . ILE A 31  ? 0.3534 0.3565 0.4024 -0.0138 -0.0543 -0.0293 27  ILE A O   
225 C CB  . ILE A 31  ? 0.3672 0.3707 0.3846 -0.0081 -0.0504 -0.0157 27  ILE A CB  
226 C CG1 . ILE A 31  ? 0.4101 0.4091 0.4212 -0.0005 -0.0390 -0.0033 27  ILE A CG1 
227 C CG2 . ILE A 31  ? 0.3387 0.3374 0.3412 -0.0011 -0.0589 -0.0150 27  ILE A CG2 
228 C CD1 . ILE A 31  ? 0.4932 0.4965 0.4819 0.0064  -0.0445 -0.0056 27  ILE A CD1 
229 N N   . LEU A 32  ? 0.3344 0.3593 0.3756 -0.0190 -0.0597 -0.0398 28  LEU A N   
230 C CA  . LEU A 32  ? 0.3263 0.3620 0.3677 -0.0179 -0.0627 -0.0471 28  LEU A CA  
231 C C   . LEU A 32  ? 0.3290 0.3685 0.3920 -0.0179 -0.0621 -0.0622 28  LEU A C   
232 O O   . LEU A 32  ? 0.3295 0.3708 0.3956 -0.0155 -0.0622 -0.0659 28  LEU A O   
233 C CB  . LEU A 32  ? 0.3302 0.3846 0.3604 -0.0152 -0.0646 -0.0480 28  LEU A CB  
234 C CG  . LEU A 32  ? 0.3324 0.3845 0.3532 -0.0144 -0.0644 -0.0337 28  LEU A CG  
235 C CD1 . LEU A 32  ? 0.3581 0.4304 0.3697 -0.0084 -0.0633 -0.0305 28  LEU A CD1 
236 C CD2 . LEU A 32  ? 0.3186 0.3673 0.3467 -0.0144 -0.0632 -0.0281 28  LEU A CD2 
237 N N   . ALA A 33  ? 0.3281 0.3697 0.4138 -0.0205 -0.0620 -0.0734 29  ALA A N   
238 C CA  . ALA A 33  ? 0.3419 0.3833 0.4625 -0.0209 -0.0626 -0.0909 29  ALA A CA  
239 C C   . ALA A 33  ? 0.3492 0.3688 0.4798 -0.0209 -0.0559 -0.0776 29  ALA A C   
240 O O   . ALA A 33  ? 0.3538 0.3748 0.4986 -0.0182 -0.0578 -0.0889 29  ALA A O   
241 C CB  . ALA A 33  ? 0.3380 0.3801 0.5000 -0.0256 -0.0623 -0.1034 29  ALA A CB  
242 N N   . GLU A 34  ? 0.3593 0.3616 0.4819 -0.0205 -0.0483 -0.0543 30  GLU A N   
243 C CA  . GLU A 34  ? 0.3772 0.3620 0.5037 -0.0149 -0.0431 -0.0392 30  GLU A CA  
244 C C   . GLU A 34  ? 0.3680 0.3575 0.4699 -0.0099 -0.0514 -0.0398 30  GLU A C   
245 O O   . GLU A 34  ? 0.3783 0.3619 0.4937 -0.0058 -0.0518 -0.0404 30  GLU A O   
246 C CB  . GLU A 34  ? 0.3966 0.3673 0.5126 -0.0086 -0.0323 -0.0129 30  GLU A CB  
247 C CG  . GLU A 34  ? 0.4262 0.3887 0.5854 -0.0125 -0.0170 -0.0052 30  GLU A CG  
248 C CD  . GLU A 34  ? 0.4442 0.3958 0.6583 -0.0151 -0.0118 -0.0110 30  GLU A CD  
249 O OE1 . GLU A 34  ? 0.4734 0.4130 0.6865 -0.0066 -0.0097 0.0013  30  GLU A OE1 
250 O OE2 . GLU A 34  ? 0.4837 0.4400 0.7474 -0.0243 -0.0117 -0.0305 30  GLU A OE2 
251 N N   . ARG A 35  ? 0.3555 0.3553 0.4305 -0.0104 -0.0574 -0.0396 31  ARG A N   
252 C CA  . ARG A 35  ? 0.3509 0.3565 0.4166 -0.0071 -0.0639 -0.0402 31  ARG A CA  
253 C C   . ARG A 35  ? 0.3535 0.3710 0.4353 -0.0078 -0.0630 -0.0538 31  ARG A C   
254 O O   . ARG A 35  ? 0.3545 0.3720 0.4451 -0.0038 -0.0651 -0.0543 31  ARG A O   
255 C CB  . ARG A 35  ? 0.3461 0.3610 0.3968 -0.0094 -0.0675 -0.0384 31  ARG A CB  
256 C CG  . ARG A 35  ? 0.3439 0.3616 0.3992 -0.0063 -0.0745 -0.0373 31  ARG A CG  
257 C CD  . ARG A 35  ? 0.3117 0.3386 0.3694 -0.0102 -0.0742 -0.0349 31  ARG A CD  
258 N NE  . ARG A 35  ? 0.3602 0.3888 0.4377 -0.0089 -0.0813 -0.0358 31  ARG A NE  
259 C CZ  . ARG A 35  ? 0.3339 0.3717 0.4371 -0.0095 -0.0788 -0.0367 31  ARG A CZ  
260 N NH1 . ARG A 35  ? 0.3470 0.3940 0.4513 -0.0092 -0.0694 -0.0374 31  ARG A NH1 
261 N NH2 . ARG A 35  ? 0.3255 0.3656 0.4592 -0.0093 -0.0864 -0.0399 31  ARG A NH2 
262 N N   . PHE A 36  ? 0.3484 0.3797 0.4338 -0.0100 -0.0612 -0.0672 32  PHE A N   
263 C CA  . PHE A 36  ? 0.3513 0.4002 0.4461 -0.0055 -0.0604 -0.0843 32  PHE A CA  
264 C C   . PHE A 36  ? 0.3671 0.4058 0.4936 -0.0038 -0.0608 -0.0969 32  PHE A C   
265 O O   . PHE A 36  ? 0.3785 0.4268 0.5151 0.0017  -0.0603 -0.1087 32  PHE A O   
266 C CB  . PHE A 36  ? 0.3544 0.4275 0.4364 -0.0017 -0.0613 -0.0972 32  PHE A CB  
267 C CG  . PHE A 36  ? 0.3608 0.4502 0.4184 0.0023  -0.0563 -0.0831 32  PHE A CG  
268 C CD1 . PHE A 36  ? 0.3675 0.4750 0.4231 0.0103  -0.0488 -0.0823 32  PHE A CD1 
269 C CD2 . PHE A 36  ? 0.3670 0.4521 0.4110 -0.0015 -0.0564 -0.0675 32  PHE A CD2 
270 C CE1 . PHE A 36  ? 0.3576 0.4788 0.4019 0.0142  -0.0389 -0.0628 32  PHE A CE1 
271 C CE2 . PHE A 36  ? 0.3669 0.4634 0.4008 0.0019  -0.0494 -0.0506 32  PHE A CE2 
272 C CZ  . PHE A 36  ? 0.3858 0.4998 0.4219 0.0095  -0.0395 -0.0463 32  PHE A CZ  
273 N N   . ARG A 37  ? 0.3703 0.3893 0.5175 -0.0077 -0.0591 -0.0923 33  ARG A N   
274 C CA  . ARG A 37  ? 0.3845 0.3877 0.5697 -0.0057 -0.0568 -0.0958 33  ARG A CA  
275 C C   . ARG A 37  ? 0.3805 0.3749 0.5571 0.0006  -0.0569 -0.0805 33  ARG A C   
276 O O   . ARG A 37  ? 0.3768 0.3718 0.5760 0.0052  -0.0578 -0.0913 33  ARG A O   
277 C CB  . ARG A 37  ? 0.4053 0.3879 0.6202 -0.0099 -0.0493 -0.0842 33  ARG A CB  
278 C CG  . ARG A 37  ? 0.4535 0.4445 0.7126 -0.0147 -0.0520 -0.1127 33  ARG A CG  
279 C CD  . ARG A 37  ? 0.4998 0.4810 0.7859 -0.0219 -0.0441 -0.1026 33  ARG A CD  
280 N NE  . ARG A 37  ? 0.5363 0.4899 0.8654 -0.0217 -0.0286 -0.0778 33  ARG A NE  
281 C CZ  . ARG A 37  ? 0.5410 0.4826 0.9444 -0.0247 -0.0234 -0.0885 33  ARG A CZ  
282 N NH1 . ARG A 37  ? 0.5812 0.5381 1.0263 -0.0275 -0.0370 -0.1323 33  ARG A NH1 
283 N NH2 . ARG A 37  ? 0.5613 0.4767 1.0008 -0.0222 -0.0043 -0.0552 33  ARG A NH2 
284 N N   . CYS A 38  ? 0.3791 0.3690 0.5257 0.0025  -0.0586 -0.0602 34  CYS A N   
285 C CA  . CYS A 38  ? 0.3814 0.3676 0.5225 0.0111  -0.0637 -0.0504 34  CYS A CA  
286 C C   . CYS A 38  ? 0.3587 0.3640 0.5036 0.0112  -0.0670 -0.0638 34  CYS A C   
287 O O   . CYS A 38  ? 0.3569 0.3621 0.5209 0.0172  -0.0688 -0.0676 34  CYS A O   
288 C CB  . CYS A 38  ? 0.3935 0.3763 0.5043 0.0163  -0.0693 -0.0340 34  CYS A CB  
289 S SG  . CYS A 38  ? 0.4624 0.4252 0.5648 0.0257  -0.0616 -0.0103 34  CYS A SG  
290 N N   . THR A 39  ? 0.3482 0.3708 0.4784 0.0059  -0.0658 -0.0679 35  THR A N   
291 C CA  . THR A 39  ? 0.3451 0.3882 0.4831 0.0077  -0.0631 -0.0739 35  THR A CA  
292 C C   . THR A 39  ? 0.3578 0.4134 0.5114 0.0124  -0.0575 -0.0921 35  THR A C   
293 O O   . THR A 39  ? 0.3915 0.4626 0.5577 0.0173  -0.0531 -0.0965 35  THR A O   
294 C CB  . THR A 39  ? 0.3336 0.3926 0.4573 0.0037  -0.0580 -0.0682 35  THR A CB  
295 O OG1 . THR A 39  ? 0.3302 0.3960 0.4367 0.0026  -0.0544 -0.0740 35  THR A OG1 
296 C CG2 . THR A 39  ? 0.3287 0.3778 0.4478 0.0005  -0.0656 -0.0560 35  THR A CG2 
297 N N   . GLN A 40  ? 0.3691 0.4209 0.5274 0.0121  -0.0577 -0.1056 36  GLN A N   
298 C CA  . GLN A 40  ? 0.3879 0.4526 0.5666 0.0194  -0.0562 -0.1311 36  GLN A CA  
299 C C   . GLN A 40  ? 0.3911 0.4378 0.6037 0.0228  -0.0584 -0.1328 36  GLN A C   
300 O O   . GLN A 40  ? 0.3961 0.4553 0.6275 0.0309  -0.0568 -0.1505 36  GLN A O   
301 C CB  . GLN A 40  ? 0.4002 0.4700 0.5842 0.0193  -0.0598 -0.1531 36  GLN A CB  
302 C CG  . GLN A 40  ? 0.4408 0.5411 0.5897 0.0245  -0.0583 -0.1591 36  GLN A CG  
303 C CD  . GLN A 40  ? 0.5066 0.6120 0.6571 0.0237  -0.0666 -0.1769 36  GLN A CD  
304 O OE1 . GLN A 40  ? 0.5579 0.6497 0.7477 0.0199  -0.0728 -0.1945 36  GLN A OE1 
305 N NE2 . GLN A 40  ? 0.4840 0.6102 0.5992 0.0280  -0.0661 -0.1717 36  GLN A NE2 
306 N N   . ALA A 41  ? 0.3843 0.4035 0.6035 0.0200  -0.0610 -0.1132 37  ALA A N   
307 C CA  . ALA A 41  ? 0.3946 0.3964 0.6419 0.0270  -0.0626 -0.1067 37  ALA A CA  
308 C C   . ALA A 41  ? 0.3900 0.4042 0.6312 0.0329  -0.0662 -0.1016 37  ALA A C   
309 O O   . ALA A 41  ? 0.4055 0.4217 0.6736 0.0405  -0.0669 -0.1099 37  ALA A O   
310 C CB  . ALA A 41  ? 0.4023 0.3756 0.6515 0.0280  -0.0613 -0.0809 37  ALA A CB  
311 N N   . ILE A 42  ? 0.3823 0.4072 0.5974 0.0293  -0.0685 -0.0913 38  ILE A N   
312 C CA  . ILE A 42  ? 0.3732 0.4144 0.5977 0.0329  -0.0714 -0.0906 38  ILE A CA  
313 C C   . ILE A 42  ? 0.3798 0.4465 0.6193 0.0347  -0.0605 -0.1071 38  ILE A C   
314 O O   . ILE A 42  ? 0.3849 0.4614 0.6505 0.0413  -0.0601 -0.1121 38  ILE A O   
315 C CB  . ILE A 42  ? 0.3611 0.4083 0.5689 0.0278  -0.0763 -0.0794 38  ILE A CB  
316 C CG1 . ILE A 42  ? 0.3668 0.3944 0.5570 0.0331  -0.0891 -0.0665 38  ILE A CG1 
317 C CG2 . ILE A 42  ? 0.3210 0.3890 0.5577 0.0292  -0.0767 -0.0822 38  ILE A CG2 
318 C CD1 . ILE A 42  ? 0.3390 0.3714 0.5146 0.0299  -0.0971 -0.0622 38  ILE A CD1 
319 N N   . GLY A 43  ? 0.3869 0.4680 0.6088 0.0324  -0.0514 -0.1158 39  GLY A N   
320 C CA  . GLY A 43  ? 0.3984 0.5101 0.6248 0.0406  -0.0390 -0.1307 39  GLY A CA  
321 C C   . GLY A 43  ? 0.4214 0.5345 0.6767 0.0506  -0.0398 -0.1530 39  GLY A C   
322 O O   . GLY A 43  ? 0.4367 0.5726 0.7079 0.0596  -0.0308 -0.1603 39  GLY A O   
323 N N   . ARG A 44  ? 0.4309 0.5196 0.7000 0.0496  -0.0488 -0.1627 40  ARG A N   
324 C CA  . ARG A 44  ? 0.4608 0.5457 0.7678 0.0589  -0.0509 -0.1856 40  ARG A CA  
325 C C   . ARG A 44  ? 0.4627 0.5389 0.7965 0.0636  -0.0536 -0.1736 40  ARG A C   
326 O O   . ARG A 44  ? 0.4615 0.5524 0.8211 0.0738  -0.0499 -0.1897 40  ARG A O   
327 C CB  . ARG A 44  ? 0.4717 0.5289 0.8018 0.0551  -0.0578 -0.1945 40  ARG A CB  
328 C CG  . ARG A 44  ? 0.5026 0.5742 0.8199 0.0537  -0.0592 -0.2181 40  ARG A CG  
329 C CD  . ARG A 44  ? 0.5394 0.5882 0.9049 0.0509  -0.0659 -0.2367 40  ARG A CD  
330 N NE  . ARG A 44  ? 0.5802 0.5948 0.9509 0.0394  -0.0644 -0.2030 40  ARG A NE  
331 C CZ  . ARG A 44  ? 0.5915 0.6031 0.9378 0.0300  -0.0640 -0.1901 40  ARG A CZ  
332 N NH1 . ARG A 44  ? 0.5834 0.6226 0.8989 0.0299  -0.0668 -0.2072 40  ARG A NH1 
333 N NH2 . ARG A 44  ? 0.5791 0.5623 0.9299 0.0236  -0.0597 -0.1580 40  ARG A NH2 
334 N N   . LEU A 45  ? 0.4587 0.5145 0.7846 0.0587  -0.0611 -0.1471 41  LEU A N   
335 C CA  . LEU A 45  ? 0.4673 0.5179 0.8125 0.0659  -0.0686 -0.1353 41  LEU A CA  
336 C C   . LEU A 45  ? 0.4593 0.5423 0.8146 0.0678  -0.0628 -0.1404 41  LEU A C   
337 O O   . LEU A 45  ? 0.4488 0.5419 0.8373 0.0771  -0.0624 -0.1494 41  LEU A O   
338 C CB  . LEU A 45  ? 0.4703 0.5012 0.7926 0.0644  -0.0792 -0.1095 41  LEU A CB  
339 C CG  . LEU A 45  ? 0.5198 0.5276 0.8547 0.0776  -0.0892 -0.0931 41  LEU A CG  
340 C CD1 . LEU A 45  ? 0.5458 0.5301 0.9125 0.0822  -0.0827 -0.0958 41  LEU A CD1 
341 C CD2 . LEU A 45  ? 0.5226 0.5183 0.8205 0.0795  -0.0970 -0.0700 41  LEU A CD2 
342 N N   . LYS A 46  ? 0.4508 0.5505 0.7840 0.0596  -0.0559 -0.1334 42  LYS A N   
343 C CA  . LYS A 46  ? 0.4476 0.5778 0.8012 0.0606  -0.0451 -0.1325 42  LYS A CA  
344 C C   . LYS A 46  ? 0.4655 0.6205 0.8330 0.0711  -0.0291 -0.1513 42  LYS A C   
345 O O   . LYS A 46  ? 0.4862 0.6596 0.8891 0.0778  -0.0232 -0.1547 42  LYS A O   
346 C CB  . LYS A 46  ? 0.4359 0.5784 0.7697 0.0511  -0.0357 -0.1183 42  LYS A CB  
347 C CG  . LYS A 46  ? 0.4256 0.5514 0.7557 0.0426  -0.0518 -0.1040 42  LYS A CG  
348 C CD  . LYS A 46  ? 0.4278 0.5667 0.7526 0.0338  -0.0399 -0.0912 42  LYS A CD  
349 C CE  . LYS A 46  ? 0.4358 0.5623 0.7673 0.0271  -0.0566 -0.0839 42  LYS A CE  
350 N NZ  . LYS A 46  ? 0.4537 0.5948 0.8033 0.0189  -0.0425 -0.0711 42  LYS A NZ  
351 N N   . ALA A 47  ? 0.4749 0.6340 0.8178 0.0750  -0.0232 -0.1667 43  ALA A N   
352 C CA  . ALA A 47  ? 0.4881 0.6761 0.8381 0.0901  -0.0097 -0.1907 43  ALA A CA  
353 C C   . ALA A 47  ? 0.5028 0.6824 0.8951 0.0997  -0.0168 -0.2099 43  ALA A C   
354 O O   . ALA A 47  ? 0.5056 0.7134 0.9198 0.1125  -0.0045 -0.2224 43  ALA A O   
355 C CB  . ALA A 47  ? 0.5014 0.6988 0.8164 0.0957  -0.0079 -0.2101 43  ALA A CB  
356 N N   . ARG A 48  ? 0.5059 0.6482 0.9126 0.0955  -0.0340 -0.2097 44  ARG A N   
357 C CA  . ARG A 48  ? 0.5274 0.6582 0.9790 0.1060  -0.0403 -0.2245 44  ARG A CA  
358 C C   . ARG A 48  ? 0.5265 0.6688 1.0068 0.1105  -0.0404 -0.2123 44  ARG A C   
359 O O   . ARG A 48  ? 0.5383 0.6960 1.0537 0.1230  -0.0357 -0.2293 44  ARG A O   
360 C CB  . ARG A 48  ? 0.5315 0.6187 0.9983 0.1026  -0.0543 -0.2188 44  ARG A CB  
361 N N   . TYR A 49  ? 0.5211 0.6599 0.9909 0.1017  -0.0467 -0.1870 45  TYR A N   
362 C CA  . TYR A 49  ? 0.5231 0.6708 1.0285 0.1062  -0.0540 -0.1787 45  TYR A CA  
363 C C   . TYR A 49  ? 0.5120 0.6945 1.0295 0.1013  -0.0397 -0.1729 45  TYR A C   
364 O O   . TYR A 49  ? 0.5043 0.6943 1.0539 0.1008  -0.0489 -0.1653 45  TYR A O   
365 C CB  . TYR A 49  ? 0.5206 0.6394 1.0177 0.1058  -0.0771 -0.1595 45  TYR A CB  
366 C CG  . TYR A 49  ? 0.5711 0.6556 1.0646 0.1122  -0.0839 -0.1578 45  TYR A CG  
367 C CD1 . TYR A 49  ? 0.6275 0.7059 1.1616 0.1259  -0.0856 -0.1687 45  TYR A CD1 
368 C CD2 . TYR A 49  ? 0.6031 0.6622 1.0618 0.1048  -0.0858 -0.1450 45  TYR A CD2 
369 C CE1 . TYR A 49  ? 0.6658 0.7099 1.2108 0.1316  -0.0887 -0.1646 45  TYR A CE1 
370 C CE2 . TYR A 49  ? 0.6466 0.6740 1.1160 0.1100  -0.0873 -0.1401 45  TYR A CE2 
371 C CZ  . TYR A 49  ? 0.6727 0.6916 1.1877 0.1231  -0.0884 -0.1490 45  TYR A CZ  
372 O OH  . TYR A 49  ? 0.7243 0.7095 1.2623 0.1279  -0.0873 -0.1411 45  TYR A OH  
373 N N   . ASN A 50  ? 0.5233 0.7292 1.0203 0.1004  -0.0168 -0.1770 46  ASN A N   
374 C CA  . ASN A 50  ? 0.5297 0.7721 1.0438 0.0991  0.0065  -0.1664 46  ASN A CA  
375 C C   . ASN A 50  ? 0.5221 0.7614 1.0485 0.0847  0.0009  -0.1443 46  ASN A C   
376 O O   . ASN A 50  ? 0.5232 0.7861 1.0996 0.0832  0.0115  -0.1367 46  ASN A O   
377 C CB  . ASN A 50  ? 0.5365 0.8069 1.1042 0.1115  0.0181  -0.1767 46  ASN A CB  
378 C CG  . ASN A 50  ? 0.5460 0.8591 1.1327 0.1143  0.0523  -0.1640 46  ASN A CG  
379 O OD1 . ASN A 50  ? 0.5692 0.8962 1.1153 0.1157  0.0723  -0.1542 46  ASN A OD1 
380 N ND2 . ASN A 50  ? 0.5315 0.8673 1.1837 0.1173  0.0603  -0.1619 46  ASN A ND2 
381 N N   . LEU A 51  ? 0.5395 0.7716 0.9941 0.1068  0.0387  -0.0900 47  LEU A N   
382 C CA  . LEU A 51  ? 0.5196 0.7650 0.9794 0.0868  0.0338  -0.0727 47  LEU A CA  
383 C C   . LEU A 51  ? 0.5333 0.7811 0.9510 0.0788  0.0589  -0.0673 47  LEU A C   
384 O O   . LEU A 51  ? 0.5519 0.7805 0.9160 0.0847  0.0650  -0.0762 47  LEU A O   
385 C CB  . LEU A 51  ? 0.5028 0.7222 0.9402 0.0746  0.0005  -0.0639 47  LEU A CB  
386 C CG  . LEU A 51  ? 0.5033 0.7121 0.9666 0.0846  -0.0277 -0.0625 47  LEU A CG  
387 C CD1 . LEU A 51  ? 0.4828 0.6606 0.9045 0.0739  -0.0511 -0.0506 47  LEU A CD1 
388 C CD2 . LEU A 51  ? 0.4987 0.7435 1.0278 0.0895  -0.0357 -0.0616 47  LEU A CD2 
389 N N   . PRO A 52  ? 0.5332 0.8028 0.9771 0.0663  0.0712  -0.0534 48  PRO A N   
390 C CA  . PRO A 52  ? 0.5433 0.8136 0.9504 0.0628  0.1002  -0.0437 48  PRO A CA  
391 C C   . PRO A 52  ? 0.5179 0.7618 0.8686 0.0501  0.0820  -0.0383 48  PRO A C   
392 O O   . PRO A 52  ? 0.4848 0.7183 0.8411 0.0381  0.0528  -0.0371 48  PRO A O   
393 C CB  . PRO A 52  ? 0.5412 0.8416 1.0145 0.0519  0.1183  -0.0299 48  PRO A CB  
394 C CG  . PRO A 52  ? 0.5214 0.8241 1.0363 0.0394  0.0775  -0.0326 48  PRO A CG  
395 C CD  . PRO A 52  ? 0.5163 0.8020 1.0139 0.0529  0.0514  -0.0459 48  PRO A CD  
396 N N   . ALA A 53  ? 0.5316 0.7656 0.8267 0.0559  0.0995  -0.0356 49  ALA A N   
397 C CA  . ALA A 53  ? 0.5160 0.7290 0.7617 0.0470  0.0846  -0.0315 49  ALA A CA  
398 C C   . ALA A 53  ? 0.4851 0.7013 0.7567 0.0268  0.0788  -0.0147 49  ALA A C   
399 O O   . ALA A 53  ? 0.4647 0.6676 0.7272 0.0153  0.0530  -0.0161 49  ALA A O   
400 C CB  . ALA A 53  ? 0.5523 0.7581 0.7365 0.0622  0.1048  -0.0303 49  ALA A CB  
401 N N   . VAL A 54  ? 0.4868 0.7199 0.7938 0.0229  0.1048  0.0001  50  VAL A N   
402 C CA  . VAL A 54  ? 0.4655 0.7007 0.8077 0.0036  0.0990  0.0122  50  VAL A CA  
403 C C   . VAL A 54  ? 0.4391 0.6933 0.8522 -0.0049 0.0799  0.0041  50  VAL A C   
404 O O   . VAL A 54  ? 0.4477 0.7268 0.9163 -0.0002 0.0943  0.0020  50  VAL A O   
405 C CB  . VAL A 54  ? 0.4934 0.7327 0.8478 0.0011  0.1362  0.0337  50  VAL A CB  
406 C CG1 . VAL A 54  ? 0.4701 0.7051 0.8622 -0.0198 0.1253  0.0419  50  VAL A CG1 
407 C CG2 . VAL A 54  ? 0.5325 0.7525 0.8058 0.0175  0.1544  0.0425  50  VAL A CG2 
408 N N   . ASP A 55  ? 0.4191 0.6628 0.8284 -0.0149 0.0469  -0.0013 51  ASP A N   
409 C CA  . ASP A 55  ? 0.4050 0.6616 0.8644 -0.0191 0.0192  -0.0110 51  ASP A CA  
410 C C   . ASP A 55  ? 0.3857 0.6424 0.8724 -0.0356 0.0088  -0.0092 51  ASP A C   
411 O O   . ASP A 55  ? 0.3680 0.6052 0.8169 -0.0406 -0.0123 -0.0119 51  ASP A O   
412 C CB  . ASP A 55  ? 0.4110 0.6476 0.8263 -0.0122 -0.0095 -0.0187 51  ASP A CB  
413 C CG  . ASP A 55  ? 0.4325 0.6775 0.8812 -0.0079 -0.0401 -0.0270 51  ASP A CG  
414 O OD1 . ASP A 55  ? 0.4544 0.7166 0.9511 -0.0148 -0.0529 -0.0317 51  ASP A OD1 
415 O OD2 . ASP A 55  ? 0.4969 0.7285 0.9221 0.0040  -0.0533 -0.0294 51  ASP A OD2 
416 N N   . PRO A 56  ? 0.3806 0.6585 0.9376 -0.0443 0.0264  -0.0055 52  PRO A N   
417 C CA  . PRO A 56  ? 0.3796 0.6520 0.9646 -0.0610 0.0233  -0.0034 52  PRO A CA  
418 C C   . PRO A 56  ? 0.3720 0.6399 0.9624 -0.0657 -0.0215 -0.0220 52  PRO A C   
419 O O   . PRO A 56  ? 0.3821 0.6299 0.9474 -0.0738 -0.0294 -0.0222 52  PRO A O   
420 C CB  . PRO A 56  ? 0.3898 0.6890 1.0682 -0.0696 0.0513  0.0021  52  PRO A CB  
421 C CG  . PRO A 56  ? 0.3918 0.7153 1.0924 -0.0559 0.0679  0.0011  52  PRO A CG  
422 C CD  . PRO A 56  ? 0.3908 0.7001 1.0167 -0.0394 0.0471  -0.0063 52  PRO A CD  
423 N N   . LEU A 57  ? 0.3660 0.6510 0.9843 -0.0575 -0.0508 -0.0377 53  LEU A N   
424 C CA  . LEU A 57  ? 0.3674 0.6461 0.9746 -0.0552 -0.0955 -0.0558 53  LEU A CA  
425 C C   . LEU A 57  ? 0.3649 0.6107 0.8762 -0.0495 -0.1046 -0.0510 53  LEU A C   
426 O O   . LEU A 57  ? 0.3777 0.6096 0.8654 -0.0521 -0.1252 -0.0601 53  LEU A O   
427 C CB  . LEU A 57  ? 0.3696 0.6707 1.0140 -0.0411 -0.1271 -0.0709 53  LEU A CB  
428 C CG  . LEU A 57  ? 0.3889 0.7281 1.1457 -0.0472 -0.1349 -0.0862 53  LEU A CG  
429 C CD1 . LEU A 57  ? 0.4065 0.7672 1.1923 -0.0276 -0.1761 -0.1036 53  LEU A CD1 
430 C CD2 . LEU A 57  ? 0.3799 0.7198 1.1838 -0.0648 -0.1470 -0.1004 53  LEU A CD2 
431 N N   . ARG A 58  ? 0.3602 0.5943 0.8219 -0.0413 -0.0886 -0.0389 54  ARG A N   
432 C CA  . ARG A 58  ? 0.3647 0.5698 0.7487 -0.0384 -0.0913 -0.0335 54  ARG A CA  
433 C C   . ARG A 58  ? 0.3689 0.5603 0.7322 -0.0500 -0.0766 -0.0284 54  ARG A C   
434 O O   . ARG A 58  ? 0.3782 0.5535 0.7071 -0.0516 -0.0896 -0.0329 54  ARG A O   
435 C CB  . ARG A 58  ? 0.3568 0.5542 0.7099 -0.0289 -0.0772 -0.0256 54  ARG A CB  
436 C CG  . ARG A 58  ? 0.3558 0.5272 0.6470 -0.0289 -0.0727 -0.0202 54  ARG A CG  
437 C CD  . ARG A 58  ? 0.3558 0.5095 0.6113 -0.0250 -0.0940 -0.0214 54  ARG A CD  
438 N NE  . ARG A 58  ? 0.3651 0.4981 0.5768 -0.0271 -0.0834 -0.0156 54  ARG A NE  
439 C CZ  . ARG A 58  ? 0.3762 0.4923 0.5516 -0.0273 -0.0887 -0.0138 54  ARG A CZ  
440 N NH1 . ARG A 58  ? 0.3835 0.4972 0.5473 -0.0225 -0.1073 -0.0180 54  ARG A NH1 
441 N NH2 . ARG A 58  ? 0.3786 0.4810 0.5304 -0.0308 -0.0754 -0.0094 54  ARG A NH2 
442 N N   . GLU A 59  ? 0.3746 0.5716 0.7578 -0.0555 -0.0485 -0.0182 55  GLU A N   
443 C CA  . GLU A 59  ? 0.3845 0.5667 0.7486 -0.0626 -0.0326 -0.0093 55  GLU A CA  
444 C C   . GLU A 59  ? 0.3762 0.5535 0.7666 -0.0726 -0.0486 -0.0187 55  GLU A C   
445 O O   . GLU A 59  ? 0.3764 0.5357 0.7338 -0.0743 -0.0534 -0.0200 55  GLU A O   
446 C CB  . GLU A 59  ? 0.4020 0.5913 0.7885 -0.0634 0.0015  0.0065  55  GLU A CB  
447 C CG  . GLU A 59  ? 0.4680 0.6432 0.7974 -0.0546 0.0217  0.0195  55  GLU A CG  
448 C CD  . GLU A 59  ? 0.5461 0.7309 0.8574 -0.0407 0.0379  0.0211  55  GLU A CD  
449 O OE1 . GLU A 59  ? 0.5390 0.7270 0.8394 -0.0344 0.0229  0.0092  55  GLU A OE1 
450 O OE2 . GLU A 59  ? 0.6062 0.7916 0.9101 -0.0341 0.0675  0.0353  55  GLU A OE2 
451 N N   . GLN A 60  ? 0.3750 0.5702 0.8311 -0.0781 -0.0582 -0.0285 56  GLN A N   
452 C CA  . GLN A 60  ? 0.3839 0.5761 0.8795 -0.0878 -0.0764 -0.0437 56  GLN A CA  
453 C C   . GLN A 60  ? 0.3855 0.5646 0.8327 -0.0805 -0.1091 -0.0612 56  GLN A C   
454 O O   . GLN A 60  ? 0.4030 0.5665 0.8440 -0.0849 -0.1173 -0.0708 56  GLN A O   
455 C CB  . GLN A 60  ? 0.3918 0.6107 0.9740 -0.0930 -0.0889 -0.0578 56  GLN A CB  
456 C CG  . GLN A 60  ? 0.4206 0.6491 1.0815 -0.1074 -0.0590 -0.0471 56  GLN A CG  
457 C CD  . GLN A 60  ? 0.4644 0.7278 1.2236 -0.1117 -0.0717 -0.0635 56  GLN A CD  
458 O OE1 . GLN A 60  ? 0.4829 0.7668 1.2913 -0.1139 -0.0409 -0.0498 56  GLN A OE1 
459 N NE2 . GLN A 60  ? 0.4607 0.7327 1.2472 -0.1100 -0.1181 -0.0946 56  GLN A NE2 
460 N N   . TYR A 61  ? 0.3711 0.5549 0.7852 -0.0676 -0.1264 -0.0653 57  TYR A N   
461 C CA  . TYR A 61  ? 0.3812 0.5498 0.7368 -0.0565 -0.1516 -0.0766 57  TYR A CA  
462 C C   . TYR A 61  ? 0.3650 0.5106 0.6594 -0.0569 -0.1344 -0.0664 57  TYR A C   
463 O O   . TYR A 61  ? 0.3736 0.5055 0.6400 -0.0548 -0.1445 -0.0774 57  TYR A O   
464 C CB  . TYR A 61  ? 0.3921 0.5654 0.7224 -0.0405 -0.1670 -0.0747 57  TYR A CB  
465 C CG  . TYR A 61  ? 0.4278 0.5793 0.6819 -0.0263 -0.1812 -0.0758 57  TYR A CG  
466 C CD1 . TYR A 61  ? 0.4641 0.6117 0.6994 -0.0150 -0.2139 -0.0958 57  TYR A CD1 
467 C CD2 . TYR A 61  ? 0.4163 0.5505 0.6178 -0.0230 -0.1606 -0.0575 57  TYR A CD2 
468 C CE1 . TYR A 61  ? 0.5112 0.6360 0.6659 0.0015  -0.2206 -0.0931 57  TYR A CE1 
469 C CE2 . TYR A 61  ? 0.4567 0.5696 0.5926 -0.0108 -0.1654 -0.0541 57  TYR A CE2 
470 C CZ  . TYR A 61  ? 0.5036 0.6110 0.6114 0.0023  -0.1926 -0.0696 57  TYR A CZ  
471 O OH  . TYR A 61  ? 0.5632 0.6475 0.5978 0.0173  -0.1911 -0.0624 57  TYR A OH  
472 N N   . GLN A 62  ? 0.3396 0.4832 0.6172 -0.0581 -0.1095 -0.0484 58  GLN A N   
473 C CA  . GLN A 62  ? 0.3372 0.4644 0.5672 -0.0574 -0.0961 -0.0411 58  GLN A CA  
474 C C   . GLN A 62  ? 0.3402 0.4587 0.5813 -0.0647 -0.0914 -0.0448 58  GLN A C   
475 O O   . GLN A 62  ? 0.3456 0.4517 0.5559 -0.0621 -0.0930 -0.0499 58  GLN A O   
476 C CB  . GLN A 62  ? 0.3165 0.4458 0.5369 -0.0567 -0.0753 -0.0267 58  GLN A CB  
477 C CG  . GLN A 62  ? 0.3029 0.4354 0.5132 -0.0491 -0.0766 -0.0230 58  GLN A CG  
478 C CD  . GLN A 62  ? 0.2838 0.4165 0.4856 -0.0477 -0.0585 -0.0156 58  GLN A CD  
479 O OE1 . GLN A 62  ? 0.3372 0.4598 0.5123 -0.0474 -0.0541 -0.0150 58  GLN A OE1 
480 N NE2 . GLN A 62  ? 0.2613 0.4065 0.4878 -0.0459 -0.0481 -0.0125 58  GLN A NE2 
481 N N   . ILE A 63  ? 0.3415 0.4656 0.6309 -0.0730 -0.0833 -0.0414 59  ILE A N   
482 C CA  . ILE A 63  ? 0.3529 0.4636 0.6591 -0.0793 -0.0766 -0.0414 59  ILE A CA  
483 C C   . ILE A 63  ? 0.3820 0.4852 0.6997 -0.0805 -0.1004 -0.0652 59  ILE A C   
484 O O   . ILE A 63  ? 0.4011 0.4879 0.6983 -0.0785 -0.1004 -0.0708 59  ILE A O   
485 C CB  . ILE A 63  ? 0.3564 0.4705 0.7145 -0.0879 -0.0560 -0.0266 59  ILE A CB  
486 C CG1 . ILE A 63  ? 0.3695 0.4839 0.6975 -0.0816 -0.0308 -0.0040 59  ILE A CG1 
487 C CG2 . ILE A 63  ? 0.3616 0.4569 0.7501 -0.0954 -0.0525 -0.0277 59  ILE A CG2 
488 C CD1 . ILE A 63  ? 0.3836 0.5046 0.7528 -0.0855 -0.0045 0.0141  59  ILE A CD1 
489 N N   . LYS A 64  ? 0.3854 0.5009 0.7368 -0.0813 -0.1224 -0.0822 60  LYS A N   
490 C CA  . LYS A 64  ? 0.4209 0.5292 0.7818 -0.0795 -0.1504 -0.1109 60  LYS A CA  
491 C C   . LYS A 64  ? 0.4403 0.5359 0.7236 -0.0649 -0.1587 -0.1186 60  LYS A C   
492 O O   . LYS A 64  ? 0.4613 0.5414 0.7290 -0.0617 -0.1642 -0.1338 60  LYS A O   
493 C CB  . LYS A 64  ? 0.4236 0.5508 0.8368 -0.0798 -0.1802 -0.1330 60  LYS A CB  
494 N N   . ARG A 65  ? 0.4450 0.5459 0.6829 -0.0556 -0.1558 -0.1065 61  ARG A N   
495 C CA  . ARG A 65  ? 0.4729 0.5614 0.6395 -0.0417 -0.1567 -0.1082 61  ARG A CA  
496 C C   . ARG A 65  ? 0.4611 0.5376 0.6067 -0.0441 -0.1336 -0.1010 61  ARG A C   
497 O O   . ARG A 65  ? 0.4901 0.5551 0.6027 -0.0358 -0.1357 -0.1138 61  ARG A O   
498 C CB  . ARG A 65  ? 0.4707 0.5637 0.6060 -0.0341 -0.1521 -0.0912 61  ARG A CB  
499 C CG  . ARG A 65  ? 0.5378 0.6156 0.6033 -0.0204 -0.1457 -0.0861 61  ARG A CG  
500 C CD  . ARG A 65  ? 0.5653 0.6425 0.6131 -0.0168 -0.1343 -0.0641 61  ARG A CD  
501 N NE  . ARG A 65  ? 0.5936 0.6547 0.5886 -0.0092 -0.1151 -0.0518 61  ARG A NE  
502 C CZ  . ARG A 65  ? 0.6108 0.6703 0.6105 -0.0180 -0.0883 -0.0404 61  ARG A CZ  
503 N NH1 . ARG A 65  ? 0.5175 0.5888 0.5604 -0.0316 -0.0797 -0.0391 61  ARG A NH1 
504 N NH2 . ARG A 65  ? 0.6665 0.7124 0.6270 -0.0113 -0.0694 -0.0295 61  ARG A NH2 
505 N N   . LEU A 66  ? 0.4304 0.5105 0.5956 -0.0529 -0.1125 -0.0824 62  LEU A N   
506 C CA  . LEU A 66  ? 0.4297 0.5021 0.5793 -0.0524 -0.0951 -0.0766 62  LEU A CA  
507 C C   . LEU A 66  ? 0.4459 0.5061 0.6175 -0.0541 -0.0991 -0.0902 62  LEU A C   
508 O O   . LEU A 66  ? 0.4497 0.5013 0.6019 -0.0479 -0.0933 -0.0971 62  LEU A O   
509 C CB  . LEU A 66  ? 0.3985 0.4779 0.5579 -0.0569 -0.0774 -0.0564 62  LEU A CB  
510 C CG  . LEU A 66  ? 0.4016 0.4795 0.5398 -0.0527 -0.0641 -0.0522 62  LEU A CG  
511 C CD1 . LEU A 66  ? 0.4159 0.4942 0.5203 -0.0476 -0.0604 -0.0533 62  LEU A CD1 
512 C CD2 . LEU A 66  ? 0.3527 0.4374 0.5003 -0.0539 -0.0542 -0.0381 62  LEU A CD2 
513 N N   . ARG A 67  ? 0.4535 0.5125 0.6726 -0.0625 -0.1074 -0.0947 63  ARG A N   
514 C CA  . ARG A 67  ? 0.4727 0.5151 0.7209 -0.0649 -0.1127 -0.1091 63  ARG A CA  
515 C C   . ARG A 67  ? 0.5140 0.5483 0.7334 -0.0541 -0.1320 -0.1395 63  ARG A C   
516 O O   . ARG A 67  ? 0.5248 0.5444 0.7354 -0.0484 -0.1283 -0.1502 63  ARG A O   
517 C CB  . ARG A 67  ? 0.4707 0.5126 0.7866 -0.0781 -0.1158 -0.1081 63  ARG A CB  
518 C CG  . ARG A 67  ? 0.4527 0.4927 0.7906 -0.0848 -0.0893 -0.0767 63  ARG A CG  
519 C CD  . ARG A 67  ? 0.4571 0.4967 0.8683 -0.0986 -0.0853 -0.0729 63  ARG A CD  
520 N NE  . ARG A 67  ? 0.4834 0.4997 0.9372 -0.1041 -0.0915 -0.0875 63  ARG A NE  
521 C CZ  . ARG A 67  ? 0.5062 0.4971 0.9761 -0.1054 -0.0728 -0.0698 63  ARG A CZ  
522 N NH1 . ARG A 67  ? 0.4943 0.4815 0.9376 -0.1000 -0.0472 -0.0358 63  ARG A NH1 
523 N NH2 . ARG A 67  ? 0.5276 0.4947 1.0418 -0.1102 -0.0814 -0.0875 63  ARG A NH2 
524 N N   . LYS A 68  ? 0.5374 0.5804 0.7376 -0.0480 -0.1526 -0.1536 64  LYS A N   
525 C CA  . LYS A 68  ? 0.5993 0.6331 0.7606 -0.0327 -0.1736 -0.1844 64  LYS A CA  
526 C C   . LYS A 68  ? 0.6202 0.6476 0.7187 -0.0200 -0.1531 -0.1781 64  LYS A C   
527 O O   . LYS A 68  ? 0.6510 0.6653 0.7314 -0.0103 -0.1536 -0.1983 64  LYS A O   
528 C CB  . LYS A 68  ? 0.6220 0.6657 0.7642 -0.0229 -0.2029 -0.1988 64  LYS A CB  
529 N N   . LEU A 69  ? 0.6155 0.6523 0.6883 -0.0204 -0.1333 -0.1515 65  LEU A N   
530 C CA  . LEU A 69  ? 0.6418 0.6758 0.6671 -0.0107 -0.1095 -0.1432 65  LEU A CA  
531 C C   . LEU A 69  ? 0.6276 0.6585 0.6779 -0.0141 -0.0918 -0.1425 65  LEU A C   
532 O O   . LEU A 69  ? 0.6583 0.6845 0.6819 -0.0031 -0.0790 -0.1516 65  LEU A O   
533 C CB  . LEU A 69  ? 0.6268 0.6699 0.6332 -0.0128 -0.0932 -0.1161 65  LEU A CB  
534 C CG  . LEU A 69  ? 0.6897 0.7327 0.6648 -0.0047 -0.1092 -0.1127 65  LEU A CG  
535 C CD1 . LEU A 69  ? 0.6744 0.7214 0.6395 -0.0077 -0.0909 -0.0846 65  LEU A CD1 
536 C CD2 . LEU A 69  ? 0.7671 0.7970 0.6784 0.0173  -0.1227 -0.1310 65  LEU A CD2 
537 N N   . ALA A 70  ? 0.5975 0.6301 0.6974 -0.0266 -0.0910 -0.1318 66  ALA A N   
538 C CA  . ALA A 70  ? 0.5933 0.6197 0.7189 -0.0266 -0.0803 -0.1306 66  ALA A CA  
539 C C   . ALA A 70  ? 0.6399 0.6483 0.7717 -0.0189 -0.0903 -0.1585 66  ALA A C   
540 O O   . ALA A 70  ? 0.6524 0.6568 0.7780 -0.0091 -0.0789 -0.1661 66  ALA A O   
541 C CB  . ALA A 70  ? 0.5615 0.5878 0.7286 -0.0376 -0.0786 -0.1110 66  ALA A CB  
542 N N   . ILE A 71  ? 0.6680 0.6666 0.8191 -0.0225 -0.1124 -0.1766 67  ILE A N   
543 C CA  . ILE A 71  ? 0.7186 0.6977 0.8790 -0.0147 -0.1259 -0.2093 67  ILE A CA  
544 C C   . ILE A 71  ? 0.7747 0.7535 0.8715 0.0053  -0.1229 -0.2302 67  ILE A C   
545 O O   . ILE A 71  ? 0.8008 0.7680 0.8928 0.0168  -0.1167 -0.2485 67  ILE A O   
546 C CB  . ILE A 71  ? 0.7340 0.7055 0.9342 -0.0226 -0.1548 -0.2313 67  ILE A CB  
547 C CG1 . ILE A 71  ? 0.7013 0.6678 0.9731 -0.0420 -0.1492 -0.2099 67  ILE A CG1 
548 C CG2 . ILE A 71  ? 0.7812 0.7316 0.9841 -0.0114 -0.1732 -0.2734 67  ILE A CG2 
549 C CD1 . ILE A 71  ? 0.6862 0.6532 1.0148 -0.0546 -0.1718 -0.2250 67  ILE A CD1 
550 N N   . ASP A 72  ? 0.8024 0.7926 0.8487 0.0115  -0.1244 -0.2251 68  ASP A N   
551 C CA  . ASP A 72  ? 0.8660 0.8538 0.8410 0.0328  -0.1153 -0.2377 68  ASP A CA  
552 C C   . ASP A 72  ? 0.8575 0.8521 0.8233 0.0374  -0.0782 -0.2224 68  ASP A C   
553 O O   . ASP A 72  ? 0.9059 0.8957 0.8302 0.0555  -0.0638 -0.2376 68  ASP A O   
554 C CB  . ASP A 72  ? 0.8886 0.8830 0.8112 0.0395  -0.1235 -0.2279 68  ASP A CB  
555 C CG  . ASP A 72  ? 0.9371 0.9286 0.8703 0.0404  -0.1662 -0.2515 68  ASP A CG  
556 O OD1 . ASP A 72  ? 0.9541 0.9396 0.9457 0.0312  -0.1871 -0.2737 68  ASP A OD1 
557 O OD2 . ASP A 72  ? 0.9872 0.9823 0.8754 0.0511  -0.1796 -0.2479 68  ASP A OD2 
558 N N   . THR A 73  ? 0.8091 0.8163 0.8161 0.0227  -0.0633 -0.1952 69  THR A N   
559 C CA  . THR A 73  ? 0.7969 0.8153 0.8159 0.0255  -0.0340 -0.1843 69  THR A CA  
560 C C   . THR A 73  ? 0.7811 0.7925 0.8475 0.0274  -0.0351 -0.1950 69  THR A C   
561 O O   . THR A 73  ? 0.7669 0.7909 0.8565 0.0297  -0.0168 -0.1862 69  THR A O   
562 C CB  . THR A 73  ? 0.7503 0.7871 0.7903 0.0117  -0.0220 -0.1527 69  THR A CB  
563 O OG1 . THR A 73  ? 0.7665 0.8062 0.7660 0.0114  -0.0174 -0.1407 69  THR A OG1 
564 C CG2 . THR A 73  ? 0.7495 0.8028 0.8161 0.0139  0.0030  -0.1456 69  THR A CG2 
565 N N   . HIS A 74  ? 0.7831 0.7743 0.8701 0.0267  -0.0575 -0.2134 70  HIS A N   
566 C CA  . HIS A 74  ? 0.7750 0.7523 0.9108 0.0281  -0.0600 -0.2189 70  HIS A CA  
567 C C   . HIS A 74  ? 0.7028 0.6893 0.8760 0.0182  -0.0542 -0.1867 70  HIS A C   
568 O O   . HIS A 74  ? 0.7025 0.6885 0.9021 0.0258  -0.0471 -0.1827 70  HIS A O   
569 C CB  . HIS A 74  ? 0.8233 0.7979 0.9493 0.0479  -0.0455 -0.2421 70  HIS A CB  
570 C CG  . HIS A 74  ? 0.9270 0.8914 1.0024 0.0627  -0.0504 -0.2753 70  HIS A CG  
571 N ND1 . HIS A 74  ? 1.0173 0.9556 1.1015 0.0688  -0.0736 -0.3092 70  HIS A ND1 
572 C CD2 . HIS A 74  ? 0.9992 0.9735 1.0110 0.0748  -0.0357 -0.2800 70  HIS A CD2 
573 C CE1 . HIS A 74  ? 1.0844 1.0192 1.1079 0.0860  -0.0768 -0.3369 70  HIS A CE1 
574 N NE2 . HIS A 74  ? 1.0806 1.0359 1.0549 0.0909  -0.0521 -0.3171 70  HIS A NE2 
575 N N   . PHE A 75  ? 0.6464 0.6406 0.8190 0.0041  -0.0594 -0.1658 71  PHE A N   
576 C CA  . PHE A 75  ? 0.5869 0.5887 0.7815 -0.0031 -0.0561 -0.1369 71  PHE A CA  
577 C C   . PHE A 75  ? 0.5766 0.5615 0.7976 -0.0147 -0.0671 -0.1259 71  PHE A C   
578 O O   . PHE A 75  ? 0.5782 0.5600 0.7985 -0.0229 -0.0777 -0.1358 71  PHE A O   
579 C CB  . PHE A 75  ? 0.5581 0.5843 0.7282 -0.0086 -0.0478 -0.1227 71  PHE A CB  
580 C CG  . PHE A 75  ? 0.5054 0.5437 0.6902 -0.0111 -0.0449 -0.1000 71  PHE A CG  
581 C CD1 . PHE A 75  ? 0.5016 0.5567 0.6957 -0.0033 -0.0367 -0.0989 71  PHE A CD1 
582 C CD2 . PHE A 75  ? 0.4761 0.5106 0.6665 -0.0196 -0.0506 -0.0822 71  PHE A CD2 
583 C CE1 . PHE A 75  ? 0.4849 0.5516 0.6896 -0.0025 -0.0402 -0.0833 71  PHE A CE1 
584 C CE2 . PHE A 75  ? 0.4688 0.5132 0.6615 -0.0176 -0.0491 -0.0643 71  PHE A CE2 
585 C CZ  . PHE A 75  ? 0.4527 0.5127 0.6504 -0.0084 -0.0468 -0.0664 71  PHE A CZ  
586 N N   . ASP A 76  ? 0.5544 0.5293 0.7996 -0.0136 -0.0638 -0.1050 72  ASP A N   
587 C CA  . ASP A 76  ? 0.5596 0.5137 0.8355 -0.0231 -0.0657 -0.0903 72  ASP A CA  
588 C C   . ASP A 76  ? 0.5199 0.4889 0.7914 -0.0367 -0.0654 -0.0783 72  ASP A C   
589 O O   . ASP A 76  ? 0.4854 0.4723 0.7353 -0.0359 -0.0587 -0.0608 72  ASP A O   
590 C CB  . ASP A 76  ? 0.5779 0.5175 0.8644 -0.0142 -0.0581 -0.0631 72  ASP A CB  
591 C CG  . ASP A 76  ? 0.6366 0.5483 0.9568 -0.0229 -0.0521 -0.0428 72  ASP A CG  
592 O OD1 . ASP A 76  ? 0.7512 0.6490 1.1058 -0.0348 -0.0571 -0.0585 72  ASP A OD1 
593 O OD2 . ASP A 76  ? 0.6973 0.5998 1.0114 -0.0168 -0.0415 -0.0112 72  ASP A OD2 
594 N N   . PRO A 77  ? 0.5132 0.4754 0.8108 -0.0481 -0.0743 -0.0907 73  PRO A N   
595 C CA  . PRO A 77  ? 0.4839 0.4653 0.7812 -0.0587 -0.0753 -0.0829 73  PRO A CA  
596 C C   . PRO A 77  ? 0.4676 0.4486 0.7804 -0.0640 -0.0589 -0.0504 73  PRO A C   
597 O O   . PRO A 77  ? 0.4300 0.4309 0.7274 -0.0666 -0.0546 -0.0399 73  PRO A O   
598 C CB  . PRO A 77  ? 0.5083 0.4835 0.8408 -0.0674 -0.0931 -0.1087 73  PRO A CB  
599 C CG  . PRO A 77  ? 0.5407 0.4857 0.9091 -0.0662 -0.0954 -0.1204 73  PRO A CG  
600 C CD  . PRO A 77  ? 0.5445 0.4850 0.8756 -0.0505 -0.0873 -0.1177 73  PRO A CD  
601 N N   . ASP A 78  ? 0.4928 0.4488 0.8326 -0.0631 -0.0480 -0.0338 74  ASP A N   
602 C CA  . ASP A 78  ? 0.5020 0.4529 0.8433 -0.0627 -0.0272 0.0016  74  ASP A CA  
603 C C   . ASP A 78  ? 0.4852 0.4512 0.7720 -0.0480 -0.0231 0.0163  74  ASP A C   
604 O O   . ASP A 78  ? 0.4827 0.4605 0.7529 -0.0472 -0.0118 0.0346  74  ASP A O   
605 C CB  . ASP A 78  ? 0.5415 0.4556 0.9170 -0.0614 -0.0145 0.0199  74  ASP A CB  
606 C CG  . ASP A 78  ? 0.5858 0.4849 1.0325 -0.0796 -0.0166 0.0061  74  ASP A CG  
607 O OD1 . ASP A 78  ? 0.5841 0.5043 1.0569 -0.0933 -0.0198 -0.0032 74  ASP A OD1 
608 O OD2 . ASP A 78  ? 0.6513 0.5180 1.1332 -0.0797 -0.0173 0.0019  74  ASP A OD2 
609 N N   . PHE A 79  ? 0.4753 0.4428 0.7388 -0.0356 -0.0327 0.0053  75  PHE A N   
610 C CA  . PHE A 79  ? 0.4657 0.4503 0.6897 -0.0225 -0.0336 0.0130  75  PHE A CA  
611 C C   . PHE A 79  ? 0.4230 0.4368 0.6292 -0.0291 -0.0380 0.0006  75  PHE A C   
612 O O   . PHE A 79  ? 0.4154 0.4425 0.5991 -0.0244 -0.0351 0.0106  75  PHE A O   
613 C CB  . PHE A 79  ? 0.4746 0.4568 0.6922 -0.0071 -0.0422 0.0043  75  PHE A CB  
614 C CG  . PHE A 79  ? 0.4951 0.4950 0.6838 0.0076  -0.0471 0.0108  75  PHE A CG  
615 C CD1 . PHE A 79  ? 0.5412 0.5302 0.7075 0.0218  -0.0437 0.0360  75  PHE A CD1 
616 C CD2 . PHE A 79  ? 0.4736 0.5010 0.6582 0.0084  -0.0547 -0.0089 75  PHE A CD2 
617 C CE1 . PHE A 79  ? 0.5626 0.5696 0.7000 0.0383  -0.0546 0.0360  75  PHE A CE1 
618 C CE2 . PHE A 79  ? 0.4736 0.5195 0.6437 0.0207  -0.0631 -0.0083 75  PHE A CE2 
619 C CZ  . PHE A 79  ? 0.5112 0.5481 0.6568 0.0365  -0.0665 0.0111  75  PHE A CZ  
620 N N   . ALA A 80  ? 0.3989 0.4198 0.6123 -0.0378 -0.0451 -0.0209 76  ALA A N   
621 C CA  . ALA A 80  ? 0.3830 0.4248 0.5804 -0.0437 -0.0475 -0.0277 76  ALA A CA  
622 C C   . ALA A 80  ? 0.3807 0.4284 0.5828 -0.0495 -0.0410 -0.0124 76  ALA A C   
623 O O   . ALA A 80  ? 0.3687 0.4310 0.5521 -0.0473 -0.0388 -0.0081 76  ALA A O   
624 C CB  . ALA A 80  ? 0.3814 0.4231 0.5797 -0.0488 -0.0567 -0.0493 76  ALA A CB  
625 N N   . GLU A 81  ? 0.3994 0.4357 0.6327 -0.0566 -0.0359 -0.0051 77  GLU A N   
626 C CA  . GLU A 81  ? 0.4033 0.4472 0.6508 -0.0619 -0.0243 0.0097  77  GLU A CA  
627 C C   . GLU A 81  ? 0.4146 0.4571 0.6339 -0.0504 -0.0092 0.0322  77  GLU A C   
628 O O   . GLU A 81  ? 0.4131 0.4703 0.6183 -0.0482 -0.0035 0.0368  77  GLU A O   
629 C CB  . GLU A 81  ? 0.4239 0.4558 0.7255 -0.0735 -0.0182 0.0131  77  GLU A CB  
630 C CG  . GLU A 81  ? 0.4336 0.4790 0.7624 -0.0802 -0.0029 0.0262  77  GLU A CG  
631 C CD  . GLU A 81  ? 0.4686 0.5076 0.8687 -0.0948 0.0032  0.0260  77  GLU A CD  
632 O OE1 . GLU A 81  ? 0.4848 0.5122 0.9157 -0.1017 -0.0136 0.0060  77  GLU A OE1 
633 O OE2 . GLU A 81  ? 0.4703 0.5165 0.8998 -0.0992 0.0262  0.0443  77  GLU A OE2 
634 N N   . LYS A 82  ? 0.4397 0.4629 0.6491 -0.0402 -0.0043 0.0453  78  LYS A N   
635 C CA  . LYS A 82  ? 0.4680 0.4871 0.6384 -0.0227 0.0050  0.0655  78  LYS A CA  
636 C C   . LYS A 82  ? 0.4447 0.4858 0.5805 -0.0142 -0.0083 0.0514  78  LYS A C   
637 O O   . LYS A 82  ? 0.4520 0.5004 0.5588 -0.0041 -0.0027 0.0587  78  LYS A O   
638 C CB  . LYS A 82  ? 0.5124 0.5063 0.6753 -0.0094 0.0039  0.0772  78  LYS A CB  
639 C CG  . LYS A 82  ? 0.5896 0.5655 0.7172 0.0100  0.0200  0.1088  78  LYS A CG  
640 C CD  . LYS A 82  ? 0.6586 0.6037 0.7804 0.0259  0.0180  0.1245  78  LYS A CD  
641 C CE  . LYS A 82  ? 0.7466 0.6764 0.8085 0.0549  0.0274  0.1548  78  LYS A CE  
642 N NZ  . LYS A 82  ? 0.8034 0.7014 0.8488 0.0777  0.0222  0.1738  78  LYS A NZ  
643 N N   . PHE A 83  ? 0.4195 0.4699 0.5609 -0.0179 -0.0243 0.0301  79  PHE A N   
644 C CA  . PHE A 83  ? 0.3968 0.4668 0.5211 -0.0133 -0.0352 0.0153  79  PHE A CA  
645 C C   . PHE A 83  ? 0.3735 0.4571 0.4972 -0.0218 -0.0321 0.0105  79  PHE A C   
646 O O   . PHE A 83  ? 0.3737 0.4669 0.4787 -0.0143 -0.0341 0.0079  79  PHE A O   
647 C CB  . PHE A 83  ? 0.3885 0.4641 0.5267 -0.0166 -0.0449 -0.0026 79  PHE A CB  
648 C CG  . PHE A 83  ? 0.3956 0.4904 0.5326 -0.0184 -0.0506 -0.0173 79  PHE A CG  
649 C CD1 . PHE A 83  ? 0.4268 0.5325 0.5561 -0.0073 -0.0593 -0.0222 79  PHE A CD1 
650 C CD2 . PHE A 83  ? 0.4255 0.5254 0.5701 -0.0303 -0.0475 -0.0261 79  PHE A CD2 
651 C CE1 . PHE A 83  ? 0.4361 0.5579 0.5774 -0.0118 -0.0635 -0.0371 79  PHE A CE1 
652 C CE2 . PHE A 83  ? 0.4007 0.5130 0.5492 -0.0330 -0.0479 -0.0353 79  PHE A CE2 
653 C CZ  . PHE A 83  ? 0.4142 0.5375 0.5669 -0.0255 -0.0552 -0.0414 79  PHE A CZ  
654 N N   . LEU A 84  ? 0.3488 0.4328 0.4937 -0.0353 -0.0300 0.0071  80  LEU A N   
655 C CA  . LEU A 84  ? 0.3335 0.4289 0.4810 -0.0407 -0.0287 0.0038  80  LEU A CA  
656 C C   . LEU A 84  ? 0.3429 0.4412 0.4848 -0.0348 -0.0154 0.0171  80  LEU A C   
657 O O   . LEU A 84  ? 0.3434 0.4512 0.4734 -0.0304 -0.0148 0.0128  80  LEU A O   
658 C CB  . LEU A 84  ? 0.3241 0.4194 0.4946 -0.0518 -0.0336 -0.0028 80  LEU A CB  
659 C CG  . LEU A 84  ? 0.3319 0.4382 0.5097 -0.0553 -0.0361 -0.0061 80  LEU A CG  
660 C CD1 . LEU A 84  ? 0.3002 0.4104 0.4573 -0.0521 -0.0404 -0.0125 80  LEU A CD1 
661 C CD2 . LEU A 84  ? 0.3123 0.4179 0.5127 -0.0621 -0.0472 -0.0150 80  LEU A CD2 
662 N N   . LYS A 85  ? 0.3509 0.4385 0.5011 -0.0335 -0.0020 0.0334  81  LYS A N   
663 C CA  . LYS A 85  ? 0.3818 0.4710 0.5243 -0.0262 0.0181  0.0494  81  LYS A CA  
664 C C   . LYS A 85  ? 0.4056 0.4947 0.4978 -0.0063 0.0174  0.0507  81  LYS A C   
665 O O   . LYS A 85  ? 0.4217 0.5180 0.4959 0.0028  0.0283  0.0530  81  LYS A O   
666 C CB  . LYS A 85  ? 0.4214 0.4945 0.5868 -0.0292 0.0384  0.0715  81  LYS A CB  
667 C CG  . LYS A 85  ? 0.4339 0.5129 0.6617 -0.0482 0.0421  0.0679  81  LYS A CG  
668 C CD  . LYS A 85  ? 0.4908 0.5538 0.7553 -0.0534 0.0680  0.0911  81  LYS A CD  
669 C CE  . LYS A 85  ? 0.5187 0.5992 0.8480 -0.0678 0.0795  0.0892  81  LYS A CE  
670 N NZ  . LYS A 85  ? 0.5738 0.6394 0.9683 -0.0818 0.0958  0.1012  81  LYS A NZ  
671 N N   . PHE A 86  ? 0.4163 0.4983 0.4876 0.0025  0.0028  0.0468  82  PHE A N   
672 C CA  . PHE A 86  ? 0.4354 0.5206 0.4636 0.0230  -0.0083 0.0401  82  PHE A CA  
673 C C   . PHE A 86  ? 0.4135 0.5158 0.4438 0.0204  -0.0204 0.0165  82  PHE A C   
674 O O   . PHE A 86  ? 0.4384 0.5450 0.4387 0.0353  -0.0215 0.0101  82  PHE A O   
675 C CB  . PHE A 86  ? 0.4455 0.5248 0.4688 0.0310  -0.0264 0.0357  82  PHE A CB  
676 C CG  . PHE A 86  ? 0.4593 0.5465 0.4494 0.0523  -0.0465 0.0217  82  PHE A CG  
677 C CD1 . PHE A 86  ? 0.5185 0.5943 0.4567 0.0791  -0.0451 0.0357  82  PHE A CD1 
678 C CD2 . PHE A 86  ? 0.4281 0.5331 0.4400 0.0469  -0.0668 -0.0057 82  PHE A CD2 
679 C CE1 . PHE A 86  ? 0.5398 0.6242 0.4453 0.1023  -0.0704 0.0179  82  PHE A CE1 
680 C CE2 . PHE A 86  ? 0.4584 0.5735 0.4519 0.0656  -0.0898 -0.0243 82  PHE A CE2 
681 C CZ  . PHE A 86  ? 0.5334 0.6392 0.4720 0.0946  -0.0951 -0.0149 82  PHE A CZ  
682 N N   . ILE A 87  ? 0.3780 0.4870 0.4415 0.0031  -0.0286 0.0037  83  ILE A N   
683 C CA  . ILE A 87  ? 0.3659 0.4850 0.4375 -0.0009 -0.0365 -0.0142 83  ILE A CA  
684 C C   . ILE A 87  ? 0.3693 0.4917 0.4414 -0.0010 -0.0235 -0.0106 83  ILE A C   
685 O O   . ILE A 87  ? 0.3763 0.5030 0.4367 0.0077  -0.0264 -0.0228 83  ILE A O   
686 C CB  . ILE A 87  ? 0.3357 0.4565 0.4363 -0.0171 -0.0425 -0.0223 83  ILE A CB  
687 C CG1 . ILE A 87  ? 0.3496 0.4714 0.4563 -0.0157 -0.0521 -0.0289 83  ILE A CG1 
688 C CG2 . ILE A 87  ? 0.3123 0.4375 0.4232 -0.0209 -0.0465 -0.0354 83  ILE A CG2 
689 C CD1 . ILE A 87  ? 0.3975 0.5283 0.4997 -0.0039 -0.0668 -0.0451 83  ILE A CD1 
690 N N   . ILE A 88  ? 0.3688 0.4902 0.4603 -0.0097 -0.0099 0.0035  84  ILE A N   
691 C CA  . ILE A 88  ? 0.3712 0.5005 0.4774 -0.0105 0.0020  0.0054  84  ILE A CA  
692 C C   . ILE A 88  ? 0.4143 0.5450 0.4905 0.0073  0.0180  0.0106  84  ILE A C   
693 O O   . ILE A 88  ? 0.4283 0.5667 0.5060 0.0132  0.0240  0.0030  84  ILE A O   
694 C CB  . ILE A 88  ? 0.3627 0.4943 0.5068 -0.0229 0.0110  0.0165  84  ILE A CB  
695 C CG1 . ILE A 88  ? 0.3324 0.4637 0.4979 -0.0357 -0.0070 0.0069  84  ILE A CG1 
696 C CG2 . ILE A 88  ? 0.3738 0.5179 0.5396 -0.0201 0.0289  0.0215  84  ILE A CG2 
697 C CD1 . ILE A 88  ? 0.3568 0.4909 0.5632 -0.0468 -0.0060 0.0112  84  ILE A CD1 
698 N N   . LYS A 89  ? 0.4530 0.5745 0.4984 0.0188  0.0261  0.0241  85  LYS A N   
699 C CA  . LYS A 89  ? 0.5113 0.6305 0.5113 0.0416  0.0434  0.0316  85  LYS A CA  
700 C C   . LYS A 89  ? 0.5262 0.6498 0.4928 0.0574  0.0245  0.0049  85  LYS A C   
701 O O   . LYS A 89  ? 0.5597 0.6873 0.5025 0.0729  0.0361  -0.0013 85  LYS A O   
702 C CB  . LYS A 89  ? 0.5541 0.6566 0.5191 0.0542  0.0514  0.0536  85  LYS A CB  
703 C CG  . LYS A 89  ? 0.6457 0.7398 0.5612 0.0779  0.0804  0.0742  85  LYS A CG  
704 C CD  . LYS A 89  ? 0.7245 0.7965 0.5937 0.0959  0.0807  0.0955  85  LYS A CD  
705 C CE  . LYS A 89  ? 0.8211 0.8804 0.6201 0.1271  0.1089  0.1173  85  LYS A CE  
706 N NZ  . LYS A 89  ? 0.9088 0.9466 0.6446 0.1537  0.0948  0.1298  85  LYS A NZ  
707 N N   . GLU A 90  ? 0.5011 0.6247 0.4723 0.0534  -0.0039 -0.0135 86  GLU A N   
708 C CA  . GLU A 90  ? 0.5105 0.6384 0.4679 0.0645  -0.0244 -0.0427 86  GLU A CA  
709 C C   . GLU A 90  ? 0.4858 0.6186 0.4768 0.0537  -0.0212 -0.0551 86  GLU A C   
710 O O   . GLU A 90  ? 0.5086 0.6426 0.4844 0.0674  -0.0232 -0.0735 86  GLU A O   
711 C CB  . GLU A 90  ? 0.4940 0.6236 0.4679 0.0586  -0.0519 -0.0587 86  GLU A CB  
712 C CG  . GLU A 90  ? 0.5237 0.6585 0.4976 0.0680  -0.0761 -0.0927 86  GLU A CG  
713 C CD  . GLU A 90  ? 0.6085 0.7420 0.5214 0.1001  -0.0844 -0.1044 86  GLU A CD  
714 O OE1 . GLU A 90  ? 0.6652 0.7921 0.5308 0.1167  -0.0726 -0.0817 86  GLU A OE1 
715 O OE2 . GLU A 90  ? 0.6249 0.7616 0.5356 0.1103  -0.1032 -0.1367 86  GLU A OE2 
716 N N   . VAL A 91  ? 0.4447 0.5785 0.4794 0.0319  -0.0180 -0.0461 87  VAL A N   
717 C CA  . VAL A 91  ? 0.4208 0.5562 0.4876 0.0236  -0.0175 -0.0542 87  VAL A CA  
718 C C   . VAL A 91  ? 0.4417 0.5833 0.5040 0.0351  0.0024  -0.0510 87  VAL A C   
719 O O   . VAL A 91  ? 0.4543 0.5956 0.5224 0.0423  0.0003  -0.0674 87  VAL A O   
720 C CB  . VAL A 91  ? 0.3790 0.5132 0.4817 0.0034  -0.0189 -0.0425 87  VAL A CB  
721 C CG1 . VAL A 91  ? 0.3560 0.4904 0.4858 0.0004  -0.0177 -0.0455 87  VAL A CG1 
722 C CG2 . VAL A 91  ? 0.3570 0.4853 0.4667 -0.0065 -0.0341 -0.0487 87  VAL A CG2 
723 N N   . VAL A 92  ? 0.4553 0.6018 0.5120 0.0374  0.0240  -0.0299 88  VAL A N   
724 C CA  . VAL A 92  ? 0.4756 0.6319 0.5375 0.0474  0.0498  -0.0236 88  VAL A CA  
725 C C   . VAL A 92  ? 0.5393 0.6930 0.5490 0.0737  0.0550  -0.0386 88  VAL A C   
726 O O   . VAL A 92  ? 0.5533 0.7128 0.5684 0.0844  0.0642  -0.0514 88  VAL A O   
727 C CB  . VAL A 92  ? 0.4774 0.6381 0.5548 0.0413  0.0757  0.0046  88  VAL A CB  
728 C CG1 . VAL A 92  ? 0.5025 0.6720 0.5712 0.0573  0.1104  0.0137  88  VAL A CG1 
729 C CG2 . VAL A 92  ? 0.4219 0.5901 0.5619 0.0184  0.0688  0.0100  88  VAL A CG2 
730 N N   . HIS A 93  ? 0.5798 0.7243 0.5378 0.0869  0.0461  -0.0400 89  HIS A N   
731 C CA  . HIS A 93  ? 0.6421 0.7826 0.5435 0.1149  0.0397  -0.0621 89  HIS A CA  
732 C C   . HIS A 93  ? 0.6359 0.7760 0.5604 0.1136  0.0158  -0.0974 89  HIS A C   
733 O O   . HIS A 93  ? 0.6716 0.8123 0.5775 0.1324  0.0215  -0.1168 89  HIS A O   
734 C CB  . HIS A 93  ? 0.6809 0.8125 0.5299 0.1295  0.0206  -0.0636 89  HIS A CB  
735 C CG  . HIS A 93  ? 0.7658 0.8940 0.5531 0.1617  0.0049  -0.0927 89  HIS A CG  
736 N ND1 . HIS A 93  ? 0.8023 0.9296 0.5872 0.1664  -0.0358 -0.1259 89  HIS A ND1 
737 C CD2 . HIS A 93  ? 0.8510 0.9772 0.5788 0.1922  0.0241  -0.0968 89  HIS A CD2 
738 C CE1 . HIS A 93  ? 0.8686 0.9933 0.5948 0.1988  -0.0464 -0.1522 89  HIS A CE1 
739 N NE2 . HIS A 93  ? 0.9060 1.0287 0.5902 0.2163  -0.0095 -0.1346 89  HIS A NE2 
740 N N   . GLN A 94  ? 0.6005 0.7372 0.5662 0.0925  -0.0084 -0.1057 90  GLN A N   
741 C CA  . GLN A 94  ? 0.6023 0.7332 0.5953 0.0899  -0.0288 -0.1361 90  GLN A CA  
742 C C   . GLN A 94  ? 0.5922 0.7232 0.6187 0.0874  -0.0145 -0.1366 90  GLN A C   
743 O O   . GLN A 94  ? 0.6092 0.7335 0.6415 0.0979  -0.0223 -0.1636 90  GLN A O   
744 C CB  . GLN A 94  ? 0.5670 0.6932 0.6006 0.0673  -0.0496 -0.1388 90  GLN A CB  
745 C CG  . GLN A 94  ? 0.6238 0.7507 0.6409 0.0746  -0.0749 -0.1591 90  GLN A CG  
746 C CD  . GLN A 94  ? 0.6313 0.7559 0.7014 0.0519  -0.0906 -0.1648 90  GLN A CD  
747 O OE1 . GLN A 94  ? 0.6303 0.7472 0.7417 0.0336  -0.0830 -0.1566 90  GLN A OE1 
748 N NE2 . GLN A 94  ? 0.6475 0.7786 0.7159 0.0551  -0.1109 -0.1774 90  GLN A NE2 
749 N N   . HIS A 95  ? 0.5610 0.7001 0.6144 0.0750  0.0038  -0.1096 91  HIS A N   
750 C CA  . HIS A 95  ? 0.5586 0.7018 0.6481 0.0753  0.0157  -0.1085 91  HIS A CA  
751 C C   . HIS A 95  ? 0.6060 0.7568 0.6703 0.1005  0.0366  -0.1193 91  HIS A C   
752 O O   . HIS A 95  ? 0.6168 0.7651 0.7001 0.1099  0.0370  -0.1371 91  HIS A O   
753 C CB  . HIS A 95  ? 0.5296 0.6842 0.6548 0.0592  0.0269  -0.0806 91  HIS A CB  
754 C CG  . HIS A 95  ? 0.4928 0.6385 0.6449 0.0388  0.0074  -0.0736 91  HIS A CG  
755 N ND1 . HIS A 95  ? 0.4953 0.6487 0.6766 0.0259  0.0085  -0.0551 91  HIS A ND1 
756 C CD2 . HIS A 95  ? 0.5114 0.6407 0.6656 0.0308  -0.0120 -0.0832 91  HIS A CD2 
757 C CE1 . HIS A 95  ? 0.4758 0.6166 0.6645 0.0136  -0.0090 -0.0529 91  HIS A CE1 
758 N NE2 . HIS A 95  ? 0.4787 0.6046 0.6537 0.0152  -0.0184 -0.0674 91  HIS A NE2 
759 N N   . GLU A 96  ? 0.6418 0.7996 0.6613 0.1132  0.0563  -0.1072 92  GLU A N   
760 C CA  . GLU A 96  ? 0.7032 0.8670 0.6850 0.1411  0.0823  -0.1149 92  GLU A CA  
761 C C   . GLU A 96  ? 0.7510 0.9023 0.6907 0.1638  0.0618  -0.1543 92  GLU A C   
762 O O   . GLU A 96  ? 0.7866 0.9397 0.7197 0.1840  0.0742  -0.1740 92  GLU A O   
763 C CB  . GLU A 96  ? 0.7404 0.9089 0.6768 0.1510  0.1114  -0.0868 92  GLU A CB  
764 C CG  . GLU A 96  ? 0.7279 0.9105 0.7192 0.1303  0.1375  -0.0520 92  GLU A CG  
765 C CD  . GLU A 96  ? 0.7942 0.9740 0.7514 0.1344  0.1658  -0.0193 92  GLU A CD  
766 O OE1 . GLU A 96  ? 0.8588 1.0233 0.7451 0.1509  0.1582  -0.0188 92  GLU A OE1 
767 O OE2 . GLU A 96  ? 0.7904 0.9828 0.7980 0.1212  0.1946  0.0058  92  GLU A OE2 
768 N N   . VAL A 97  ? 0.7523 0.8923 0.6699 0.1613  0.0295  -0.1693 93  VAL A N   
769 C CA  . VAL A 97  ? 0.7993 0.9284 0.6879 0.1814  0.0027  -0.2132 93  VAL A CA  
770 C C   . VAL A 97  ? 0.7816 0.9009 0.7286 0.1734  -0.0105 -0.2395 93  VAL A C   
771 O O   . VAL A 97  ? 0.8261 0.9389 0.7579 0.1957  -0.0144 -0.2736 93  VAL A O   
772 C CB  . VAL A 97  ? 0.8060 0.9294 0.6741 0.1792  -0.0326 -0.2261 93  VAL A CB  
773 C CG1 . VAL A 97  ? 0.8417 0.9553 0.7089 0.1929  -0.0679 -0.2782 93  VAL A CG1 
774 C CG2 . VAL A 97  ? 0.8476 0.9747 0.6397 0.2003  -0.0219 -0.2066 93  VAL A CG2 
775 N N   . ILE A 98  ? 0.7218 0.8373 0.7322 0.1442  -0.0161 -0.2229 94  ILE A N   
776 C CA  . ILE A 98  ? 0.7132 0.8144 0.7790 0.1371  -0.0245 -0.2385 94  ILE A CA  
777 C C   . ILE A 98  ? 0.7401 0.8479 0.8138 0.1545  0.0004  -0.2400 94  ILE A C   
778 O O   . ILE A 98  ? 0.7691 0.8632 0.8600 0.1667  -0.0066 -0.2696 94  ILE A O   
779 C CB  . ILE A 98  ? 0.6540 0.7480 0.7735 0.1062  -0.0320 -0.2136 94  ILE A CB  
780 C CG1 . ILE A 98  ? 0.6514 0.7379 0.7741 0.0918  -0.0560 -0.2221 94  ILE A CG1 
781 C CG2 . ILE A 98  ? 0.6355 0.7115 0.8069 0.1022  -0.0345 -0.2190 94  ILE A CG2 
782 C CD1 . ILE A 98  ? 0.5927 0.6815 0.7357 0.0663  -0.0549 -0.1895 94  ILE A CD1 
783 N N   . ALA A 99  ? 0.7378 0.8668 0.8047 0.1565  0.0300  -0.2107 95  ALA A N   
784 C CA  . ALA A 99  ? 0.7620 0.9036 0.8488 0.1723  0.0573  -0.2103 95  ALA A CA  
785 C C   . ALA A 99  ? 0.8445 0.9870 0.8784 0.2068  0.0716  -0.2397 95  ALA A C   
786 O O   . ALA A 99  ? 0.8724 1.0137 0.9266 0.2238  0.0802  -0.2607 95  ALA A O   
787 C CB  . ALA A 99  ? 0.7298 0.8967 0.8358 0.1631  0.0860  -0.1728 95  ALA A CB  
788 N N   . GLU A 100 ? 0.8982 1.0418 0.8602 0.2203  0.0744  -0.2412 96  GLU A N   
789 C CA  . GLU A 100 ? 0.9928 1.1335 0.8856 0.2579  0.0830  -0.2720 96  GLU A CA  
790 C C   . GLU A 100 ? 1.0266 1.1451 0.9284 0.2673  0.0467  -0.3234 96  GLU A C   
791 O O   . GLU A 100 ? 1.0758 1.1907 0.9637 0.2942  0.0555  -0.3545 96  GLU A O   
792 C CB  . GLU A 100 ? 1.0363 1.1778 0.8436 0.2723  0.0859  -0.2609 96  GLU A CB  
793 C CG  . GLU A 100 ? 1.1519 1.2902 0.8667 0.3178  0.0989  -0.2873 96  GLU A CG  
794 C CD  . GLU A 100 ? 1.2076 1.3609 0.9185 0.3389  0.1519  -0.2780 96  GLU A CD  
795 O OE1 . GLU A 100 ? 1.1751 1.3465 0.9384 0.3200  0.1866  -0.2379 96  GLU A OE1 
796 O OE2 . GLU A 100 ? 1.2874 1.4357 0.9462 0.3755  0.1585  -0.3135 96  GLU A OE2 
797 N N   . LYS A 101 ? 1.0083 1.1121 0.9418 0.2441  0.0085  -0.3324 97  LYS A N   
798 C CA  . LYS A 101 ? 1.0416 1.1221 1.0022 0.2467  -0.0265 -0.3797 97  LYS A CA  
799 C C   . LYS A 101 ? 1.0359 1.1028 1.0709 0.2393  -0.0224 -0.3858 97  LYS A C   
800 O O   . LYS A 101 ? 1.0864 1.1350 1.1311 0.2564  -0.0358 -0.4293 97  LYS A O   
801 C CB  . LYS A 101 ? 1.0119 1.0830 0.9938 0.2230  -0.0636 -0.3853 97  LYS A CB  
802 N N   . GLN A 102 ? 0.9923 1.0660 1.0779 0.2175  -0.0062 -0.3454 98  GLN A N   
803 C CA  . GLN A 102 ? 0.9968 1.0588 1.1449 0.2181  -0.0007 -0.3478 98  GLN A CA  
804 C C   . GLN A 102 ? 1.0572 1.1331 1.1860 0.2511  0.0276  -0.3639 98  GLN A C   
805 O O   . GLN A 102 ? 1.0873 1.1471 1.2496 0.2653  0.0247  -0.3907 98  GLN A O   
806 C CB  . GLN A 102 ? 0.9330 1.0012 1.1323 0.1929  0.0061  -0.3025 98  GLN A CB  
807 N N   . LYS A 103 ? 1.0873 1.1914 1.1643 0.2641  0.0576  -0.3469 99  LYS A N   
808 C CA  . LYS A 103 ? 1.1488 1.2711 1.2064 0.2959  0.0948  -0.3559 99  LYS A CA  
809 C C   . LYS A 103 ? 1.2460 1.3538 1.2452 0.3323  0.0893  -0.4086 99  LYS A C   
810 O O   . LYS A 103 ? 1.2890 1.3992 1.2980 0.3584  0.1088  -0.4314 99  LYS A O   
811 C CB  . LYS A 103 ? 1.1496 1.3027 1.1696 0.2978  0.1338  -0.3180 99  LYS A CB  
812 C CG  . LYS A 103 ? 1.2013 1.3783 1.2106 0.3282  0.1832  -0.3189 99  LYS A CG  
813 C CD  . LYS A 103 ? 1.2523 1.4423 1.1761 0.3456  0.2176  -0.3008 99  LYS A CD  
814 C CE  . LYS A 103 ? 1.3057 1.5203 1.2229 0.3742  0.2751  -0.2962 99  LYS A CE  
815 N NZ  . LYS A 103 ? 1.3611 1.5826 1.1914 0.3911  0.3129  -0.2711 99  LYS A NZ  
816 N N   . ILE A 104 ? 1.2904 1.3853 1.2294 0.3367  0.0618  -0.4300 100 ILE A N   
817 C CA  . ILE A 104 ? 1.3887 1.4689 1.2644 0.3737  0.0468  -0.4868 100 ILE A CA  
818 C C   . ILE A 104 ? 1.4020 1.4523 1.3384 0.3746  0.0160  -0.5344 100 ILE A C   
819 O O   . ILE A 104 ? 1.4807 1.5207 1.3869 0.4095  0.0147  -0.5835 100 ILE A O   
820 C CB  . ILE A 104 ? 1.4270 1.5033 1.2253 0.3799  0.0176  -0.4992 100 ILE A CB  
821 C CG1 . ILE A 104 ? 1.5123 1.6046 1.2000 0.4179  0.0507  -0.4911 100 ILE A CG1 
822 C CG2 . ILE A 104 ? 1.4759 1.5261 1.2766 0.3904  -0.0335 -0.5641 100 ILE A CG2 
823 C CD1 . ILE A 104 ? 1.4873 1.6052 1.1764 0.4086  0.1050  -0.4289 100 ILE A CD1 
824 N N   . LYS A 105 ? 1.3355 1.3696 1.3547 0.3381  -0.0069 -0.5197 101 LYS A N   
825 C CA  . LYS A 105 ? 1.3402 1.3421 1.4344 0.3342  -0.0269 -0.5497 101 LYS A CA  
826 C C   . LYS A 105 ? 1.3521 1.3603 1.4769 0.3541  0.0058  -0.5466 101 LYS A C   
827 O O   . LYS A 105 ? 1.4148 1.4057 1.5431 0.3821  0.0030  -0.5936 101 LYS A O   
828 C CB  . LYS A 105 ? 1.2687 1.2517 1.4381 0.2917  -0.0484 -0.5216 101 LYS A CB  
829 N N   . LYS A 106 ? 1.2967 1.3314 1.4453 0.3417  0.0355  -0.4950 102 LYS A N   
830 C CA  . LYS A 106 ? 1.3008 1.3515 1.4866 0.3602  0.0680  -0.4879 102 LYS A CA  
831 C C   . LYS A 106 ? 1.3779 1.4473 1.5033 0.4037  0.1016  -0.5181 102 LYS A C   
832 O O   . LYS A 106 ? 1.3990 1.4753 1.5607 0.4253  0.1242  -0.5294 102 LYS A O   
833 C CB  . LYS A 106 ? 1.2270 1.3086 1.4509 0.3375  0.0891  -0.4294 102 LYS A CB  
834 N N   . GLU A 107 ? 1.4232 1.5000 1.4550 0.4189  0.1054  -0.5304 103 GLU A N   
835 C CA  . GLU A 107 ? 1.5113 1.6011 1.4658 0.4645  0.1380  -0.5589 103 GLU A CA  
836 C C   . GLU A 107 ? 1.5921 1.6519 1.4864 0.4922  0.1033  -0.6251 103 GLU A C   
837 O O   . GLU A 107 ? 1.6029 1.6327 1.5471 0.4954  0.0742  -0.6678 103 GLU A O   
838 C CB  . GLU A 107 ? 1.5185 1.6390 1.3998 0.4682  0.1750  -0.5180 103 GLU A CB  
# 
loop_
_pdbx_poly_seq_scheme.asym_id 
_pdbx_poly_seq_scheme.entity_id 
_pdbx_poly_seq_scheme.seq_id 
_pdbx_poly_seq_scheme.mon_id 
_pdbx_poly_seq_scheme.ndb_seq_num 
_pdbx_poly_seq_scheme.pdb_seq_num 
_pdbx_poly_seq_scheme.auth_seq_num 
_pdbx_poly_seq_scheme.pdb_mon_id 
_pdbx_poly_seq_scheme.auth_mon_id 
_pdbx_poly_seq_scheme.pdb_strand_id 
_pdbx_poly_seq_scheme.pdb_ins_code 
_pdbx_poly_seq_scheme.hetero 
A 1 1   GLY 1   -3  ?   ?   ?   A . n 
A 1 2   PRO 2   -2  ?   ?   ?   A . n 
A 1 3   GLY 3   -1  -1  GLY GLY A . n 
A 1 4   SER 4   0   0   SER SER A . n 
A 1 5   MET 5   1   1   MET MET A . n 
A 1 6   MET 6   2   2   MET MET A . n 
A 1 7   GLN 7   3   3   GLN GLN A . n 
A 1 8   GLU 8   4   4   GLU GLU A . n 
A 1 9   LYS 9   5   5   LYS LYS A . n 
A 1 10  ILE 10  6   6   ILE ILE A . n 
A 1 11  LEU 11  7   7   LEU LEU A . n 
A 1 12  SER 12  8   8   SER SER A . n 
A 1 13  GLU 13  9   9   GLU GLU A . n 
A 1 14  LEU 14  10  10  LEU LEU A . n 
A 1 15  ALA 15  11  11  ALA ALA A . n 
A 1 16  TYR 16  12  12  TYR TYR A . n 
A 1 17  LEU 17  13  13  LEU LEU A . n 
A 1 18  ARG 18  14  14  ARG ARG A . n 
A 1 19  GLN 19  15  15  GLN GLN A . n 
A 1 20  SER 20  16  16  SER SER A . n 
A 1 21  ILE 21  17  17  ILE ILE A . n 
A 1 22  ASP 22  18  18  ASP ASP A . n 
A 1 23  ASN 23  19  19  ASN ASN A . n 
A 1 24  PHE 24  20  20  PHE PHE A . n 
A 1 25  ASP 25  21  21  ASP ASP A . n 
A 1 26  ILE 26  22  22  ILE ILE A . n 
A 1 27  THR 27  23  23  THR THR A . n 
A 1 28  LEU 28  24  24  LEU LEU A . n 
A 1 29  ILE 29  25  25  ILE ILE A . n 
A 1 30  HIS 30  26  26  HIS HIS A . n 
A 1 31  ILE 31  27  27  ILE ILE A . n 
A 1 32  LEU 32  28  28  LEU LEU A . n 
A 1 33  ALA 33  29  29  ALA ALA A . n 
A 1 34  GLU 34  30  30  GLU GLU A . n 
A 1 35  ARG 35  31  31  ARG ARG A . n 
A 1 36  PHE 36  32  32  PHE PHE A . n 
A 1 37  ARG 37  33  33  ARG ARG A . n 
A 1 38  CYS 38  34  34  CYS CYS A . n 
A 1 39  THR 39  35  35  THR THR A . n 
A 1 40  GLN 40  36  36  GLN GLN A . n 
A 1 41  ALA 41  37  37  ALA ALA A . n 
A 1 42  ILE 42  38  38  ILE ILE A . n 
A 1 43  GLY 43  39  39  GLY GLY A . n 
A 1 44  ARG 44  40  40  ARG ARG A . n 
A 1 45  LEU 45  41  41  LEU LEU A . n 
A 1 46  LYS 46  42  42  LYS LYS A . n 
A 1 47  ALA 47  43  43  ALA ALA A . n 
A 1 48  ARG 48  44  44  ARG ARG A . n 
A 1 49  TYR 49  45  45  TYR TYR A . n 
A 1 50  ASN 50  46  46  ASN ASN A . n 
A 1 51  LEU 51  47  47  LEU LEU A . n 
A 1 52  PRO 52  48  48  PRO PRO A . n 
A 1 53  ALA 53  49  49  ALA ALA A . n 
A 1 54  VAL 54  50  50  VAL VAL A . n 
A 1 55  ASP 55  51  51  ASP ASP A . n 
A 1 56  PRO 56  52  52  PRO PRO A . n 
A 1 57  LEU 57  53  53  LEU LEU A . n 
A 1 58  ARG 58  54  54  ARG ARG A . n 
A 1 59  GLU 59  55  55  GLU GLU A . n 
A 1 60  GLN 60  56  56  GLN GLN A . n 
A 1 61  TYR 61  57  57  TYR TYR A . n 
A 1 62  GLN 62  58  58  GLN GLN A . n 
A 1 63  ILE 63  59  59  ILE ILE A . n 
A 1 64  LYS 64  60  60  LYS LYS A . n 
A 1 65  ARG 65  61  61  ARG ARG A . n 
A 1 66  LEU 66  62  62  LEU LEU A . n 
A 1 67  ARG 67  63  63  ARG ARG A . n 
A 1 68  LYS 68  64  64  LYS LYS A . n 
A 1 69  LEU 69  65  65  LEU LEU A . n 
A 1 70  ALA 70  66  66  ALA ALA A . n 
A 1 71  ILE 71  67  67  ILE ILE A . n 
A 1 72  ASP 72  68  68  ASP ASP A . n 
A 1 73  THR 73  69  69  THR THR A . n 
A 1 74  HIS 74  70  70  HIS HIS A . n 
A 1 75  PHE 75  71  71  PHE PHE A . n 
A 1 76  ASP 76  72  72  ASP ASP A . n 
A 1 77  PRO 77  73  73  PRO PRO A . n 
A 1 78  ASP 78  74  74  ASP ASP A . n 
A 1 79  PHE 79  75  75  PHE PHE A . n 
A 1 80  ALA 80  76  76  ALA ALA A . n 
A 1 81  GLU 81  77  77  GLU GLU A . n 
A 1 82  LYS 82  78  78  LYS LYS A . n 
A 1 83  PHE 83  79  79  PHE PHE A . n 
A 1 84  LEU 84  80  80  LEU LEU A . n 
A 1 85  LYS 85  81  81  LYS LYS A . n 
A 1 86  PHE 86  82  82  PHE PHE A . n 
A 1 87  ILE 87  83  83  ILE ILE A . n 
A 1 88  ILE 88  84  84  ILE ILE A . n 
A 1 89  LYS 89  85  85  LYS LYS A . n 
A 1 90  GLU 90  86  86  GLU GLU A . n 
A 1 91  VAL 91  87  87  VAL VAL A . n 
A 1 92  VAL 92  88  88  VAL VAL A . n 
A 1 93  HIS 93  89  89  HIS HIS A . n 
A 1 94  GLN 94  90  90  GLN GLN A . n 
A 1 95  HIS 95  91  91  HIS HIS A . n 
A 1 96  GLU 96  92  92  GLU GLU A . n 
A 1 97  VAL 97  93  93  VAL VAL A . n 
A 1 98  ILE 98  94  94  ILE ILE A . n 
A 1 99  ALA 99  95  95  ALA ALA A . n 
A 1 100 GLU 100 96  96  GLU GLU A . n 
A 1 101 LYS 101 97  97  LYS LYS A . n 
A 1 102 GLN 102 98  98  GLN GLN A . n 
A 1 103 LYS 103 99  99  LYS LYS A . n 
A 1 104 ILE 104 100 100 ILE ILE A . n 
A 1 105 LYS 105 101 101 LYS LYS A . n 
A 1 106 LYS 106 102 102 LYS LYS A . n 
A 1 107 GLU 107 103 103 GLU GLU A . n 
A 1 108 ASN 108 104 ?   ?   ?   A . n 
A 1 109 LEU 109 105 ?   ?   ?   A . n 
A 1 110 ASN 110 106 ?   ?   ?   A . n 
A 1 111 GLU 111 107 ?   ?   ?   A . n 
A 1 112 SER 112 108 ?   ?   ?   A . n 
A 1 113 GLN 113 109 ?   ?   ?   A . n 
A 1 114 ASN 114 110 ?   ?   ?   A . n 
# 
_pdbx_SG_project.id                    1 
_pdbx_SG_project.project_name          ? 
_pdbx_SG_project.full_name_of_center   'Seattle Structural Genomics Center for Infectious Disease' 
_pdbx_SG_project.initial_of_center     SSGCID 
# 
loop_
_pdbx_nonpoly_scheme.asym_id 
_pdbx_nonpoly_scheme.entity_id 
_pdbx_nonpoly_scheme.mon_id 
_pdbx_nonpoly_scheme.ndb_seq_num 
_pdbx_nonpoly_scheme.pdb_seq_num 
_pdbx_nonpoly_scheme.auth_seq_num 
_pdbx_nonpoly_scheme.pdb_mon_id 
_pdbx_nonpoly_scheme.auth_mon_id 
_pdbx_nonpoly_scheme.pdb_strand_id 
_pdbx_nonpoly_scheme.pdb_ins_code 
B 2 EDO 1  111 1  EDO EDO A . 
C 3 GOL 1  112 1  GOL GOL A . 
D 4 MLT 1  113 1  MLT MLT A . 
E 5 HOH 1  114 1  HOH HOH A . 
E 5 HOH 2  115 2  HOH HOH A . 
E 5 HOH 3  116 3  HOH HOH A . 
E 5 HOH 4  117 4  HOH HOH A . 
E 5 HOH 5  118 5  HOH HOH A . 
E 5 HOH 6  119 6  HOH HOH A . 
E 5 HOH 7  120 7  HOH HOH A . 
E 5 HOH 8  121 8  HOH HOH A . 
E 5 HOH 9  122 9  HOH HOH A . 
E 5 HOH 10 123 10 HOH HOH A . 
E 5 HOH 11 124 11 HOH HOH A . 
E 5 HOH 12 125 12 HOH HOH A . 
E 5 HOH 13 126 13 HOH HOH A . 
E 5 HOH 14 127 14 HOH HOH A . 
E 5 HOH 15 128 15 HOH HOH A . 
E 5 HOH 16 129 16 HOH HOH A . 
E 5 HOH 17 130 17 HOH HOH A . 
E 5 HOH 18 131 18 HOH HOH A . 
E 5 HOH 19 132 19 HOH HOH A . 
E 5 HOH 20 133 20 HOH HOH A . 
E 5 HOH 21 134 21 HOH HOH A . 
E 5 HOH 22 135 22 HOH HOH A . 
E 5 HOH 23 136 23 HOH HOH A . 
# 
_pdbx_struct_assembly.id                   1 
_pdbx_struct_assembly.details              author_and_software_defined_assembly 
_pdbx_struct_assembly.method_details       PISA 
_pdbx_struct_assembly.oligomeric_details   dimeric 
_pdbx_struct_assembly.oligomeric_count     2 
# 
_pdbx_struct_assembly_gen.assembly_id       1 
_pdbx_struct_assembly_gen.oper_expression   1,2 
_pdbx_struct_assembly_gen.asym_id_list      A,B,C,D,E 
# 
loop_
_pdbx_struct_assembly_prop.biol_id 
_pdbx_struct_assembly_prop.type 
_pdbx_struct_assembly_prop.value 
_pdbx_struct_assembly_prop.details 
1 'ABSA (A^2)' 6460  ? 
1 MORE         -38   ? 
1 'SSA (A^2)'  11860 ? 
# 
loop_
_pdbx_struct_oper_list.id 
_pdbx_struct_oper_list.type 
_pdbx_struct_oper_list.name 
_pdbx_struct_oper_list.symmetry_operation 
_pdbx_struct_oper_list.matrix[1][1] 
_pdbx_struct_oper_list.matrix[1][2] 
_pdbx_struct_oper_list.matrix[1][3] 
_pdbx_struct_oper_list.vector[1] 
_pdbx_struct_oper_list.matrix[2][1] 
_pdbx_struct_oper_list.matrix[2][2] 
_pdbx_struct_oper_list.matrix[2][3] 
_pdbx_struct_oper_list.vector[2] 
_pdbx_struct_oper_list.matrix[3][1] 
_pdbx_struct_oper_list.matrix[3][2] 
_pdbx_struct_oper_list.matrix[3][3] 
_pdbx_struct_oper_list.vector[3] 
1 'identity operation'         1_555 x,y,z      1.0000000000  0.0000000000 0.0000000000  0.0000000000 0.0000000000 1.0000000000  0.0000000000  0.0000000000  0.0000000000  0.0000000000  1.0000000000 0.0000000000 
2 'crystal symmetry operation' 7_554 y,x,-z-1/3 -0.5743287845 0.4025317002 -0.7128216310 6.4936640256 0.4025317002 -0.6193499495 -0.6740726002 -5.7892327810 -0.7128216310 -0.6740726002 0.1936787340 0.6085900391 
# 
loop_
_pdbx_audit_revision_history.ordinal 
_pdbx_audit_revision_history.data_content_type 
_pdbx_audit_revision_history.major_revision 
_pdbx_audit_revision_history.minor_revision 
_pdbx_audit_revision_history.revision_date 
1 'Structure model' 1 0 2011-05-11 
2 'Structure model' 1 1 2011-07-13 
3 'Structure model' 1 2 2023-09-13 
# 
_pdbx_audit_revision_details.ordinal             1 
_pdbx_audit_revision_details.revision_ordinal    1 
_pdbx_audit_revision_details.data_content_type   'Structure model' 
_pdbx_audit_revision_details.provider            repository 
_pdbx_audit_revision_details.type                'Initial release' 
_pdbx_audit_revision_details.description         ? 
_pdbx_audit_revision_details.details             ? 
# 
loop_
_pdbx_audit_revision_group.ordinal 
_pdbx_audit_revision_group.revision_ordinal 
_pdbx_audit_revision_group.data_content_type 
_pdbx_audit_revision_group.group 
1 2 'Structure model' 'Version format compliance' 
2 3 'Structure model' 'Data collection'           
3 3 'Structure model' 'Database references'       
4 3 'Structure model' 'Derived calculations'      
5 3 'Structure model' 'Refinement description'    
# 
loop_
_pdbx_audit_revision_category.ordinal 
_pdbx_audit_revision_category.revision_ordinal 
_pdbx_audit_revision_category.data_content_type 
_pdbx_audit_revision_category.category 
1 3 'Structure model' chem_comp_atom                
2 3 'Structure model' chem_comp_bond                
3 3 'Structure model' database_2                    
4 3 'Structure model' pdbx_initial_refinement_model 
5 3 'Structure model' struct_ref_seq_dif            
6 3 'Structure model' struct_site                   
# 
loop_
_pdbx_audit_revision_item.ordinal 
_pdbx_audit_revision_item.revision_ordinal 
_pdbx_audit_revision_item.data_content_type 
_pdbx_audit_revision_item.item 
1 3 'Structure model' '_database_2.pdbx_DOI'                
2 3 'Structure model' '_database_2.pdbx_database_accession' 
3 3 'Structure model' '_struct_ref_seq_dif.details'         
4 3 'Structure model' '_struct_site.pdbx_auth_asym_id'      
5 3 'Structure model' '_struct_site.pdbx_auth_comp_id'      
6 3 'Structure model' '_struct_site.pdbx_auth_seq_id'       
# 
loop_
_pdbx_refine_tls.id 
_pdbx_refine_tls.details 
_pdbx_refine_tls.method 
_pdbx_refine_tls.origin_x 
_pdbx_refine_tls.origin_y 
_pdbx_refine_tls.origin_z 
_pdbx_refine_tls.T[1][1] 
_pdbx_refine_tls.T[2][2] 
_pdbx_refine_tls.T[3][3] 
_pdbx_refine_tls.T[1][2] 
_pdbx_refine_tls.T[1][3] 
_pdbx_refine_tls.T[2][3] 
_pdbx_refine_tls.L[1][1] 
_pdbx_refine_tls.L[2][2] 
_pdbx_refine_tls.L[3][3] 
_pdbx_refine_tls.L[1][2] 
_pdbx_refine_tls.L[1][3] 
_pdbx_refine_tls.L[2][3] 
_pdbx_refine_tls.S[1][1] 
_pdbx_refine_tls.S[2][2] 
_pdbx_refine_tls.S[3][3] 
_pdbx_refine_tls.S[1][2] 
_pdbx_refine_tls.S[1][3] 
_pdbx_refine_tls.S[2][3] 
_pdbx_refine_tls.S[2][1] 
_pdbx_refine_tls.S[3][1] 
_pdbx_refine_tls.S[3][2] 
_pdbx_refine_tls.pdbx_refine_id 
1 ? refined 24.3723 -12.3520 -1.2122 0.3161 0.3945 0.1874 0.1804  -0.1251 -0.0545 15.4903 12.9025 1.1001 -11.3138 3.1155  -3.5954 -0.1229 -0.0333 0.1562  -0.1631 0.3907  -0.9918 -0.1051 0.3999  0.3597  'X-RAY DIFFRACTION' 
2 ? refined -2.1821 9.3270   -0.1005 0.1098 0.1410 0.2258 -0.0023 -0.0608 -0.0788 7.4337  4.4361  1.3010 -3.5065  -0.3319 0.6626  -0.0109 0.0406  -0.0297 -0.4349 0.7065  0.0797  -0.0174 -0.1796 -0.0846 'X-RAY DIFFRACTION' 
3 ? refined -8.0053 -0.6398  -0.0619 0.0486 0.1811 0.2255 -0.0395 -0.0091 0.0063  5.5471  6.6998  2.5859 -2.6443  -0.2744 1.0902  -0.2050 0.1983  0.0068  -0.3663 -0.3135 0.6294  0.3470  0.1138  -0.1976 'X-RAY DIFFRACTION' 
# 
loop_
_pdbx_refine_tls_group.id 
_pdbx_refine_tls_group.refine_tls_id 
_pdbx_refine_tls_group.beg_label_asym_id 
_pdbx_refine_tls_group.beg_label_seq_id 
_pdbx_refine_tls_group.end_label_asym_id 
_pdbx_refine_tls_group.end_label_seq_id 
_pdbx_refine_tls_group.selection 
_pdbx_refine_tls_group.beg_auth_asym_id 
_pdbx_refine_tls_group.beg_auth_seq_id 
_pdbx_refine_tls_group.end_auth_asym_id 
_pdbx_refine_tls_group.end_auth_seq_id 
_pdbx_refine_tls_group.pdbx_refine_id 
_pdbx_refine_tls_group.selection_details 
1 1 . . . . ? A -1 A 20  'X-RAY DIFFRACTION' ? 
2 2 . . . . ? A 21 A 46  'X-RAY DIFFRACTION' ? 
3 3 . . . . ? A 47 A 103 'X-RAY DIFFRACTION' ? 
# 
_pdbx_phasing_MR.entry_id                     3RMI 
_pdbx_phasing_MR.method_rotation              ? 
_pdbx_phasing_MR.method_translation           ? 
_pdbx_phasing_MR.model_details                'Phaser MODE: MR_AUTO' 
_pdbx_phasing_MR.R_factor                     ? 
_pdbx_phasing_MR.R_rigid_body                 ? 
_pdbx_phasing_MR.correlation_coeff_Fo_to_Fc   ? 
_pdbx_phasing_MR.correlation_coeff_Io_to_Ic   ? 
_pdbx_phasing_MR.d_res_high_rotation          2.500 
_pdbx_phasing_MR.d_res_low_rotation           19.810 
_pdbx_phasing_MR.d_res_high_translation       2.500 
_pdbx_phasing_MR.d_res_low_translation        19.810 
_pdbx_phasing_MR.packing                      ? 
_pdbx_phasing_MR.reflns_percent_rotation      ? 
_pdbx_phasing_MR.reflns_percent_translation   ? 
_pdbx_phasing_MR.sigma_F_rotation             ? 
_pdbx_phasing_MR.sigma_F_translation          ? 
_pdbx_phasing_MR.sigma_I_rotation             ? 
_pdbx_phasing_MR.sigma_I_translation          ? 
# 
_phasing.method   MR 
# 
loop_
_software.name 
_software.version 
_software.date 
_software.type 
_software.contact_author 
_software.contact_author_email 
_software.classification 
_software.location 
_software.language 
_software.citation_id 
_software.pdbx_ordinal 
XSCALE      .       ?                    package 'Wolfgang Kabsch' ?                           'data scaling'    
http://www.mpimf-heidelberg.mpg.de/~kabsch/xds/xscale_program.html ?          ? 1 
PHASER      .       ?                    other   'R. J. Read'      cimr-phaser@lists.cam.ac.uk phasing           
http://www-structmed.cimr.cam.ac.uk/phaser/                        ?          ? 2 
REFMAC      .       ?                    program 'Murshudov, G.N.' ccp4@dl.ac.uk               refinement        
http://www.ccp4.ac.uk/main.html                                    Fortran_77 ? 3 
PDB_EXTRACT 3.004   'September 10, 2007' package PDB               sw-help@rcsb.rutgers.edu    'data extraction' 
http://pdb.rutgers.edu/software/                                   C++        ? 4 
ADSC        Quantum ?                    ?       ?                 ?                           'data collection' ? ?          ? 5 
XDS         .       ?                    ?       ?                 ?                           'data reduction'  ? ?          ? 6 
# 
_pdbx_validate_rmsd_angle.id                         1 
_pdbx_validate_rmsd_angle.PDB_model_num              1 
_pdbx_validate_rmsd_angle.auth_atom_id_1             NE 
_pdbx_validate_rmsd_angle.auth_asym_id_1             A 
_pdbx_validate_rmsd_angle.auth_comp_id_1             ARG 
_pdbx_validate_rmsd_angle.auth_seq_id_1              61 
_pdbx_validate_rmsd_angle.PDB_ins_code_1             ? 
_pdbx_validate_rmsd_angle.label_alt_id_1             ? 
_pdbx_validate_rmsd_angle.auth_atom_id_2             CZ 
_pdbx_validate_rmsd_angle.auth_asym_id_2             A 
_pdbx_validate_rmsd_angle.auth_comp_id_2             ARG 
_pdbx_validate_rmsd_angle.auth_seq_id_2              61 
_pdbx_validate_rmsd_angle.PDB_ins_code_2             ? 
_pdbx_validate_rmsd_angle.label_alt_id_2             ? 
_pdbx_validate_rmsd_angle.auth_atom_id_3             NH2 
_pdbx_validate_rmsd_angle.auth_asym_id_3             A 
_pdbx_validate_rmsd_angle.auth_comp_id_3             ARG 
_pdbx_validate_rmsd_angle.auth_seq_id_3              61 
_pdbx_validate_rmsd_angle.PDB_ins_code_3             ? 
_pdbx_validate_rmsd_angle.label_alt_id_3             ? 
_pdbx_validate_rmsd_angle.angle_value                116.98 
_pdbx_validate_rmsd_angle.angle_target_value         120.30 
_pdbx_validate_rmsd_angle.angle_deviation            -3.32 
_pdbx_validate_rmsd_angle.angle_standard_deviation   0.50 
_pdbx_validate_rmsd_angle.linker_flag                N 
# 
loop_
_pdbx_unobs_or_zero_occ_atoms.id 
_pdbx_unobs_or_zero_occ_atoms.PDB_model_num 
_pdbx_unobs_or_zero_occ_atoms.polymer_flag 
_pdbx_unobs_or_zero_occ_atoms.occupancy_flag 
_pdbx_unobs_or_zero_occ_atoms.auth_asym_id 
_pdbx_unobs_or_zero_occ_atoms.auth_comp_id 
_pdbx_unobs_or_zero_occ_atoms.auth_seq_id 
_pdbx_unobs_or_zero_occ_atoms.PDB_ins_code 
_pdbx_unobs_or_zero_occ_atoms.auth_atom_id 
_pdbx_unobs_or_zero_occ_atoms.label_alt_id 
_pdbx_unobs_or_zero_occ_atoms.label_asym_id 
_pdbx_unobs_or_zero_occ_atoms.label_comp_id 
_pdbx_unobs_or_zero_occ_atoms.label_seq_id 
_pdbx_unobs_or_zero_occ_atoms.label_atom_id 
1  1 Y 1 A MET 1   ? CG  ? A MET 5   CG  
2  1 Y 1 A MET 1   ? SD  ? A MET 5   SD  
3  1 Y 1 A MET 1   ? CE  ? A MET 5   CE  
4  1 Y 1 A LYS 5   ? CG  ? A LYS 9   CG  
5  1 Y 1 A LYS 5   ? CD  ? A LYS 9   CD  
6  1 Y 1 A LYS 5   ? CE  ? A LYS 9   CE  
7  1 Y 1 A LYS 5   ? NZ  ? A LYS 9   NZ  
8  1 Y 1 A ARG 44  ? CG  ? A ARG 48  CG  
9  1 Y 1 A ARG 44  ? CD  ? A ARG 48  CD  
10 1 Y 1 A ARG 44  ? NE  ? A ARG 48  NE  
11 1 Y 1 A ARG 44  ? CZ  ? A ARG 48  CZ  
12 1 Y 1 A ARG 44  ? NH1 ? A ARG 48  NH1 
13 1 Y 1 A ARG 44  ? NH2 ? A ARG 48  NH2 
14 1 Y 1 A LYS 60  ? CG  ? A LYS 64  CG  
15 1 Y 1 A LYS 60  ? CD  ? A LYS 64  CD  
16 1 Y 1 A LYS 60  ? CE  ? A LYS 64  CE  
17 1 Y 1 A LYS 60  ? NZ  ? A LYS 64  NZ  
18 1 Y 1 A LYS 64  ? CG  ? A LYS 68  CG  
19 1 Y 1 A LYS 64  ? CD  ? A LYS 68  CD  
20 1 Y 1 A LYS 64  ? CE  ? A LYS 68  CE  
21 1 Y 1 A LYS 64  ? NZ  ? A LYS 68  NZ  
22 1 Y 1 A LYS 97  ? CG  ? A LYS 101 CG  
23 1 Y 1 A LYS 97  ? CD  ? A LYS 101 CD  
24 1 Y 1 A LYS 97  ? CE  ? A LYS 101 CE  
25 1 Y 1 A LYS 97  ? NZ  ? A LYS 101 NZ  
26 1 Y 1 A GLN 98  ? CG  ? A GLN 102 CG  
27 1 Y 1 A GLN 98  ? CD  ? A GLN 102 CD  
28 1 Y 1 A GLN 98  ? OE1 ? A GLN 102 OE1 
29 1 Y 1 A GLN 98  ? NE2 ? A GLN 102 NE2 
30 1 Y 1 A LYS 101 ? CG  ? A LYS 105 CG  
31 1 Y 1 A LYS 101 ? CD  ? A LYS 105 CD  
32 1 Y 1 A LYS 101 ? CE  ? A LYS 105 CE  
33 1 Y 1 A LYS 101 ? NZ  ? A LYS 105 NZ  
34 1 Y 1 A LYS 102 ? CG  ? A LYS 106 CG  
35 1 Y 1 A LYS 102 ? CD  ? A LYS 106 CD  
36 1 Y 1 A LYS 102 ? CE  ? A LYS 106 CE  
37 1 Y 1 A LYS 102 ? NZ  ? A LYS 106 NZ  
38 1 Y 1 A GLU 103 ? CG  ? A GLU 107 CG  
39 1 Y 1 A GLU 103 ? CD  ? A GLU 107 CD  
40 1 Y 1 A GLU 103 ? OE1 ? A GLU 107 OE1 
41 1 Y 1 A GLU 103 ? OE2 ? A GLU 107 OE2 
# 
loop_
_pdbx_unobs_or_zero_occ_residues.id 
_pdbx_unobs_or_zero_occ_residues.PDB_model_num 
_pdbx_unobs_or_zero_occ_residues.polymer_flag 
_pdbx_unobs_or_zero_occ_residues.occupancy_flag 
_pdbx_unobs_or_zero_occ_residues.auth_asym_id 
_pdbx_unobs_or_zero_occ_residues.auth_comp_id 
_pdbx_unobs_or_zero_occ_residues.auth_seq_id 
_pdbx_unobs_or_zero_occ_residues.PDB_ins_code 
_pdbx_unobs_or_zero_occ_residues.label_asym_id 
_pdbx_unobs_or_zero_occ_residues.label_comp_id 
_pdbx_unobs_or_zero_occ_residues.label_seq_id 
1 1 Y 1 A GLY -3  ? A GLY 1   
2 1 Y 1 A PRO -2  ? A PRO 2   
3 1 Y 1 A ASN 104 ? A ASN 108 
4 1 Y 1 A LEU 105 ? A LEU 109 
5 1 Y 1 A ASN 106 ? A ASN 110 
6 1 Y 1 A GLU 107 ? A GLU 111 
7 1 Y 1 A SER 108 ? A SER 112 
8 1 Y 1 A GLN 109 ? A GLN 113 
9 1 Y 1 A ASN 110 ? A ASN 114 
# 
loop_
_chem_comp_atom.comp_id 
_chem_comp_atom.atom_id 
_chem_comp_atom.type_symbol 
_chem_comp_atom.pdbx_aromatic_flag 
_chem_comp_atom.pdbx_stereo_config 
_chem_comp_atom.pdbx_ordinal 
ALA N    N N N 1   
ALA CA   C N S 2   
ALA C    C N N 3   
ALA O    O N N 4   
ALA CB   C N N 5   
ALA OXT  O N N 6   
ALA H    H N N 7   
ALA H2   H N N 8   
ALA HA   H N N 9   
ALA HB1  H N N 10  
ALA HB2  H N N 11  
ALA HB3  H N N 12  
ALA HXT  H N N 13  
ARG N    N N N 14  
ARG CA   C N S 15  
ARG C    C N N 16  
ARG O    O N N 17  
ARG CB   C N N 18  
ARG CG   C N N 19  
ARG CD   C N N 20  
ARG NE   N N N 21  
ARG CZ   C N N 22  
ARG NH1  N N N 23  
ARG NH2  N N N 24  
ARG OXT  O N N 25  
ARG H    H N N 26  
ARG H2   H N N 27  
ARG HA   H N N 28  
ARG HB2  H N N 29  
ARG HB3  H N N 30  
ARG HG2  H N N 31  
ARG HG3  H N N 32  
ARG HD2  H N N 33  
ARG HD3  H N N 34  
ARG HE   H N N 35  
ARG HH11 H N N 36  
ARG HH12 H N N 37  
ARG HH21 H N N 38  
ARG HH22 H N N 39  
ARG HXT  H N N 40  
ASN N    N N N 41  
ASN CA   C N S 42  
ASN C    C N N 43  
ASN O    O N N 44  
ASN CB   C N N 45  
ASN CG   C N N 46  
ASN OD1  O N N 47  
ASN ND2  N N N 48  
ASN OXT  O N N 49  
ASN H    H N N 50  
ASN H2   H N N 51  
ASN HA   H N N 52  
ASN HB2  H N N 53  
ASN HB3  H N N 54  
ASN HD21 H N N 55  
ASN HD22 H N N 56  
ASN HXT  H N N 57  
ASP N    N N N 58  
ASP CA   C N S 59  
ASP C    C N N 60  
ASP O    O N N 61  
ASP CB   C N N 62  
ASP CG   C N N 63  
ASP OD1  O N N 64  
ASP OD2  O N N 65  
ASP OXT  O N N 66  
ASP H    H N N 67  
ASP H2   H N N 68  
ASP HA   H N N 69  
ASP HB2  H N N 70  
ASP HB3  H N N 71  
ASP HD2  H N N 72  
ASP HXT  H N N 73  
CYS N    N N N 74  
CYS CA   C N R 75  
CYS C    C N N 76  
CYS O    O N N 77  
CYS CB   C N N 78  
CYS SG   S N N 79  
CYS OXT  O N N 80  
CYS H    H N N 81  
CYS H2   H N N 82  
CYS HA   H N N 83  
CYS HB2  H N N 84  
CYS HB3  H N N 85  
CYS HG   H N N 86  
CYS HXT  H N N 87  
EDO C1   C N N 88  
EDO O1   O N N 89  
EDO C2   C N N 90  
EDO O2   O N N 91  
EDO H11  H N N 92  
EDO H12  H N N 93  
EDO HO1  H N N 94  
EDO H21  H N N 95  
EDO H22  H N N 96  
EDO HO2  H N N 97  
GLN N    N N N 98  
GLN CA   C N S 99  
GLN C    C N N 100 
GLN O    O N N 101 
GLN CB   C N N 102 
GLN CG   C N N 103 
GLN CD   C N N 104 
GLN OE1  O N N 105 
GLN NE2  N N N 106 
GLN OXT  O N N 107 
GLN H    H N N 108 
GLN H2   H N N 109 
GLN HA   H N N 110 
GLN HB2  H N N 111 
GLN HB3  H N N 112 
GLN HG2  H N N 113 
GLN HG3  H N N 114 
GLN HE21 H N N 115 
GLN HE22 H N N 116 
GLN HXT  H N N 117 
GLU N    N N N 118 
GLU CA   C N S 119 
GLU C    C N N 120 
GLU O    O N N 121 
GLU CB   C N N 122 
GLU CG   C N N 123 
GLU CD   C N N 124 
GLU OE1  O N N 125 
GLU OE2  O N N 126 
GLU OXT  O N N 127 
GLU H    H N N 128 
GLU H2   H N N 129 
GLU HA   H N N 130 
GLU HB2  H N N 131 
GLU HB3  H N N 132 
GLU HG2  H N N 133 
GLU HG3  H N N 134 
GLU HE2  H N N 135 
GLU HXT  H N N 136 
GLY N    N N N 137 
GLY CA   C N N 138 
GLY C    C N N 139 
GLY O    O N N 140 
GLY OXT  O N N 141 
GLY H    H N N 142 
GLY H2   H N N 143 
GLY HA2  H N N 144 
GLY HA3  H N N 145 
GLY HXT  H N N 146 
GOL C1   C N N 147 
GOL O1   O N N 148 
GOL C2   C N N 149 
GOL O2   O N N 150 
GOL C3   C N N 151 
GOL O3   O N N 152 
GOL H11  H N N 153 
GOL H12  H N N 154 
GOL HO1  H N N 155 
GOL H2   H N N 156 
GOL HO2  H N N 157 
GOL H31  H N N 158 
GOL H32  H N N 159 
GOL HO3  H N N 160 
HIS N    N N N 161 
HIS CA   C N S 162 
HIS C    C N N 163 
HIS O    O N N 164 
HIS CB   C N N 165 
HIS CG   C Y N 166 
HIS ND1  N Y N 167 
HIS CD2  C Y N 168 
HIS CE1  C Y N 169 
HIS NE2  N Y N 170 
HIS OXT  O N N 171 
HIS H    H N N 172 
HIS H2   H N N 173 
HIS HA   H N N 174 
HIS HB2  H N N 175 
HIS HB3  H N N 176 
HIS HD1  H N N 177 
HIS HD2  H N N 178 
HIS HE1  H N N 179 
HIS HE2  H N N 180 
HIS HXT  H N N 181 
HOH O    O N N 182 
HOH H1   H N N 183 
HOH H2   H N N 184 
ILE N    N N N 185 
ILE CA   C N S 186 
ILE C    C N N 187 
ILE O    O N N 188 
ILE CB   C N S 189 
ILE CG1  C N N 190 
ILE CG2  C N N 191 
ILE CD1  C N N 192 
ILE OXT  O N N 193 
ILE H    H N N 194 
ILE H2   H N N 195 
ILE HA   H N N 196 
ILE HB   H N N 197 
ILE HG12 H N N 198 
ILE HG13 H N N 199 
ILE HG21 H N N 200 
ILE HG22 H N N 201 
ILE HG23 H N N 202 
ILE HD11 H N N 203 
ILE HD12 H N N 204 
ILE HD13 H N N 205 
ILE HXT  H N N 206 
LEU N    N N N 207 
LEU CA   C N S 208 
LEU C    C N N 209 
LEU O    O N N 210 
LEU CB   C N N 211 
LEU CG   C N N 212 
LEU CD1  C N N 213 
LEU CD2  C N N 214 
LEU OXT  O N N 215 
LEU H    H N N 216 
LEU H2   H N N 217 
LEU HA   H N N 218 
LEU HB2  H N N 219 
LEU HB3  H N N 220 
LEU HG   H N N 221 
LEU HD11 H N N 222 
LEU HD12 H N N 223 
LEU HD13 H N N 224 
LEU HD21 H N N 225 
LEU HD22 H N N 226 
LEU HD23 H N N 227 
LEU HXT  H N N 228 
LYS N    N N N 229 
LYS CA   C N S 230 
LYS C    C N N 231 
LYS O    O N N 232 
LYS CB   C N N 233 
LYS CG   C N N 234 
LYS CD   C N N 235 
LYS CE   C N N 236 
LYS NZ   N N N 237 
LYS OXT  O N N 238 
LYS H    H N N 239 
LYS H2   H N N 240 
LYS HA   H N N 241 
LYS HB2  H N N 242 
LYS HB3  H N N 243 
LYS HG2  H N N 244 
LYS HG3  H N N 245 
LYS HD2  H N N 246 
LYS HD3  H N N 247 
LYS HE2  H N N 248 
LYS HE3  H N N 249 
LYS HZ1  H N N 250 
LYS HZ2  H N N 251 
LYS HZ3  H N N 252 
LYS HXT  H N N 253 
MET N    N N N 254 
MET CA   C N S 255 
MET C    C N N 256 
MET O    O N N 257 
MET CB   C N N 258 
MET CG   C N N 259 
MET SD   S N N 260 
MET CE   C N N 261 
MET OXT  O N N 262 
MET H    H N N 263 
MET H2   H N N 264 
MET HA   H N N 265 
MET HB2  H N N 266 
MET HB3  H N N 267 
MET HG2  H N N 268 
MET HG3  H N N 269 
MET HE1  H N N 270 
MET HE2  H N N 271 
MET HE3  H N N 272 
MET HXT  H N N 273 
MLT C1   C N N 274 
MLT O1   O N N 275 
MLT O2   O N N 276 
MLT C2   C N R 277 
MLT O3   O N N 278 
MLT C3   C N N 279 
MLT C4   C N N 280 
MLT O4   O N N 281 
MLT O5   O N N 282 
MLT H2   H N N 283 
MLT HO3  H N N 284 
MLT H31  H N N 285 
MLT H32  H N N 286 
MLT HO5  H N N 287 
MLT H6   H N N 288 
PHE N    N N N 289 
PHE CA   C N S 290 
PHE C    C N N 291 
PHE O    O N N 292 
PHE CB   C N N 293 
PHE CG   C Y N 294 
PHE CD1  C Y N 295 
PHE CD2  C Y N 296 
PHE CE1  C Y N 297 
PHE CE2  C Y N 298 
PHE CZ   C Y N 299 
PHE OXT  O N N 300 
PHE H    H N N 301 
PHE H2   H N N 302 
PHE HA   H N N 303 
PHE HB2  H N N 304 
PHE HB3  H N N 305 
PHE HD1  H N N 306 
PHE HD2  H N N 307 
PHE HE1  H N N 308 
PHE HE2  H N N 309 
PHE HZ   H N N 310 
PHE HXT  H N N 311 
PRO N    N N N 312 
PRO CA   C N S 313 
PRO C    C N N 314 
PRO O    O N N 315 
PRO CB   C N N 316 
PRO CG   C N N 317 
PRO CD   C N N 318 
PRO OXT  O N N 319 
PRO H    H N N 320 
PRO HA   H N N 321 
PRO HB2  H N N 322 
PRO HB3  H N N 323 
PRO HG2  H N N 324 
PRO HG3  H N N 325 
PRO HD2  H N N 326 
PRO HD3  H N N 327 
PRO HXT  H N N 328 
SER N    N N N 329 
SER CA   C N S 330 
SER C    C N N 331 
SER O    O N N 332 
SER CB   C N N 333 
SER OG   O N N 334 
SER OXT  O N N 335 
SER H    H N N 336 
SER H2   H N N 337 
SER HA   H N N 338 
SER HB2  H N N 339 
SER HB3  H N N 340 
SER HG   H N N 341 
SER HXT  H N N 342 
THR N    N N N 343 
THR CA   C N S 344 
THR C    C N N 345 
THR O    O N N 346 
THR CB   C N R 347 
THR OG1  O N N 348 
THR CG2  C N N 349 
THR OXT  O N N 350 
THR H    H N N 351 
THR H2   H N N 352 
THR HA   H N N 353 
THR HB   H N N 354 
THR HG1  H N N 355 
THR HG21 H N N 356 
THR HG22 H N N 357 
THR HG23 H N N 358 
THR HXT  H N N 359 
TYR N    N N N 360 
TYR CA   C N S 361 
TYR C    C N N 362 
TYR O    O N N 363 
TYR CB   C N N 364 
TYR CG   C Y N 365 
TYR CD1  C Y N 366 
TYR CD2  C Y N 367 
TYR CE1  C Y N 368 
TYR CE2  C Y N 369 
TYR CZ   C Y N 370 
TYR OH   O N N 371 
TYR OXT  O N N 372 
TYR H    H N N 373 
TYR H2   H N N 374 
TYR HA   H N N 375 
TYR HB2  H N N 376 
TYR HB3  H N N 377 
TYR HD1  H N N 378 
TYR HD2  H N N 379 
TYR HE1  H N N 380 
TYR HE2  H N N 381 
TYR HH   H N N 382 
TYR HXT  H N N 383 
VAL N    N N N 384 
VAL CA   C N S 385 
VAL C    C N N 386 
VAL O    O N N 387 
VAL CB   C N N 388 
VAL CG1  C N N 389 
VAL CG2  C N N 390 
VAL OXT  O N N 391 
VAL H    H N N 392 
VAL H2   H N N 393 
VAL HA   H N N 394 
VAL HB   H N N 395 
VAL HG11 H N N 396 
VAL HG12 H N N 397 
VAL HG13 H N N 398 
VAL HG21 H N N 399 
VAL HG22 H N N 400 
VAL HG23 H N N 401 
VAL HXT  H N N 402 
# 
loop_
_chem_comp_bond.comp_id 
_chem_comp_bond.atom_id_1 
_chem_comp_bond.atom_id_2 
_chem_comp_bond.value_order 
_chem_comp_bond.pdbx_aromatic_flag 
_chem_comp_bond.pdbx_stereo_config 
_chem_comp_bond.pdbx_ordinal 
ALA N   CA   sing N N 1   
ALA N   H    sing N N 2   
ALA N   H2   sing N N 3   
ALA CA  C    sing N N 4   
ALA CA  CB   sing N N 5   
ALA CA  HA   sing N N 6   
ALA C   O    doub N N 7   
ALA C   OXT  sing N N 8   
ALA CB  HB1  sing N N 9   
ALA CB  HB2  sing N N 10  
ALA CB  HB3  sing N N 11  
ALA OXT HXT  sing N N 12  
ARG N   CA   sing N N 13  
ARG N   H    sing N N 14  
ARG N   H2   sing N N 15  
ARG CA  C    sing N N 16  
ARG CA  CB   sing N N 17  
ARG CA  HA   sing N N 18  
ARG C   O    doub N N 19  
ARG C   OXT  sing N N 20  
ARG CB  CG   sing N N 21  
ARG CB  HB2  sing N N 22  
ARG CB  HB3  sing N N 23  
ARG CG  CD   sing N N 24  
ARG CG  HG2  sing N N 25  
ARG CG  HG3  sing N N 26  
ARG CD  NE   sing N N 27  
ARG CD  HD2  sing N N 28  
ARG CD  HD3  sing N N 29  
ARG NE  CZ   sing N N 30  
ARG NE  HE   sing N N 31  
ARG CZ  NH1  sing N N 32  
ARG CZ  NH2  doub N N 33  
ARG NH1 HH11 sing N N 34  
ARG NH1 HH12 sing N N 35  
ARG NH2 HH21 sing N N 36  
ARG NH2 HH22 sing N N 37  
ARG OXT HXT  sing N N 38  
ASN N   CA   sing N N 39  
ASN N   H    sing N N 40  
ASN N   H2   sing N N 41  
ASN CA  C    sing N N 42  
ASN CA  CB   sing N N 43  
ASN CA  HA   sing N N 44  
ASN C   O    doub N N 45  
ASN C   OXT  sing N N 46  
ASN CB  CG   sing N N 47  
ASN CB  HB2  sing N N 48  
ASN CB  HB3  sing N N 49  
ASN CG  OD1  doub N N 50  
ASN CG  ND2  sing N N 51  
ASN ND2 HD21 sing N N 52  
ASN ND2 HD22 sing N N 53  
ASN OXT HXT  sing N N 54  
ASP N   CA   sing N N 55  
ASP N   H    sing N N 56  
ASP N   H2   sing N N 57  
ASP CA  C    sing N N 58  
ASP CA  CB   sing N N 59  
ASP CA  HA   sing N N 60  
ASP C   O    doub N N 61  
ASP C   OXT  sing N N 62  
ASP CB  CG   sing N N 63  
ASP CB  HB2  sing N N 64  
ASP CB  HB3  sing N N 65  
ASP CG  OD1  doub N N 66  
ASP CG  OD2  sing N N 67  
ASP OD2 HD2  sing N N 68  
ASP OXT HXT  sing N N 69  
CYS N   CA   sing N N 70  
CYS N   H    sing N N 71  
CYS N   H2   sing N N 72  
CYS CA  C    sing N N 73  
CYS CA  CB   sing N N 74  
CYS CA  HA   sing N N 75  
CYS C   O    doub N N 76  
CYS C   OXT  sing N N 77  
CYS CB  SG   sing N N 78  
CYS CB  HB2  sing N N 79  
CYS CB  HB3  sing N N 80  
CYS SG  HG   sing N N 81  
CYS OXT HXT  sing N N 82  
EDO C1  O1   sing N N 83  
EDO C1  C2   sing N N 84  
EDO C1  H11  sing N N 85  
EDO C1  H12  sing N N 86  
EDO O1  HO1  sing N N 87  
EDO C2  O2   sing N N 88  
EDO C2  H21  sing N N 89  
EDO C2  H22  sing N N 90  
EDO O2  HO2  sing N N 91  
GLN N   CA   sing N N 92  
GLN N   H    sing N N 93  
GLN N   H2   sing N N 94  
GLN CA  C    sing N N 95  
GLN CA  CB   sing N N 96  
GLN CA  HA   sing N N 97  
GLN C   O    doub N N 98  
GLN C   OXT  sing N N 99  
GLN CB  CG   sing N N 100 
GLN CB  HB2  sing N N 101 
GLN CB  HB3  sing N N 102 
GLN CG  CD   sing N N 103 
GLN CG  HG2  sing N N 104 
GLN CG  HG3  sing N N 105 
GLN CD  OE1  doub N N 106 
GLN CD  NE2  sing N N 107 
GLN NE2 HE21 sing N N 108 
GLN NE2 HE22 sing N N 109 
GLN OXT HXT  sing N N 110 
GLU N   CA   sing N N 111 
GLU N   H    sing N N 112 
GLU N   H2   sing N N 113 
GLU CA  C    sing N N 114 
GLU CA  CB   sing N N 115 
GLU CA  HA   sing N N 116 
GLU C   O    doub N N 117 
GLU C   OXT  sing N N 118 
GLU CB  CG   sing N N 119 
GLU CB  HB2  sing N N 120 
GLU CB  HB3  sing N N 121 
GLU CG  CD   sing N N 122 
GLU CG  HG2  sing N N 123 
GLU CG  HG3  sing N N 124 
GLU CD  OE1  doub N N 125 
GLU CD  OE2  sing N N 126 
GLU OE2 HE2  sing N N 127 
GLU OXT HXT  sing N N 128 
GLY N   CA   sing N N 129 
GLY N   H    sing N N 130 
GLY N   H2   sing N N 131 
GLY CA  C    sing N N 132 
GLY CA  HA2  sing N N 133 
GLY CA  HA3  sing N N 134 
GLY C   O    doub N N 135 
GLY C   OXT  sing N N 136 
GLY OXT HXT  sing N N 137 
GOL C1  O1   sing N N 138 
GOL C1  C2   sing N N 139 
GOL C1  H11  sing N N 140 
GOL C1  H12  sing N N 141 
GOL O1  HO1  sing N N 142 
GOL C2  O2   sing N N 143 
GOL C2  C3   sing N N 144 
GOL C2  H2   sing N N 145 
GOL O2  HO2  sing N N 146 
GOL C3  O3   sing N N 147 
GOL C3  H31  sing N N 148 
GOL C3  H32  sing N N 149 
GOL O3  HO3  sing N N 150 
HIS N   CA   sing N N 151 
HIS N   H    sing N N 152 
HIS N   H2   sing N N 153 
HIS CA  C    sing N N 154 
HIS CA  CB   sing N N 155 
HIS CA  HA   sing N N 156 
HIS C   O    doub N N 157 
HIS C   OXT  sing N N 158 
HIS CB  CG   sing N N 159 
HIS CB  HB2  sing N N 160 
HIS CB  HB3  sing N N 161 
HIS CG  ND1  sing Y N 162 
HIS CG  CD2  doub Y N 163 
HIS ND1 CE1  doub Y N 164 
HIS ND1 HD1  sing N N 165 
HIS CD2 NE2  sing Y N 166 
HIS CD2 HD2  sing N N 167 
HIS CE1 NE2  sing Y N 168 
HIS CE1 HE1  sing N N 169 
HIS NE2 HE2  sing N N 170 
HIS OXT HXT  sing N N 171 
HOH O   H1   sing N N 172 
HOH O   H2   sing N N 173 
ILE N   CA   sing N N 174 
ILE N   H    sing N N 175 
ILE N   H2   sing N N 176 
ILE CA  C    sing N N 177 
ILE CA  CB   sing N N 178 
ILE CA  HA   sing N N 179 
ILE C   O    doub N N 180 
ILE C   OXT  sing N N 181 
ILE CB  CG1  sing N N 182 
ILE CB  CG2  sing N N 183 
ILE CB  HB   sing N N 184 
ILE CG1 CD1  sing N N 185 
ILE CG1 HG12 sing N N 186 
ILE CG1 HG13 sing N N 187 
ILE CG2 HG21 sing N N 188 
ILE CG2 HG22 sing N N 189 
ILE CG2 HG23 sing N N 190 
ILE CD1 HD11 sing N N 191 
ILE CD1 HD12 sing N N 192 
ILE CD1 HD13 sing N N 193 
ILE OXT HXT  sing N N 194 
LEU N   CA   sing N N 195 
LEU N   H    sing N N 196 
LEU N   H2   sing N N 197 
LEU CA  C    sing N N 198 
LEU CA  CB   sing N N 199 
LEU CA  HA   sing N N 200 
LEU C   O    doub N N 201 
LEU C   OXT  sing N N 202 
LEU CB  CG   sing N N 203 
LEU CB  HB2  sing N N 204 
LEU CB  HB3  sing N N 205 
LEU CG  CD1  sing N N 206 
LEU CG  CD2  sing N N 207 
LEU CG  HG   sing N N 208 
LEU CD1 HD11 sing N N 209 
LEU CD1 HD12 sing N N 210 
LEU CD1 HD13 sing N N 211 
LEU CD2 HD21 sing N N 212 
LEU CD2 HD22 sing N N 213 
LEU CD2 HD23 sing N N 214 
LEU OXT HXT  sing N N 215 
LYS N   CA   sing N N 216 
LYS N   H    sing N N 217 
LYS N   H2   sing N N 218 
LYS CA  C    sing N N 219 
LYS CA  CB   sing N N 220 
LYS CA  HA   sing N N 221 
LYS C   O    doub N N 222 
LYS C   OXT  sing N N 223 
LYS CB  CG   sing N N 224 
LYS CB  HB2  sing N N 225 
LYS CB  HB3  sing N N 226 
LYS CG  CD   sing N N 227 
LYS CG  HG2  sing N N 228 
LYS CG  HG3  sing N N 229 
LYS CD  CE   sing N N 230 
LYS CD  HD2  sing N N 231 
LYS CD  HD3  sing N N 232 
LYS CE  NZ   sing N N 233 
LYS CE  HE2  sing N N 234 
LYS CE  HE3  sing N N 235 
LYS NZ  HZ1  sing N N 236 
LYS NZ  HZ2  sing N N 237 
LYS NZ  HZ3  sing N N 238 
LYS OXT HXT  sing N N 239 
MET N   CA   sing N N 240 
MET N   H    sing N N 241 
MET N   H2   sing N N 242 
MET CA  C    sing N N 243 
MET CA  CB   sing N N 244 
MET CA  HA   sing N N 245 
MET C   O    doub N N 246 
MET C   OXT  sing N N 247 
MET CB  CG   sing N N 248 
MET CB  HB2  sing N N 249 
MET CB  HB3  sing N N 250 
MET CG  SD   sing N N 251 
MET CG  HG2  sing N N 252 
MET CG  HG3  sing N N 253 
MET SD  CE   sing N N 254 
MET CE  HE1  sing N N 255 
MET CE  HE2  sing N N 256 
MET CE  HE3  sing N N 257 
MET OXT HXT  sing N N 258 
MLT C1  O1   doub N N 259 
MLT C1  O2   sing N N 260 
MLT C1  C2   sing N N 261 
MLT C2  O3   sing N N 262 
MLT C2  C3   sing N N 263 
MLT C2  H2   sing N N 264 
MLT O3  HO3  sing N N 265 
MLT C3  C4   sing N N 266 
MLT C3  H31  sing N N 267 
MLT C3  H32  sing N N 268 
MLT C4  O4   doub N N 269 
MLT C4  O5   sing N N 270 
MLT O5  HO5  sing N N 271 
MLT O2  H6   sing N N 272 
PHE N   CA   sing N N 273 
PHE N   H    sing N N 274 
PHE N   H2   sing N N 275 
PHE CA  C    sing N N 276 
PHE CA  CB   sing N N 277 
PHE CA  HA   sing N N 278 
PHE C   O    doub N N 279 
PHE C   OXT  sing N N 280 
PHE CB  CG   sing N N 281 
PHE CB  HB2  sing N N 282 
PHE CB  HB3  sing N N 283 
PHE CG  CD1  doub Y N 284 
PHE CG  CD2  sing Y N 285 
PHE CD1 CE1  sing Y N 286 
PHE CD1 HD1  sing N N 287 
PHE CD2 CE2  doub Y N 288 
PHE CD2 HD2  sing N N 289 
PHE CE1 CZ   doub Y N 290 
PHE CE1 HE1  sing N N 291 
PHE CE2 CZ   sing Y N 292 
PHE CE2 HE2  sing N N 293 
PHE CZ  HZ   sing N N 294 
PHE OXT HXT  sing N N 295 
PRO N   CA   sing N N 296 
PRO N   CD   sing N N 297 
PRO N   H    sing N N 298 
PRO CA  C    sing N N 299 
PRO CA  CB   sing N N 300 
PRO CA  HA   sing N N 301 
PRO C   O    doub N N 302 
PRO C   OXT  sing N N 303 
PRO CB  CG   sing N N 304 
PRO CB  HB2  sing N N 305 
PRO CB  HB3  sing N N 306 
PRO CG  CD   sing N N 307 
PRO CG  HG2  sing N N 308 
PRO CG  HG3  sing N N 309 
PRO CD  HD2  sing N N 310 
PRO CD  HD3  sing N N 311 
PRO OXT HXT  sing N N 312 
SER N   CA   sing N N 313 
SER N   H    sing N N 314 
SER N   H2   sing N N 315 
SER CA  C    sing N N 316 
SER CA  CB   sing N N 317 
SER CA  HA   sing N N 318 
SER C   O    doub N N 319 
SER C   OXT  sing N N 320 
SER CB  OG   sing N N 321 
SER CB  HB2  sing N N 322 
SER CB  HB3  sing N N 323 
SER OG  HG   sing N N 324 
SER OXT HXT  sing N N 325 
THR N   CA   sing N N 326 
THR N   H    sing N N 327 
THR N   H2   sing N N 328 
THR CA  C    sing N N 329 
THR CA  CB   sing N N 330 
THR CA  HA   sing N N 331 
THR C   O    doub N N 332 
THR C   OXT  sing N N 333 
THR CB  OG1  sing N N 334 
THR CB  CG2  sing N N 335 
THR CB  HB   sing N N 336 
THR OG1 HG1  sing N N 337 
THR CG2 HG21 sing N N 338 
THR CG2 HG22 sing N N 339 
THR CG2 HG23 sing N N 340 
THR OXT HXT  sing N N 341 
TYR N   CA   sing N N 342 
TYR N   H    sing N N 343 
TYR N   H2   sing N N 344 
TYR CA  C    sing N N 345 
TYR CA  CB   sing N N 346 
TYR CA  HA   sing N N 347 
TYR C   O    doub N N 348 
TYR C   OXT  sing N N 349 
TYR CB  CG   sing N N 350 
TYR CB  HB2  sing N N 351 
TYR CB  HB3  sing N N 352 
TYR CG  CD1  doub Y N 353 
TYR CG  CD2  sing Y N 354 
TYR CD1 CE1  sing Y N 355 
TYR CD1 HD1  sing N N 356 
TYR CD2 CE2  doub Y N 357 
TYR CD2 HD2  sing N N 358 
TYR CE1 CZ   doub Y N 359 
TYR CE1 HE1  sing N N 360 
TYR CE2 CZ   sing Y N 361 
TYR CE2 HE2  sing N N 362 
TYR CZ  OH   sing N N 363 
TYR OH  HH   sing N N 364 
TYR OXT HXT  sing N N 365 
VAL N   CA   sing N N 366 
VAL N   H    sing N N 367 
VAL N   H2   sing N N 368 
VAL CA  C    sing N N 369 
VAL CA  CB   sing N N 370 
VAL CA  HA   sing N N 371 
VAL C   O    doub N N 372 
VAL C   OXT  sing N N 373 
VAL CB  CG1  sing N N 374 
VAL CB  CG2  sing N N 375 
VAL CB  HB   sing N N 376 
VAL CG1 HG11 sing N N 377 
VAL CG1 HG12 sing N N 378 
VAL CG1 HG13 sing N N 379 
VAL CG2 HG21 sing N N 380 
VAL CG2 HG22 sing N N 381 
VAL CG2 HG23 sing N N 382 
VAL OXT HXT  sing N N 383 
# 
loop_
_pdbx_entity_nonpoly.entity_id 
_pdbx_entity_nonpoly.name 
_pdbx_entity_nonpoly.comp_id 
2 1,2-ETHANEDIOL EDO 
3 GLYCEROL       GOL 
4 D-MALATE       MLT 
5 water          HOH 
# 
_pdbx_initial_refinement_model.id               1 
_pdbx_initial_refinement_model.entity_id_list   ? 
_pdbx_initial_refinement_model.type             'experimental model' 
_pdbx_initial_refinement_model.source_name      PDB 
_pdbx_initial_refinement_model.accession_code   2D8E 
_pdbx_initial_refinement_model.details          ? 
# 
